data_7NK8
#
_entry.id   7NK8
#
_cell.length_a   1.00
_cell.length_b   1.00
_cell.length_c   1.00
_cell.angle_alpha   90.00
_cell.angle_beta   90.00
_cell.angle_gamma   90.00
#
_symmetry.space_group_name_H-M   'P 1'
#
loop_
_entity.id
_entity.type
_entity.pdbx_description
1 polymer Nb8205
2 polymer 'Polymerase acidic protein'
3 polymer 'RNA-directed RNA polymerase catalytic subunit'
4 polymer 'Polymerase basic protein 2,Polymerase basic protein 2'
5 polymer "RNA (5'-R(P*GP*GP*CP*CP*UP*GP*CP*U)-3')"
6 polymer "RNA (5'-R(P*AP*GP*UP*AP*GP*AP*AP*AP*CP*AP*AP*GP*GP*CP*C)-3')"
#
loop_
_entity_poly.entity_id
_entity_poly.type
_entity_poly.pdbx_seq_one_letter_code
_entity_poly.pdbx_strand_id
1 'polypeptide(L)'
;QVQLQESGGGMVQPGGSLRLSCLASGFTFSNYAMTWVRQAPGKGPEWVSMVSNNGADTTYTDSVKGRFTISRDNAKNTLY
LRMNNVKPEDSAVYYCAKRRYGGIWTGQPTDYDYLGQGTVTVSSHHHHHHEPEA
;
F
2 'polypeptide(L)'
;MEDFVRQCFNPMIVELAEKAMKEYGEDLKIETNKFAAICTHLEVCFMYSDFHFINERGESIIVESGDPNALLKHRFEIIE
GRDRTMAWTVVNSICNTTGAEKPKFLPDLYDYKENRFIEIGVTRREVHIYYLEKANKIKSEKTHIHIFSFTGEEMATKAD
YTLDEESRARIKTRLFTIRQEMASRGLWDSFRQSERGEETIEERFEITGTMRRLADQSLPPNFSSLENFRAYVDGFEPNG
YIEGKLSQMSKEVNARIEPFLKTTPRPLRLPDGPPCSQRSKFLLMDALKLSIEDPSHEGEGIPLYDAIKCMRTFFGWKEP
NVVKPHEKGINPNYLLAWKQVLAELQDIENEEKIPKTKNMKKTSQLKWALGENMAPEKVDFDDCKDVSDLKQYDSDEPEL
RSLASWIQSEFNKACELTDSSWIELDEIGEDVAPIEHIASMRRNYFTAEVSHCRATEYIMKGVYINTALLNASCAAMDDF
QLIPMISKCRTKEGRRKTNLYGFIIKGRSHLRNDTDVVNFVSMEFSLTDPRLEPHKWEKYCVLEIGDMLLRSAIGQVSRP
MFLYVRTNGTSKIKMKWGMEMRRCLLQSLQQIESMIEAESSVKEKDMTKEFFENKSETWPIGESPKGVEEGSIGKVCRTL
LAKSVFNSLYASPQLEGFSAESRKLLLIVQALRDNLEPGTFDLGGLYEAIEECLINDPWVLLNASWFNSFLTHALR
;
A
3 'polypeptide(L)'
;MDVNPTLLFLKVPAQNAISTTFPYTGDPPYSHGTGTGYTMDTVNRTHQYSEKGRWTTNTETGAPQLNPIDGPLPEDNEPS
GYAQTDCVLEAMAFLEESHPGIFENSCLETMEVVQQTRVDKLTQGRQTYDWTLNRNQPAATALANTIEVFRSNGLTANES
GRLIDFLKDVMESMDKEEMEITTHFQRKRRVRDNMTKKMVTQRTIGKKKQRLNKRSYLIRALTLNTMTKDAERGKLKRRA
IATPGMQIRGFVYFVETLARSICEKLEQSGLPVGGNEKKAKLANVVRKMMTNSQDTELSFTITGDNTKWNENQNPRMFLA
MITYITRNQPEWFRNVLSIAPIMFSNKMARLGKGYMFESKSMKLRTQIPAEMLASIDLKYFNDSTRKKIEKIRPLLIDGT
ASLSPGMMMGMFNMLSTVLGVSILNLGQKRYTKTTYWWDGLQSSDDFALIVNAPNHEGIQAGVDRFYRTCKLLGINMSKK
KSYINRTGTFEFTSFFYRYGFVANFSMELPSFGVSGINESADMSIGVTVIKNNMINNDLGPATAQMALQLFIKDYRYTYR
CHRGDTQIQTRRSFEIKKLWEQTRSKAGLLVSDGGPNLYNIRNLHIPEVCLKWELMDEDYQGRLCNPLNPFVSHKEIESV
NNAVMMPAHGPAKNMEYDAVATTHSWIPKRNRSILNTSQRGILEDEQMYQKCCNLFEKFFPSSSYRRPVGISSMVEAMVS
RARIDARIDFESGRIKKEEFAEIMKICSTIEELRRQK
;
B
4 'polypeptide(L)'
;MERIKELRDLMSQSRTREILTKTTVDHMAIIKKYTSGRQEKNPALRMKWMMAMKYPITADKRIMEMIPERNEQGQTLWSK
TNDAGSDRVMVSPLAVTWWNRNGPTTSAVHYPKIYKTYFEKVERLKHGTFGPVHFRNQVKIRRRVDINPGHADLSAKEAQ
DVIMEVVFPNEVGARILTSESQLTITKEKKEELQDCKISPLMVAYMLERELVRKTRFLPVAGGTSSVYIEVLHLTQGTCW
EQMYTPGGEVRNDDVDQSLIIAARNIVRRATVSADPLASLLEMCHSTQIGGIRMVDILRQNPTEEQAVDICKAAMGLRIS
SSFSFGGFTFKRTSGSSVKREEEVLTGNLQTLKIRVHEGYEEFTMVGRRATAILRKATRRLIQLIVSGRDEQSIAEAIIV
AMVFSQEDCMIKAVRGDLNFVNRANQRLNPMHQLLRHFQKDAKVLFQNWGIEPIDNVMGMIGILPDMTPSTEMSMRGVRV
SKMGVDEYSSTERVVVSIDRFLRVRDQRGNVLLSPEEVSETQGTEKLTITYSSSMMWEVNGPESVLVNTYQWIIRNWETV
KIQWSQNPTMLYNKMEFEPFQSLVPKAARGQYSGFVRTLFQQMRDVLGTFDTVQIIKLLPFAAAPPKQSRMQFSSLTVNV
RGSGMRILVRGNSPVFNYNKATKRLTVLGKDAGALTEDPDEGTAGVESAVLRGFLILGKEDRRYGPALSINELSNLAKGE
KANVLIGQGDVVLVMKRKRDSSILTDSQTATKRIRMAINENLYFQGELKTAALAQHDEAVDNKFNKEQQNAFYEILHLPN
LNEEQRNAFIQSLKDDPSQSANLLAEAKKLNDAQAPKVDNKFNKEQQNAFYEILHLPNLNEEQRNAFIQSLKADPSQSAN
LLAEAKKLNGAQAPKVDANSAGKST
;
C
5 'polyribonucleotide' GGCCUGCUUUUGCUAUU E
6 'polyribonucleotide' AGUAGAAACAAGGCC D
#
loop_
_chem_comp.id
_chem_comp.type
_chem_comp.name
_chem_comp.formula
A RNA linking ADENOSINE-5'-MONOPHOSPHATE 'C10 H14 N5 O7 P'
C RNA linking CYTIDINE-5'-MONOPHOSPHATE 'C9 H14 N3 O8 P'
G RNA linking GUANOSINE-5'-MONOPHOSPHATE 'C10 H14 N5 O8 P'
U RNA linking URIDINE-5'-MONOPHOSPHATE 'C9 H13 N2 O9 P'
#
# COMPACT_ATOMS: atom_id res chain seq x y z
N GLN A 1 46.72 -23.48 26.34
CA GLN A 1 46.01 -23.94 25.12
C GLN A 1 44.56 -24.28 25.50
N VAL A 2 43.97 -25.32 24.92
CA VAL A 2 42.61 -25.70 25.28
C VAL A 2 42.60 -26.22 26.71
N GLN A 3 41.83 -25.55 27.58
CA GLN A 3 41.63 -25.97 28.96
C GLN A 3 40.14 -25.99 29.22
N LEU A 4 39.63 -27.13 29.69
CA LEU A 4 38.21 -27.28 29.98
C LEU A 4 38.04 -28.14 31.23
N GLN A 5 37.38 -27.57 32.24
CA GLN A 5 37.09 -28.24 33.50
C GLN A 5 35.58 -28.42 33.63
N GLU A 6 35.18 -29.17 34.65
CA GLU A 6 33.78 -29.49 34.90
C GLU A 6 33.49 -29.28 36.37
N SER A 7 32.20 -29.34 36.73
CA SER A 7 31.76 -29.13 38.09
C SER A 7 30.33 -29.63 38.23
N GLY A 8 29.81 -29.53 39.45
CA GLY A 8 28.42 -29.85 39.73
C GLY A 8 28.04 -31.31 39.71
N GLY A 9 28.97 -32.21 39.39
CA GLY A 9 28.64 -33.61 39.28
C GLY A 9 28.32 -34.22 40.64
N GLY A 10 27.29 -35.04 40.68
CA GLY A 10 26.92 -35.71 41.90
C GLY A 10 25.69 -36.58 41.71
N MET A 11 25.62 -37.63 42.52
CA MET A 11 24.47 -38.53 42.47
C MET A 11 23.21 -37.79 42.89
N VAL A 12 22.08 -38.22 42.33
CA VAL A 12 20.81 -37.57 42.61
C VAL A 12 19.69 -38.53 42.24
N GLN A 13 18.57 -38.41 42.96
CA GLN A 13 17.40 -39.24 42.73
C GLN A 13 16.74 -38.83 41.42
N PRO A 14 15.88 -39.68 40.86
CA PRO A 14 15.17 -39.30 39.63
C PRO A 14 14.17 -38.20 39.88
N GLY A 15 13.71 -37.60 38.78
CA GLY A 15 12.77 -36.50 38.84
C GLY A 15 13.28 -35.28 39.57
N GLY A 16 14.59 -35.13 39.68
CA GLY A 16 15.21 -34.03 40.40
C GLY A 16 15.91 -33.06 39.47
N SER A 17 16.37 -31.97 40.07
CA SER A 17 17.04 -30.88 39.35
C SER A 17 18.55 -30.96 39.56
N LEU A 18 19.27 -30.32 38.64
CA LEU A 18 20.73 -30.22 38.77
C LEU A 18 21.22 -29.18 37.78
N ARG A 19 22.40 -28.64 38.09
CA ARG A 19 23.04 -27.61 37.27
C ARG A 19 24.52 -27.92 37.19
N LEU A 20 25.03 -28.02 35.96
CA LEU A 20 26.45 -28.25 35.74
C LEU A 20 27.13 -26.92 35.43
N SER A 21 28.43 -26.97 35.19
CA SER A 21 29.21 -25.77 34.88
C SER A 21 30.55 -26.19 34.32
N CYS A 22 31.17 -25.29 33.59
CA CYS A 22 32.46 -25.53 32.95
C CYS A 22 33.31 -24.28 33.06
N LEU A 23 34.47 -24.28 32.42
CA LEU A 23 35.36 -23.13 32.52
C LEU A 23 36.41 -23.25 31.42
N ALA A 24 36.90 -22.12 30.94
CA ALA A 24 37.80 -22.09 29.81
C ALA A 24 38.88 -21.04 30.03
N SER A 25 39.96 -21.16 29.26
CA SER A 25 41.07 -20.23 29.32
C SER A 25 42.03 -20.54 28.18
N GLY A 26 42.67 -19.51 27.66
CA GLY A 26 43.66 -19.65 26.61
C GLY A 26 43.18 -19.36 25.21
N PHE A 27 42.02 -18.71 25.05
CA PHE A 27 41.46 -18.45 23.73
C PHE A 27 40.24 -17.56 23.90
N THR A 28 39.79 -17.00 22.78
CA THR A 28 38.62 -16.12 22.77
C THR A 28 37.38 -16.97 23.01
N PHE A 29 36.83 -16.89 24.22
CA PHE A 29 35.67 -17.69 24.57
C PHE A 29 34.42 -17.23 23.84
N SER A 30 34.34 -15.94 23.50
CA SER A 30 33.17 -15.37 22.84
C SER A 30 33.29 -15.41 21.33
N ASN A 31 34.04 -16.37 20.79
CA ASN A 31 34.26 -16.48 19.35
C ASN A 31 34.22 -17.93 18.88
N TYR A 32 33.69 -18.85 19.68
CA TYR A 32 33.64 -20.25 19.30
C TYR A 32 32.44 -20.91 19.99
N ALA A 33 31.87 -21.89 19.29
CA ALA A 33 30.66 -22.56 19.73
C ALA A 33 31.00 -23.80 20.54
N MET A 34 30.13 -24.15 21.48
CA MET A 34 30.34 -25.26 22.40
C MET A 34 29.24 -26.29 22.23
N THR A 35 29.52 -27.50 22.73
CA THR A 35 28.54 -28.57 22.74
C THR A 35 28.71 -29.36 24.03
N TRP A 36 27.83 -30.33 24.23
CA TRP A 36 27.91 -31.26 25.36
C TRP A 36 27.67 -32.65 24.79
N VAL A 37 28.63 -33.53 24.98
CA VAL A 37 28.49 -34.93 24.60
C VAL A 37 28.57 -35.77 25.86
N ARG A 38 27.93 -36.93 25.82
CA ARG A 38 27.88 -37.84 26.96
C ARG A 38 28.19 -39.25 26.50
N GLN A 39 28.97 -39.96 27.30
CA GLN A 39 29.31 -41.36 27.07
C GLN A 39 28.62 -42.19 28.14
N ALA A 40 27.68 -43.03 27.72
CA ALA A 40 27.03 -43.93 28.63
C ALA A 40 27.89 -45.17 28.84
N PRO A 41 27.74 -45.89 29.94
CA PRO A 41 28.60 -47.06 30.18
C PRO A 41 28.36 -48.13 29.14
N GLY A 42 29.40 -48.41 28.36
CA GLY A 42 29.34 -49.42 27.32
C GLY A 42 28.66 -48.94 26.05
N LYS A 43 28.64 -47.63 25.82
CA LYS A 43 28.03 -47.05 24.62
C LYS A 43 28.90 -45.90 24.16
N GLY A 44 28.96 -45.71 22.84
CA GLY A 44 29.75 -44.65 22.27
C GLY A 44 29.15 -43.29 22.60
N PRO A 45 29.95 -42.22 22.51
CA PRO A 45 29.40 -40.89 22.81
C PRO A 45 28.46 -40.40 21.74
N GLU A 46 27.62 -39.46 22.13
CA GLU A 46 26.69 -38.79 21.22
C GLU A 46 26.52 -37.36 21.69
N TRP A 47 26.04 -36.51 20.79
CA TRP A 47 25.82 -35.11 21.13
C TRP A 47 24.54 -34.94 21.92
N VAL A 48 24.53 -33.91 22.77
CA VAL A 48 23.41 -33.59 23.63
C VAL A 48 22.81 -32.23 23.28
N SER A 49 23.66 -31.22 23.10
CA SER A 49 23.21 -29.87 22.81
C SER A 49 24.34 -29.11 22.16
N MET A 50 24.00 -27.95 21.60
CA MET A 50 24.97 -27.05 21.00
C MET A 50 24.58 -25.63 21.37
N VAL A 51 25.47 -24.69 21.08
CA VAL A 51 25.21 -23.28 21.35
C VAL A 51 26.24 -22.42 20.63
N SER A 52 25.84 -21.21 20.26
CA SER A 52 26.64 -20.35 19.41
C SER A 52 27.39 -19.31 20.25
N ASN A 53 28.08 -18.41 19.57
CA ASN A 53 28.86 -17.35 20.21
C ASN A 53 28.02 -16.13 20.59
N ASN A 54 26.74 -16.11 20.24
CA ASN A 54 25.83 -15.06 20.65
C ASN A 54 25.02 -15.43 21.88
N GLY A 55 24.86 -16.72 22.16
CA GLY A 55 23.92 -17.18 23.16
C GLY A 55 22.52 -17.35 22.65
N ALA A 56 22.35 -17.44 21.32
CA ALA A 56 21.04 -17.40 20.67
C ALA A 56 20.63 -18.71 20.04
N ASP A 57 21.45 -19.27 19.17
CA ASP A 57 21.07 -20.43 18.36
C ASP A 57 21.36 -21.69 19.18
N THR A 58 20.30 -22.31 19.68
CA THR A 58 20.39 -23.54 20.45
C THR A 58 19.60 -24.64 19.78
N THR A 59 20.11 -25.86 19.90
CA THR A 59 19.45 -27.06 19.41
C THR A 59 19.57 -28.15 20.48
N TYR A 60 18.89 -29.27 20.25
CA TYR A 60 18.86 -30.34 21.23
C TYR A 60 18.68 -31.68 20.53
N THR A 61 18.94 -32.75 21.27
CA THR A 61 18.66 -34.09 20.80
C THR A 61 17.16 -34.30 20.72
N ASP A 62 16.76 -35.34 19.98
CA ASP A 62 15.34 -35.63 19.81
C ASP A 62 14.68 -36.06 21.12
N SER A 63 15.42 -36.75 21.98
CA SER A 63 14.84 -37.47 23.11
C SER A 63 14.86 -36.67 24.41
N VAL A 64 15.35 -35.43 24.40
CA VAL A 64 15.54 -34.66 25.62
C VAL A 64 15.01 -33.24 25.47
N LYS A 65 14.17 -33.01 24.47
CA LYS A 65 13.67 -31.66 24.23
C LYS A 65 12.75 -31.23 25.38
N GLY A 66 12.83 -29.95 25.72
CA GLY A 66 12.02 -29.38 26.77
C GLY A 66 12.47 -29.68 28.17
N ARG A 67 13.44 -30.59 28.36
CA ARG A 67 13.94 -30.97 29.68
C ARG A 67 15.35 -30.50 29.94
N PHE A 68 16.08 -30.07 28.91
CA PHE A 68 17.43 -29.54 29.03
C PHE A 68 17.46 -28.09 28.55
N THR A 69 18.13 -27.24 29.32
CA THR A 69 18.38 -25.86 28.96
C THR A 69 19.87 -25.60 28.99
N ILE A 70 20.32 -24.74 28.09
CA ILE A 70 21.73 -24.43 27.91
C ILE A 70 21.89 -22.93 27.81
N SER A 71 22.94 -22.40 28.43
CA SER A 71 23.13 -20.95 28.52
C SER A 71 24.58 -20.67 28.88
N ARG A 72 25.20 -19.72 28.18
CA ARG A 72 26.59 -19.36 28.38
C ARG A 72 26.73 -17.92 28.85
N ASP A 73 27.89 -17.63 29.44
CA ASP A 73 28.24 -16.30 29.93
C ASP A 73 29.66 -15.99 29.47
N ASN A 74 29.79 -15.13 28.46
CA ASN A 74 31.10 -14.84 27.90
C ASN A 74 31.99 -14.10 28.88
N ALA A 75 31.41 -13.34 29.80
CA ALA A 75 32.21 -12.50 30.68
C ALA A 75 33.05 -13.33 31.63
N LYS A 76 32.44 -14.34 32.26
CA LYS A 76 33.13 -15.18 33.22
C LYS A 76 33.75 -16.42 32.60
N ASN A 77 33.62 -16.61 31.28
CA ASN A 77 34.21 -17.73 30.57
C ASN A 77 33.76 -19.06 31.16
N THR A 78 32.44 -19.27 31.12
CA THR A 78 31.81 -20.48 31.63
C THR A 78 30.75 -20.93 30.65
N LEU A 79 30.16 -22.10 30.93
CA LEU A 79 29.15 -22.69 30.06
C LEU A 79 28.25 -23.55 30.94
N TYR A 80 27.13 -22.99 31.37
CA TYR A 80 26.22 -23.70 32.26
C TYR A 80 25.34 -24.68 31.49
N LEU A 81 24.61 -25.49 32.25
CA LEU A 81 23.70 -26.49 31.68
C LEU A 81 22.77 -26.95 32.81
N ARG A 82 21.48 -26.74 32.60
CA ARG A 82 20.46 -27.06 33.59
C ARG A 82 19.58 -28.18 33.03
N MET A 83 19.53 -29.30 33.74
CA MET A 83 18.70 -30.45 33.36
C MET A 83 17.70 -30.71 34.47
N ASN A 84 16.43 -30.70 34.12
CA ASN A 84 15.33 -30.87 35.06
C ASN A 84 14.45 -32.04 34.64
N ASN A 85 13.84 -32.70 35.63
CA ASN A 85 13.06 -33.90 35.41
C ASN A 85 13.90 -34.96 34.70
N VAL A 86 15.00 -35.32 35.35
CA VAL A 86 15.99 -36.21 34.75
C VAL A 86 15.41 -37.61 34.63
N LYS A 87 15.63 -38.24 33.48
CA LYS A 87 15.18 -39.59 33.24
C LYS A 87 16.11 -40.57 33.94
N PRO A 88 15.75 -41.85 34.04
CA PRO A 88 16.61 -42.80 34.75
C PRO A 88 17.88 -43.10 33.97
N GLU A 89 17.73 -43.29 32.66
CA GLU A 89 18.84 -43.66 31.79
C GLU A 89 19.78 -42.51 31.50
N ASP A 90 19.50 -41.31 32.01
CA ASP A 90 20.37 -40.17 31.79
C ASP A 90 21.66 -40.24 32.59
N SER A 91 21.78 -41.19 33.51
CA SER A 91 22.98 -41.32 34.31
C SER A 91 24.14 -41.78 33.43
N ALA A 92 25.16 -40.93 33.32
CA ALA A 92 26.34 -41.21 32.52
C ALA A 92 27.31 -40.07 32.75
N VAL A 93 28.48 -40.17 32.11
CA VAL A 93 29.50 -39.13 32.21
C VAL A 93 29.30 -38.12 31.09
N TYR A 94 29.34 -36.84 31.44
CA TYR A 94 29.13 -35.76 30.49
C TYR A 94 30.45 -35.06 30.18
N TYR A 95 30.64 -34.76 28.90
CA TYR A 95 31.90 -34.27 28.37
C TYR A 95 31.66 -32.91 27.73
N CYS A 96 32.42 -31.90 28.19
CA CYS A 96 32.37 -30.60 27.53
C CYS A 96 33.02 -30.70 26.15
N ALA A 97 33.03 -29.57 25.44
CA ALA A 97 33.49 -29.59 24.05
C ALA A 97 33.75 -28.16 23.59
N LYS A 98 34.20 -28.04 22.34
CA LYS A 98 34.45 -26.76 21.72
C LYS A 98 34.46 -26.94 20.22
N ARG A 99 33.47 -26.39 19.53
CA ARG A 99 33.44 -26.43 18.08
C ARG A 99 34.59 -25.62 17.52
N ARG A 100 34.79 -25.72 16.21
CA ARG A 100 35.76 -24.91 15.48
C ARG A 100 35.11 -23.72 14.80
N TYR A 101 33.99 -23.93 14.13
CA TYR A 101 33.26 -22.83 13.53
C TYR A 101 32.46 -22.10 14.59
N GLY A 102 32.13 -20.84 14.30
CA GLY A 102 31.33 -20.05 15.20
C GLY A 102 29.89 -20.50 15.21
N GLY A 103 29.33 -20.73 14.02
CA GLY A 103 28.00 -21.28 13.92
C GLY A 103 27.96 -22.71 14.41
N ILE A 104 26.78 -23.31 14.31
CA ILE A 104 26.53 -24.66 14.78
C ILE A 104 26.07 -25.58 13.65
N TRP A 105 25.23 -25.08 12.75
CA TRP A 105 24.55 -25.94 11.79
C TRP A 105 25.54 -26.60 10.83
N THR A 106 26.48 -25.82 10.32
CA THR A 106 27.40 -26.32 9.29
C THR A 106 28.26 -27.44 9.87
N GLY A 107 28.47 -28.48 9.07
CA GLY A 107 29.19 -29.65 9.52
C GLY A 107 28.35 -30.53 10.43
N GLN A 108 28.91 -31.69 10.75
CA GLN A 108 28.21 -32.65 11.60
C GLN A 108 28.52 -32.37 13.07
N PRO A 109 27.56 -32.56 14.00
CA PRO A 109 27.81 -32.23 15.41
C PRO A 109 28.54 -33.36 16.12
N THR A 110 29.81 -33.12 16.44
CA THR A 110 30.63 -34.08 17.18
C THR A 110 31.70 -33.32 17.95
N ASP A 111 32.11 -33.88 19.08
CA ASP A 111 33.14 -33.26 19.90
C ASP A 111 34.48 -33.28 19.18
N TYR A 112 35.28 -32.25 19.42
CA TYR A 112 36.58 -32.11 18.74
C TYR A 112 37.75 -31.84 19.67
N ASP A 113 37.56 -31.05 20.74
CA ASP A 113 38.67 -30.76 21.67
C ASP A 113 38.09 -30.56 23.07
N TYR A 114 38.16 -31.62 23.89
CA TYR A 114 37.79 -31.48 25.29
C TYR A 114 38.04 -32.78 26.04
N LEU A 115 37.86 -32.70 27.36
CA LEU A 115 37.96 -33.85 28.26
C LEU A 115 36.91 -33.70 29.35
N GLY A 116 36.11 -34.73 29.55
CA GLY A 116 35.00 -34.71 30.48
C GLY A 116 35.31 -35.21 31.89
N GLN A 117 35.98 -34.40 32.69
CA GLN A 117 36.20 -34.77 34.09
C GLN A 117 34.88 -34.95 34.83
N GLY A 118 33.85 -34.20 34.45
CA GLY A 118 32.60 -34.24 35.19
C GLY A 118 31.75 -35.46 34.83
N THR A 119 31.00 -35.92 35.83
CA THR A 119 30.10 -37.05 35.66
C THR A 119 28.85 -36.83 36.48
N VAL A 120 27.95 -37.80 36.44
CA VAL A 120 26.67 -37.71 37.14
C VAL A 120 26.03 -39.09 37.15
N THR A 121 25.19 -39.34 38.15
CA THR A 121 24.37 -40.55 38.20
C THR A 121 23.02 -40.25 38.84
N MET B 1 -14.79 10.88 -58.80
CA MET B 1 -13.74 9.87 -59.08
C MET B 1 -14.00 8.58 -58.28
N GLU B 2 -14.57 8.75 -57.09
CA GLU B 2 -14.89 7.61 -56.24
C GLU B 2 -15.87 6.65 -56.90
N ASP B 3 -16.63 7.11 -57.88
CA ASP B 3 -17.54 6.20 -58.58
C ASP B 3 -16.78 5.05 -59.22
N PHE B 4 -15.54 5.30 -59.65
CA PHE B 4 -14.73 4.22 -60.22
C PHE B 4 -14.49 3.10 -59.23
N VAL B 5 -14.14 3.44 -57.98
CA VAL B 5 -13.94 2.40 -56.97
C VAL B 5 -15.24 1.82 -56.46
N ARG B 6 -16.36 2.56 -56.59
CA ARG B 6 -17.66 1.94 -56.43
C ARG B 6 -17.89 0.84 -57.45
N GLN B 7 -17.54 1.12 -58.71
CA GLN B 7 -17.90 0.22 -59.80
C GLN B 7 -16.99 -1.00 -59.88
N CYS B 8 -15.70 -0.78 -60.10
CA CYS B 8 -14.85 -1.87 -60.59
C CYS B 8 -14.42 -2.82 -59.48
N PHE B 9 -13.69 -2.31 -58.49
CA PHE B 9 -12.97 -3.18 -57.57
C PHE B 9 -13.90 -3.93 -56.63
N ASN B 10 -13.46 -5.10 -56.20
CA ASN B 10 -14.25 -5.97 -55.34
C ASN B 10 -14.39 -5.36 -53.95
N PRO B 11 -15.37 -5.82 -53.16
CA PRO B 11 -15.50 -5.28 -51.80
C PRO B 11 -14.24 -5.44 -50.96
N MET B 12 -13.73 -6.67 -50.85
CA MET B 12 -12.56 -6.94 -50.02
C MET B 12 -11.52 -5.83 -50.13
N ILE B 13 -11.13 -5.48 -51.35
CA ILE B 13 -10.07 -4.47 -51.51
C ILE B 13 -10.56 -3.10 -51.09
N VAL B 14 -11.83 -2.76 -51.35
CA VAL B 14 -12.27 -1.40 -51.05
C VAL B 14 -12.32 -1.18 -49.54
N GLU B 15 -12.80 -2.17 -48.78
CA GLU B 15 -12.75 -1.97 -47.32
C GLU B 15 -11.35 -2.10 -46.76
N LEU B 16 -10.48 -2.92 -47.37
CA LEU B 16 -9.08 -2.90 -46.94
C LEU B 16 -8.48 -1.51 -47.12
N ALA B 17 -8.74 -0.90 -48.27
CA ALA B 17 -8.23 0.45 -48.53
C ALA B 17 -8.89 1.48 -47.63
N GLU B 18 -10.16 1.27 -47.28
CA GLU B 18 -10.82 2.20 -46.36
C GLU B 18 -10.22 2.13 -44.96
N LYS B 19 -9.88 0.94 -44.48
CA LYS B 19 -9.20 0.85 -43.21
C LYS B 19 -7.79 1.41 -43.27
N ALA B 20 -7.08 1.19 -44.37
CA ALA B 20 -5.79 1.86 -44.55
C ALA B 20 -5.96 3.37 -44.58
N MET B 21 -7.10 3.84 -45.09
CA MET B 21 -7.41 5.26 -45.09
C MET B 21 -7.56 5.78 -43.67
N LYS B 22 -8.33 5.05 -42.86
CA LYS B 22 -8.49 5.40 -41.44
C LYS B 22 -7.17 5.30 -40.68
N GLU B 23 -6.24 4.46 -41.14
CA GLU B 23 -4.98 4.24 -40.44
C GLU B 23 -4.29 5.54 -40.07
N TYR B 24 -3.94 6.37 -41.06
CA TYR B 24 -3.17 7.58 -40.82
C TYR B 24 -4.05 8.80 -40.59
N GLY B 25 -5.37 8.64 -40.53
CA GLY B 25 -6.22 9.66 -39.97
C GLY B 25 -6.62 10.80 -40.88
N GLU B 26 -6.42 10.68 -42.20
CA GLU B 26 -6.88 11.71 -43.12
C GLU B 26 -8.21 11.30 -43.75
N ASP B 27 -8.98 12.30 -44.16
CA ASP B 27 -10.34 12.08 -44.62
C ASP B 27 -10.37 11.87 -46.14
N LEU B 28 -11.29 10.99 -46.57
CA LEU B 28 -11.34 10.57 -47.96
C LEU B 28 -12.04 11.58 -48.86
N LYS B 29 -12.85 12.49 -48.29
CA LYS B 29 -13.61 13.41 -49.14
C LYS B 29 -12.73 14.50 -49.73
N ILE B 30 -11.62 14.83 -49.09
CA ILE B 30 -10.77 15.92 -49.58
C ILE B 30 -9.89 15.48 -50.74
N GLU B 31 -9.28 14.30 -50.67
CA GLU B 31 -8.40 13.82 -51.72
C GLU B 31 -8.60 12.31 -51.86
N THR B 32 -9.21 11.89 -52.97
CA THR B 32 -9.52 10.49 -53.20
C THR B 32 -8.58 9.80 -54.17
N ASN B 33 -7.84 10.55 -54.99
CA ASN B 33 -6.93 9.91 -55.94
C ASN B 33 -5.91 9.02 -55.23
N LYS B 34 -5.51 9.39 -54.01
CA LYS B 34 -4.63 8.53 -53.23
C LYS B 34 -5.31 7.19 -52.95
N PHE B 35 -6.60 7.23 -52.62
CA PHE B 35 -7.34 6.01 -52.37
C PHE B 35 -7.28 5.08 -53.57
N ALA B 36 -7.57 5.62 -54.77
CA ALA B 36 -7.54 4.81 -55.97
C ALA B 36 -6.14 4.29 -56.25
N ALA B 37 -5.12 5.14 -56.14
CA ALA B 37 -3.77 4.72 -56.46
C ALA B 37 -3.31 3.60 -55.55
N ILE B 38 -3.48 3.76 -54.24
CA ILE B 38 -3.03 2.74 -53.31
C ILE B 38 -3.91 1.50 -53.35
N CYS B 39 -5.19 1.63 -53.71
CA CYS B 39 -6.00 0.43 -53.87
C CYS B 39 -5.59 -0.36 -55.11
N THR B 40 -5.18 0.33 -56.17
CA THR B 40 -4.60 -0.37 -57.32
C THR B 40 -3.28 -1.02 -56.96
N HIS B 41 -2.46 -0.35 -56.15
CA HIS B 41 -1.24 -0.97 -55.65
C HIS B 41 -1.57 -2.25 -54.88
N LEU B 42 -2.56 -2.18 -54.00
CA LEU B 42 -2.98 -3.35 -53.23
C LEU B 42 -3.53 -4.45 -54.14
N GLU B 43 -4.27 -4.06 -55.17
CA GLU B 43 -4.81 -5.03 -56.12
C GLU B 43 -3.70 -5.76 -56.86
N VAL B 44 -2.70 -5.02 -57.33
CA VAL B 44 -1.59 -5.68 -58.01
C VAL B 44 -0.85 -6.58 -57.02
N CYS B 45 -0.76 -6.16 -55.76
CA CYS B 45 -0.16 -7.02 -54.75
C CYS B 45 -0.90 -8.35 -54.65
N PHE B 46 -2.22 -8.31 -54.50
CA PHE B 46 -2.99 -9.56 -54.48
C PHE B 46 -2.74 -10.36 -55.74
N MET B 47 -3.09 -9.77 -56.89
CA MET B 47 -3.13 -10.51 -58.14
C MET B 47 -1.76 -11.08 -58.47
N TYR B 48 -0.70 -10.48 -57.94
CA TYR B 48 0.66 -10.96 -58.09
C TYR B 48 0.98 -12.08 -57.10
N SER B 49 0.37 -12.02 -55.92
CA SER B 49 0.64 -13.03 -54.89
C SER B 49 -0.24 -14.26 -55.08
N ASP B 50 -1.55 -14.08 -55.24
CA ASP B 50 -2.46 -15.20 -55.36
C ASP B 50 -2.19 -15.97 -56.65
N PHE B 51 -2.88 -17.12 -56.78
CA PHE B 51 -2.75 -17.97 -57.95
C PHE B 51 -1.32 -18.51 -58.09
N HIS B 52 -0.52 -18.36 -57.05
CA HIS B 52 0.89 -18.77 -57.07
C HIS B 52 1.18 -19.59 -55.82
N PHE B 53 1.37 -20.89 -55.99
CA PHE B 53 1.58 -21.83 -54.90
C PHE B 53 2.91 -22.54 -55.09
N ILE B 54 3.39 -23.16 -54.00
CA ILE B 54 4.61 -23.93 -54.02
C ILE B 54 4.37 -25.27 -53.32
N ASN B 55 5.12 -26.28 -53.75
CA ASN B 55 5.18 -27.57 -53.07
C ASN B 55 6.59 -27.77 -52.51
N GLU B 56 6.85 -28.96 -51.98
CA GLU B 56 8.13 -29.22 -51.32
C GLU B 56 9.33 -28.86 -52.18
N ARG B 57 9.18 -28.78 -53.50
CA ARG B 57 10.25 -28.31 -54.36
C ARG B 57 10.29 -26.79 -54.35
N GLY B 58 11.07 -26.23 -55.28
CA GLY B 58 10.96 -24.82 -55.60
C GLY B 58 9.88 -24.64 -56.65
N GLU B 59 10.24 -24.05 -57.79
CA GLU B 59 9.47 -24.17 -59.03
C GLU B 59 7.97 -24.13 -58.77
N SER B 60 7.52 -22.99 -58.27
CA SER B 60 6.15 -22.80 -57.78
C SER B 60 5.14 -23.50 -58.68
N ILE B 61 4.18 -24.17 -58.04
CA ILE B 61 3.03 -24.74 -58.74
C ILE B 61 1.99 -23.65 -58.90
N ILE B 62 1.56 -23.40 -60.13
CA ILE B 62 0.61 -22.35 -60.45
C ILE B 62 -0.70 -23.02 -60.84
N VAL B 63 -1.76 -22.75 -60.07
CA VAL B 63 -3.08 -23.29 -60.32
C VAL B 63 -4.09 -22.16 -60.31
N GLU B 64 -4.98 -22.15 -61.31
CA GLU B 64 -6.00 -21.12 -61.38
C GLU B 64 -6.97 -21.18 -60.20
N SER B 65 -7.10 -22.33 -59.56
CA SER B 65 -7.98 -22.48 -58.40
C SER B 65 -7.39 -23.53 -57.48
N GLY B 66 -7.18 -23.16 -56.22
CA GLY B 66 -6.62 -24.08 -55.25
C GLY B 66 -7.51 -25.27 -55.00
N ASP B 67 -7.03 -26.47 -55.32
CA ASP B 67 -7.80 -27.69 -55.12
C ASP B 67 -7.77 -28.10 -53.65
N PRO B 68 -8.77 -28.86 -53.21
CA PRO B 68 -8.79 -29.31 -51.80
C PRO B 68 -7.61 -30.23 -51.51
N ASN B 69 -6.71 -29.75 -50.65
CA ASN B 69 -5.51 -30.51 -50.30
C ASN B 69 -4.71 -29.79 -49.23
N ALA B 70 -3.69 -30.46 -48.70
CA ALA B 70 -2.71 -29.78 -47.85
C ALA B 70 -1.76 -28.92 -48.66
N LEU B 71 -1.81 -29.02 -50.00
CA LEU B 71 -0.89 -28.30 -50.88
C LEU B 71 -1.50 -26.97 -51.32
N LEU B 72 -1.70 -26.09 -50.34
CA LEU B 72 -2.22 -24.76 -50.57
C LEU B 72 -1.22 -23.66 -50.20
N LYS B 73 0.06 -24.00 -50.10
CA LYS B 73 1.10 -23.01 -49.83
C LYS B 73 1.06 -21.90 -50.88
N HIS B 74 1.27 -20.66 -50.42
CA HIS B 74 1.27 -19.51 -51.30
C HIS B 74 2.71 -19.13 -51.63
N ARG B 75 2.98 -18.89 -52.92
CA ARG B 75 4.33 -18.54 -53.34
C ARG B 75 4.79 -17.24 -52.68
N PHE B 76 3.99 -16.19 -52.82
CA PHE B 76 4.29 -14.89 -52.24
C PHE B 76 3.29 -14.59 -51.14
N GLU B 77 3.79 -14.24 -49.96
CA GLU B 77 2.93 -13.95 -48.82
C GLU B 77 2.96 -12.46 -48.54
N ILE B 78 1.77 -11.87 -48.37
CA ILE B 78 1.62 -10.43 -48.48
C ILE B 78 2.02 -9.74 -47.19
N ILE B 79 2.62 -8.55 -47.31
CA ILE B 79 2.99 -7.73 -46.18
C ILE B 79 1.91 -6.68 -45.94
N GLU B 80 1.65 -5.87 -46.96
CA GLU B 80 0.68 -4.79 -46.86
C GLU B 80 -0.73 -5.40 -46.78
N GLY B 81 -1.75 -4.55 -46.68
CA GLY B 81 -3.08 -5.03 -46.35
C GLY B 81 -3.25 -5.30 -44.88
N ARG B 82 -2.33 -4.79 -44.05
CA ARG B 82 -2.33 -5.02 -42.62
C ARG B 82 -2.00 -3.71 -41.94
N ASP B 83 -2.20 -3.67 -40.62
CA ASP B 83 -1.86 -2.48 -39.86
C ASP B 83 -0.34 -2.37 -39.71
N ARG B 84 0.12 -1.17 -39.39
CA ARG B 84 1.55 -0.94 -39.24
C ARG B 84 2.14 -1.86 -38.17
N THR B 85 1.42 -2.03 -37.06
CA THR B 85 1.90 -2.91 -36.00
C THR B 85 2.09 -4.33 -36.51
N MET B 86 1.10 -4.84 -37.24
CA MET B 86 1.25 -6.20 -37.76
C MET B 86 2.23 -6.27 -38.92
N ALA B 87 2.32 -5.23 -39.75
CA ALA B 87 3.30 -5.24 -40.82
C ALA B 87 4.71 -5.36 -40.25
N TRP B 88 4.98 -4.63 -39.18
CA TRP B 88 6.28 -4.73 -38.53
C TRP B 88 6.42 -6.03 -37.75
N THR B 89 5.30 -6.58 -37.26
CA THR B 89 5.34 -7.90 -36.65
C THR B 89 5.80 -8.95 -37.67
N VAL B 90 5.21 -8.94 -38.86
CA VAL B 90 5.63 -9.88 -39.90
C VAL B 90 7.06 -9.63 -40.33
N VAL B 91 7.45 -8.35 -40.44
CA VAL B 91 8.82 -8.05 -40.82
C VAL B 91 9.79 -8.67 -39.82
N ASN B 92 9.57 -8.41 -38.53
CA ASN B 92 10.48 -8.93 -37.51
C ASN B 92 10.46 -10.45 -37.45
N SER B 93 9.28 -11.06 -37.57
CA SER B 93 9.19 -12.51 -37.54
C SER B 93 9.97 -13.14 -38.69
N ILE B 94 9.81 -12.58 -39.90
CA ILE B 94 10.52 -13.10 -41.06
C ILE B 94 12.03 -12.94 -40.86
N CYS B 95 12.45 -11.77 -40.36
CA CYS B 95 13.88 -11.57 -40.15
C CYS B 95 14.44 -12.55 -39.13
N ASN B 96 13.70 -12.81 -38.05
CA ASN B 96 14.19 -13.71 -37.01
C ASN B 96 14.12 -15.18 -37.41
N THR B 97 13.22 -15.55 -38.33
CA THR B 97 13.15 -16.94 -38.77
C THR B 97 13.96 -17.19 -40.04
N THR B 98 13.99 -16.22 -40.96
CA THR B 98 14.75 -16.38 -42.20
C THR B 98 16.21 -15.97 -42.06
N GLY B 99 16.59 -15.34 -40.94
CA GLY B 99 17.96 -14.90 -40.77
C GLY B 99 18.36 -13.82 -41.76
N ALA B 100 17.37 -13.15 -42.35
CA ALA B 100 17.63 -12.10 -43.32
C ALA B 100 17.81 -10.76 -42.62
N GLU B 101 18.00 -9.71 -43.41
CA GLU B 101 18.20 -8.36 -42.88
C GLU B 101 16.86 -7.64 -42.79
N LYS B 102 16.73 -6.80 -41.76
CA LYS B 102 15.48 -6.10 -41.51
C LYS B 102 15.44 -4.80 -42.32
N PRO B 103 14.49 -4.62 -43.23
CA PRO B 103 14.36 -3.33 -43.91
C PRO B 103 13.79 -2.28 -43.00
N LYS B 104 14.06 -1.02 -43.35
CA LYS B 104 13.61 0.11 -42.54
C LYS B 104 12.24 0.63 -42.96
N PHE B 105 11.76 0.26 -44.14
CA PHE B 105 10.45 0.65 -44.64
C PHE B 105 9.59 -0.59 -44.88
N LEU B 106 8.36 -0.36 -45.33
CA LEU B 106 7.39 -1.44 -45.46
C LEU B 106 7.60 -2.18 -46.78
N PRO B 107 7.89 -3.49 -46.76
CA PRO B 107 7.84 -4.27 -48.01
C PRO B 107 6.42 -4.66 -48.36
N ASP B 108 6.25 -5.44 -49.42
CA ASP B 108 4.92 -5.84 -49.88
C ASP B 108 4.69 -7.34 -49.91
N LEU B 109 5.75 -8.15 -50.03
CA LEU B 109 5.59 -9.58 -50.22
C LEU B 109 6.86 -10.27 -49.76
N TYR B 110 6.75 -11.56 -49.44
CA TYR B 110 7.92 -12.39 -49.18
C TYR B 110 7.84 -13.67 -50.00
N ASP B 111 9.01 -14.13 -50.45
CA ASP B 111 9.16 -15.33 -51.27
C ASP B 111 10.23 -16.25 -50.70
N TYR B 112 10.02 -17.56 -50.92
CA TYR B 112 10.88 -18.59 -50.37
C TYR B 112 12.08 -18.89 -51.26
N LYS B 113 11.84 -19.19 -52.54
CA LYS B 113 12.90 -19.54 -53.48
C LYS B 113 14.14 -18.69 -53.24
N GLU B 114 13.94 -17.38 -53.33
CA GLU B 114 14.98 -16.38 -53.14
C GLU B 114 15.01 -15.84 -51.72
N ASN B 115 14.10 -16.31 -50.85
CA ASN B 115 14.12 -16.00 -49.43
C ASN B 115 14.28 -14.51 -49.17
N ARG B 116 13.35 -13.73 -49.70
CA ARG B 116 13.47 -12.28 -49.53
C ARG B 116 12.18 -11.57 -49.91
N PHE B 117 12.23 -10.25 -49.74
CA PHE B 117 11.07 -9.36 -49.83
C PHE B 117 10.90 -8.81 -51.25
N ILE B 118 9.69 -8.34 -51.51
CA ILE B 118 9.33 -7.66 -52.76
C ILE B 118 8.55 -6.42 -52.36
N GLU B 119 8.96 -5.26 -52.88
CA GLU B 119 8.27 -3.99 -52.64
C GLU B 119 7.67 -3.55 -53.97
N ILE B 120 6.42 -3.94 -54.22
CA ILE B 120 5.78 -3.64 -55.49
C ILE B 120 5.21 -2.23 -55.43
N GLY B 121 5.54 -1.43 -56.44
CA GLY B 121 4.93 -0.13 -56.60
C GLY B 121 4.72 0.21 -58.06
N VAL B 122 3.49 0.47 -58.45
CA VAL B 122 3.14 0.84 -59.81
C VAL B 122 2.73 2.31 -59.79
N THR B 123 3.59 3.18 -60.31
CA THR B 123 3.36 4.60 -60.30
C THR B 123 2.96 5.08 -61.69
N ARG B 124 2.37 6.27 -61.73
CA ARG B 124 1.95 6.86 -63.00
C ARG B 124 3.16 7.14 -63.88
N ARG B 125 4.23 7.67 -63.29
CA ARG B 125 5.43 7.98 -64.05
C ARG B 125 6.10 6.69 -64.52
N GLU B 126 7.01 6.84 -65.48
CA GLU B 126 7.69 5.68 -66.04
C GLU B 126 8.60 5.05 -65.00
N VAL B 127 8.89 3.76 -65.21
CA VAL B 127 9.55 2.95 -64.18
C VAL B 127 10.97 3.43 -63.94
N HIS B 128 11.72 3.69 -65.01
CA HIS B 128 13.18 3.84 -64.91
C HIS B 128 13.62 5.03 -64.08
N ILE B 129 12.69 5.78 -63.51
CA ILE B 129 13.01 6.83 -62.53
C ILE B 129 12.48 6.47 -61.14
N TYR B 130 11.22 6.03 -61.08
CA TYR B 130 10.62 5.65 -59.80
C TYR B 130 11.40 4.53 -59.13
N TYR B 131 11.94 3.61 -59.93
CA TYR B 131 12.69 2.48 -59.40
C TYR B 131 13.86 2.98 -58.56
N LEU B 132 14.79 3.70 -59.18
CA LEU B 132 15.94 4.21 -58.44
C LEU B 132 15.54 5.25 -57.40
N GLU B 133 14.41 5.94 -57.57
CA GLU B 133 13.93 6.81 -56.51
C GLU B 133 13.68 6.02 -55.23
N LYS B 134 12.76 5.06 -55.29
CA LYS B 134 12.51 4.24 -54.10
C LYS B 134 13.76 3.48 -53.67
N ALA B 135 14.67 3.19 -54.61
CA ALA B 135 15.91 2.52 -54.23
C ALA B 135 16.78 3.40 -53.35
N ASN B 136 16.89 4.69 -53.68
CA ASN B 136 17.69 5.58 -52.85
C ASN B 136 16.92 5.99 -51.59
N LYS B 137 15.60 5.79 -51.58
CA LYS B 137 14.87 5.91 -50.31
C LYS B 137 15.24 4.79 -49.35
N ILE B 138 15.53 3.59 -49.87
CA ILE B 138 15.82 2.42 -49.04
C ILE B 138 17.33 2.21 -49.04
N LYS B 139 17.90 2.06 -47.85
CA LYS B 139 19.35 2.07 -47.68
C LYS B 139 19.93 0.67 -47.82
N SER B 140 20.88 0.51 -48.75
CA SER B 140 21.65 -0.73 -48.89
C SER B 140 20.74 -1.95 -48.83
N GLU B 141 19.83 -2.07 -49.78
CA GLU B 141 18.77 -3.06 -49.72
C GLU B 141 19.11 -4.28 -50.57
N LYS B 142 18.94 -5.46 -49.98
CA LYS B 142 19.01 -6.71 -50.71
C LYS B 142 17.65 -7.22 -51.17
N THR B 143 16.58 -6.77 -50.53
CA THR B 143 15.24 -7.02 -51.05
C THR B 143 15.15 -6.52 -52.50
N HIS B 144 14.78 -7.44 -53.38
CA HIS B 144 14.62 -7.10 -54.79
C HIS B 144 13.39 -6.22 -54.97
N ILE B 145 13.50 -5.24 -55.86
CA ILE B 145 12.43 -4.28 -56.13
C ILE B 145 11.98 -4.49 -57.56
N HIS B 146 10.66 -4.42 -57.79
CA HIS B 146 10.10 -4.57 -59.12
C HIS B 146 8.89 -3.65 -59.24
N ILE B 147 8.83 -2.86 -60.31
CA ILE B 147 7.78 -1.86 -60.50
C ILE B 147 7.30 -1.93 -61.95
N PHE B 148 6.00 -1.70 -62.13
CA PHE B 148 5.41 -1.47 -63.44
C PHE B 148 5.00 -0.01 -63.58
N SER B 149 4.63 0.37 -64.81
CA SER B 149 4.07 1.68 -65.08
C SER B 149 3.11 1.56 -66.25
N PHE B 150 2.20 2.54 -66.37
CA PHE B 150 1.02 2.37 -67.20
C PHE B 150 1.37 2.10 -68.66
N THR B 151 2.52 2.59 -69.14
CA THR B 151 2.85 2.39 -70.55
C THR B 151 3.01 0.91 -70.88
N GLY B 152 3.25 0.07 -69.87
CA GLY B 152 3.30 -1.36 -70.07
C GLY B 152 4.68 -1.95 -69.85
N GLU B 153 5.64 -1.11 -69.49
CA GLU B 153 7.02 -1.54 -69.36
C GLU B 153 7.28 -2.12 -67.97
N GLU B 154 8.24 -3.05 -67.90
CA GLU B 154 8.70 -3.64 -66.66
C GLU B 154 10.21 -3.47 -66.56
N MET B 155 10.72 -3.50 -65.33
CA MET B 155 12.15 -3.42 -65.10
C MET B 155 12.47 -4.01 -63.75
N ALA B 156 13.76 -4.30 -63.55
CA ALA B 156 14.24 -4.76 -62.25
C ALA B 156 15.76 -4.87 -62.25
N THR B 157 16.38 -4.74 -61.09
CA THR B 157 17.81 -4.97 -60.98
C THR B 157 18.09 -6.46 -61.09
N LYS B 158 19.35 -6.81 -61.35
CA LYS B 158 19.78 -8.17 -61.66
C LYS B 158 19.10 -8.72 -62.91
N ALA B 159 18.38 -7.89 -63.66
CA ALA B 159 17.51 -8.35 -64.74
C ALA B 159 16.58 -9.47 -64.25
N ASP B 160 16.26 -9.45 -62.97
CA ASP B 160 15.53 -10.55 -62.34
C ASP B 160 14.04 -10.31 -62.38
N TYR B 161 13.31 -11.32 -62.86
CA TYR B 161 11.85 -11.33 -62.81
C TYR B 161 11.45 -12.68 -62.24
N THR B 162 10.76 -12.66 -61.08
CA THR B 162 10.79 -13.80 -60.18
C THR B 162 9.79 -14.90 -60.50
N LEU B 163 8.87 -14.71 -61.44
CA LEU B 163 7.90 -15.76 -61.73
C LEU B 163 7.47 -15.67 -63.19
N ASP B 164 6.43 -16.41 -63.54
CA ASP B 164 5.96 -16.58 -64.92
C ASP B 164 5.71 -15.24 -65.61
N GLU B 165 5.91 -15.22 -66.93
CA GLU B 165 5.67 -14.01 -67.71
C GLU B 165 4.19 -13.84 -68.08
N GLU B 166 3.42 -14.91 -68.14
CA GLU B 166 1.99 -14.76 -68.40
C GLU B 166 1.32 -14.00 -67.25
N SER B 167 1.81 -14.17 -66.03
CA SER B 167 1.33 -13.37 -64.91
C SER B 167 1.61 -11.89 -65.14
N ARG B 168 2.79 -11.56 -65.67
CA ARG B 168 3.11 -10.15 -65.94
C ARG B 168 2.29 -9.60 -67.10
N ALA B 169 1.98 -10.44 -68.09
CA ALA B 169 1.04 -10.02 -69.12
C ALA B 169 -0.31 -9.71 -68.50
N ARG B 170 -0.72 -10.55 -67.55
CA ARG B 170 -1.91 -10.29 -66.74
C ARG B 170 -1.83 -8.91 -66.08
N ILE B 171 -0.69 -8.63 -65.44
CA ILE B 171 -0.50 -7.37 -64.73
C ILE B 171 -0.68 -6.19 -65.67
N LYS B 172 -0.01 -6.22 -66.83
CA LYS B 172 -0.08 -5.08 -67.73
C LYS B 172 -1.42 -4.99 -68.47
N THR B 173 -2.11 -6.11 -68.68
CA THR B 173 -3.47 -6.06 -69.20
C THR B 173 -4.39 -5.37 -68.20
N ARG B 174 -4.24 -5.71 -66.92
CA ARG B 174 -4.97 -5.06 -65.84
C ARG B 174 -4.66 -3.57 -65.87
N LEU B 175 -3.38 -3.27 -66.09
CA LEU B 175 -2.87 -1.90 -66.08
C LEU B 175 -3.52 -1.05 -67.16
N PHE B 176 -3.47 -1.53 -68.40
CA PHE B 176 -4.10 -0.80 -69.48
C PHE B 176 -5.63 -0.82 -69.42
N THR B 177 -6.23 -1.85 -68.80
CA THR B 177 -7.65 -1.78 -68.51
C THR B 177 -7.93 -0.56 -67.63
N ILE B 178 -7.14 -0.39 -66.58
CA ILE B 178 -7.28 0.79 -65.73
C ILE B 178 -7.15 2.04 -66.58
N ARG B 179 -6.10 2.09 -67.41
CA ARG B 179 -5.78 3.29 -68.17
C ARG B 179 -6.91 3.67 -69.13
N GLN B 180 -7.21 2.81 -70.10
CA GLN B 180 -8.27 3.14 -71.03
C GLN B 180 -9.66 2.89 -70.46
N GLU B 181 -9.80 2.73 -69.14
CA GLU B 181 -11.11 2.93 -68.54
C GLU B 181 -11.20 4.35 -67.97
N MET B 182 -10.15 4.85 -67.32
CA MET B 182 -10.16 6.28 -67.03
C MET B 182 -10.32 7.07 -68.31
N ALA B 183 -9.86 6.51 -69.44
CA ALA B 183 -10.09 7.16 -70.72
C ALA B 183 -11.56 7.48 -70.91
N SER B 184 -12.42 6.50 -70.62
CA SER B 184 -13.85 6.78 -70.58
C SER B 184 -14.21 7.74 -69.44
N ARG B 185 -13.46 7.72 -68.34
CA ARG B 185 -13.76 8.63 -67.23
C ARG B 185 -13.13 10.00 -67.45
N GLY B 186 -11.82 10.06 -67.62
CA GLY B 186 -11.15 11.32 -67.94
C GLY B 186 -10.48 12.02 -66.77
N LEU B 187 -9.58 11.33 -66.06
CA LEU B 187 -9.02 11.82 -64.80
C LEU B 187 -7.59 12.35 -64.88
N TRP B 188 -6.90 12.25 -66.01
CA TRP B 188 -5.47 12.57 -66.02
C TRP B 188 -5.17 14.06 -65.86
N ASP B 189 -6.18 14.92 -65.77
CA ASP B 189 -5.89 16.31 -65.43
C ASP B 189 -5.23 16.40 -64.06
N SER B 190 -5.39 15.37 -63.22
CA SER B 190 -4.73 15.30 -61.93
C SER B 190 -4.16 13.92 -61.60
N PHE B 191 -4.47 12.89 -62.40
CA PHE B 191 -4.12 11.53 -62.02
C PHE B 191 -2.61 11.35 -61.89
N ARG B 192 -1.86 11.90 -62.85
CA ARG B 192 -0.40 11.78 -62.79
C ARG B 192 0.16 12.42 -61.53
N GLN B 193 -0.32 13.61 -61.19
CA GLN B 193 0.16 14.37 -60.04
C GLN B 193 -1.06 14.82 -59.23
N SER B 194 -1.42 14.04 -58.21
CA SER B 194 -2.51 14.38 -57.31
C SER B 194 -2.12 14.35 -55.85
N GLU B 195 -1.03 13.67 -55.47
CA GLU B 195 -0.55 13.63 -54.10
C GLU B 195 0.84 14.23 -54.05
N ARG B 196 1.07 15.10 -53.07
CA ARG B 196 2.35 15.79 -52.91
C ARG B 196 2.93 15.61 -51.51
N GLY B 197 2.31 14.77 -50.67
CA GLY B 197 2.83 14.52 -49.35
C GLY B 197 2.47 15.60 -48.35
N GLU B 198 1.16 15.82 -48.14
CA GLU B 198 0.67 16.78 -47.18
C GLU B 198 0.43 16.09 -45.84
N GLU B 199 1.05 16.59 -44.78
CA GLU B 199 0.80 16.11 -43.42
C GLU B 199 0.75 17.32 -42.49
N THR B 200 -0.47 17.68 -42.08
CA THR B 200 -0.68 18.80 -41.17
C THR B 200 -2.07 18.68 -40.58
N ILE B 201 -2.20 19.11 -39.33
CA ILE B 201 -3.48 19.08 -38.63
C ILE B 201 -3.40 20.03 -37.45
N GLU B 202 -4.53 20.64 -37.10
CA GLU B 202 -4.63 21.53 -35.96
C GLU B 202 -5.60 20.92 -34.96
N GLU B 203 -5.16 20.83 -33.70
CA GLU B 203 -6.02 20.26 -32.66
C GLU B 203 -7.08 21.28 -32.25
N ARG B 204 -8.34 20.82 -32.20
CA ARG B 204 -9.48 21.68 -31.95
C ARG B 204 -10.22 21.17 -30.72
N PHE B 205 -10.26 21.98 -29.67
CA PHE B 205 -10.98 21.67 -28.44
C PHE B 205 -11.89 22.86 -28.16
N GLU B 206 -13.11 22.81 -28.71
CA GLU B 206 -14.02 23.93 -28.72
C GLU B 206 -15.07 23.77 -27.63
N ILE B 207 -15.23 24.80 -26.81
CA ILE B 207 -16.30 24.84 -25.82
C ILE B 207 -17.55 25.40 -26.49
N THR B 208 -18.62 24.62 -26.49
CA THR B 208 -19.85 25.04 -27.14
C THR B 208 -21.02 24.29 -26.51
N GLY B 209 -22.23 24.78 -26.79
CA GLY B 209 -23.41 24.15 -26.25
C GLY B 209 -23.53 24.38 -24.76
N THR B 210 -24.13 23.40 -24.08
CA THR B 210 -24.39 23.53 -22.65
C THR B 210 -23.11 23.84 -21.89
N MET B 211 -22.02 23.16 -22.22
CA MET B 211 -20.78 23.36 -21.50
C MET B 211 -20.28 24.80 -21.59
N ARG B 212 -20.65 25.52 -22.65
CA ARG B 212 -20.30 26.93 -22.72
C ARG B 212 -21.10 27.74 -21.72
N ARG B 213 -22.40 27.47 -21.60
CA ARG B 213 -23.22 28.22 -20.65
C ARG B 213 -22.73 28.01 -19.22
N LEU B 214 -22.33 26.78 -18.88
CA LEU B 214 -21.73 26.55 -17.57
C LEU B 214 -20.50 27.42 -17.37
N ALA B 215 -19.70 27.60 -18.43
CA ALA B 215 -18.54 28.47 -18.32
C ALA B 215 -18.95 29.91 -18.06
N ASP B 216 -20.11 30.32 -18.57
CA ASP B 216 -20.61 31.68 -18.33
C ASP B 216 -21.14 31.86 -16.91
N GLN B 217 -21.34 30.78 -16.16
CA GLN B 217 -21.86 30.85 -14.80
C GLN B 217 -20.79 30.47 -13.77
N SER B 218 -19.53 30.47 -14.16
CA SER B 218 -18.41 30.14 -13.27
C SER B 218 -17.38 31.25 -13.27
N LEU B 219 -17.84 32.49 -13.34
CA LEU B 219 -17.01 33.69 -13.37
C LEU B 219 -17.23 34.52 -12.12
N PRO B 220 -16.39 35.52 -11.89
CA PRO B 220 -16.63 36.45 -10.78
C PRO B 220 -18.00 37.10 -10.90
N PRO B 221 -18.47 37.76 -9.86
CA PRO B 221 -19.88 38.21 -9.85
C PRO B 221 -20.21 39.17 -10.98
N ASN B 222 -19.28 40.04 -11.38
CA ASN B 222 -19.57 41.11 -12.33
C ASN B 222 -19.01 40.81 -13.72
N PHE B 223 -19.05 39.55 -14.15
CA PHE B 223 -18.65 39.15 -15.50
C PHE B 223 -19.79 38.40 -16.16
N SER B 224 -19.90 38.55 -17.48
CA SER B 224 -21.02 38.01 -18.23
C SER B 224 -20.67 36.84 -19.14
N SER B 225 -19.41 36.71 -19.57
CA SER B 225 -19.04 35.65 -20.48
C SER B 225 -17.59 35.29 -20.27
N LEU B 226 -17.25 34.04 -20.59
CA LEU B 226 -15.86 33.60 -20.48
C LEU B 226 -14.96 34.37 -21.42
N GLU B 227 -15.47 34.76 -22.59
CA GLU B 227 -14.69 35.60 -23.50
C GLU B 227 -14.28 36.90 -22.83
N ASN B 228 -15.23 37.59 -22.21
CA ASN B 228 -14.93 38.87 -21.58
C ASN B 228 -13.96 38.69 -20.42
N PHE B 229 -14.16 37.66 -19.61
CA PHE B 229 -13.27 37.44 -18.47
C PHE B 229 -11.85 37.13 -18.93
N ARG B 230 -11.70 36.29 -19.97
CA ARG B 230 -10.37 36.00 -20.47
C ARG B 230 -9.72 37.26 -21.08
N ALA B 231 -10.50 38.08 -21.78
CA ALA B 231 -9.95 39.33 -22.29
C ALA B 231 -9.48 40.23 -21.15
N TYR B 232 -10.28 40.32 -20.09
CA TYR B 232 -9.88 41.12 -18.94
C TYR B 232 -8.60 40.59 -18.30
N VAL B 233 -8.50 39.26 -18.16
CA VAL B 233 -7.31 38.66 -17.57
C VAL B 233 -6.09 38.96 -18.44
N ASP B 234 -6.22 38.79 -19.75
CA ASP B 234 -5.11 39.08 -20.64
C ASP B 234 -4.70 40.54 -20.57
N GLY B 235 -5.66 41.44 -20.44
CA GLY B 235 -5.37 42.85 -20.30
C GLY B 235 -5.02 43.29 -18.89
N PHE B 236 -5.09 42.40 -17.92
CA PHE B 236 -4.79 42.75 -16.53
C PHE B 236 -3.29 42.86 -16.32
N GLU B 237 -2.87 43.88 -15.56
CA GLU B 237 -1.49 44.04 -15.15
C GLU B 237 -1.48 44.54 -13.71
N PRO B 238 -0.46 44.20 -12.93
CA PRO B 238 -0.45 44.62 -11.53
C PRO B 238 -0.30 46.13 -11.40
N ASN B 239 -1.23 46.73 -10.65
CA ASN B 239 -1.24 48.17 -10.42
C ASN B 239 -1.52 48.46 -8.95
N GLY B 240 -0.89 47.70 -8.05
CA GLY B 240 -1.06 47.93 -6.63
C GLY B 240 -2.49 47.81 -6.16
N TYR B 241 -3.09 46.63 -6.36
CA TYR B 241 -4.45 46.37 -5.90
C TYR B 241 -4.50 45.69 -4.53
N ILE B 242 -3.49 44.90 -4.19
CA ILE B 242 -3.45 44.31 -2.86
C ILE B 242 -3.29 45.38 -1.80
N GLU B 243 -2.48 46.40 -2.08
CA GLU B 243 -2.26 47.47 -1.12
C GLU B 243 -3.56 48.24 -0.85
N GLY B 244 -4.33 48.52 -1.89
CA GLY B 244 -5.57 49.26 -1.71
C GLY B 244 -6.54 48.55 -0.80
N LYS B 245 -6.75 47.25 -1.04
CA LYS B 245 -7.68 46.50 -0.21
C LYS B 245 -7.12 46.26 1.18
N LEU B 246 -5.80 46.11 1.31
CA LEU B 246 -5.20 46.01 2.64
C LEU B 246 -5.46 47.27 3.44
N SER B 247 -5.30 48.44 2.81
CA SER B 247 -5.60 49.69 3.49
C SER B 247 -7.09 49.82 3.81
N GLN B 248 -7.96 49.41 2.89
CA GLN B 248 -9.39 49.54 3.11
C GLN B 248 -9.93 48.48 4.08
N MET B 249 -9.29 47.31 4.14
CA MET B 249 -9.77 46.25 5.00
C MET B 249 -9.73 46.70 6.46
N SER B 250 -10.73 46.26 7.23
CA SER B 250 -10.82 46.64 8.63
C SER B 250 -9.59 46.17 9.39
N LYS B 251 -9.14 47.01 10.33
CA LYS B 251 -7.95 46.71 11.11
C LYS B 251 -8.19 45.64 12.18
N GLU B 252 -9.45 45.31 12.47
CA GLU B 252 -9.74 44.24 13.41
C GLU B 252 -9.30 42.88 12.88
N VAL B 253 -9.02 42.77 11.59
CA VAL B 253 -8.49 41.54 10.99
C VAL B 253 -6.98 41.55 11.24
N ASN B 254 -6.55 40.93 12.35
CA ASN B 254 -5.15 40.96 12.74
C ASN B 254 -4.78 39.60 13.31
N ALA B 255 -3.48 39.39 13.47
CA ALA B 255 -2.90 38.17 14.03
C ALA B 255 -1.98 38.52 15.19
N ARG B 256 -2.48 39.35 16.10
CA ARG B 256 -1.66 39.84 17.20
C ARG B 256 -1.11 38.67 18.01
N ILE B 257 0.15 38.80 18.40
CA ILE B 257 0.87 37.74 19.12
C ILE B 257 0.72 37.99 20.61
N GLU B 258 0.16 37.02 21.32
CA GLU B 258 0.04 37.10 22.78
C GLU B 258 1.27 36.46 23.41
N PRO B 259 2.06 37.20 24.18
CA PRO B 259 3.25 36.59 24.79
C PRO B 259 2.88 35.41 25.68
N PHE B 260 3.73 34.39 25.66
CA PHE B 260 3.55 33.19 26.46
C PHE B 260 4.61 33.18 27.56
N LEU B 261 4.18 33.39 28.79
CA LEU B 261 5.07 33.50 29.94
C LEU B 261 4.82 32.34 30.90
N LYS B 262 5.58 32.32 31.99
CA LYS B 262 5.43 31.26 32.99
C LYS B 262 4.05 31.28 33.62
N THR B 263 3.48 32.47 33.82
CA THR B 263 2.19 32.62 34.48
C THR B 263 1.01 32.48 33.51
N THR B 264 1.27 32.31 32.22
CA THR B 264 0.19 32.25 31.24
C THR B 264 -0.54 30.92 31.27
N PRO B 265 0.17 29.78 31.13
CA PRO B 265 -0.55 28.51 31.02
C PRO B 265 -1.26 28.14 32.31
N ARG B 266 -2.51 27.72 32.20
CA ARG B 266 -3.32 27.27 33.31
C ARG B 266 -3.49 25.76 33.27
N PRO B 267 -3.71 25.12 34.42
CA PRO B 267 -3.88 23.67 34.41
C PRO B 267 -5.11 23.24 33.62
N LEU B 268 -4.99 22.12 32.93
CA LEU B 268 -6.10 21.59 32.16
C LEU B 268 -7.20 21.11 33.10
N ARG B 269 -8.44 21.51 32.82
CA ARG B 269 -9.57 21.11 33.64
C ARG B 269 -10.00 19.70 33.28
N LEU B 270 -10.25 18.89 34.30
CA LEU B 270 -10.72 17.53 34.07
C LEU B 270 -12.22 17.43 34.25
N PRO B 271 -12.91 16.57 33.50
CA PRO B 271 -14.36 16.46 33.67
C PRO B 271 -14.73 15.89 35.02
N ASP B 272 -15.91 16.27 35.48
CA ASP B 272 -16.44 15.83 36.76
C ASP B 272 -17.66 14.94 36.54
N GLY B 273 -17.79 13.92 37.38
CA GLY B 273 -18.87 12.97 37.28
C GLY B 273 -18.59 11.70 38.06
N PRO B 274 -19.34 10.64 37.77
CA PRO B 274 -19.07 9.38 38.47
C PRO B 274 -17.67 8.89 38.16
N PRO B 275 -17.06 8.17 39.10
CA PRO B 275 -15.68 7.72 38.88
C PRO B 275 -15.54 6.89 37.61
N CYS B 276 -14.32 6.81 37.11
CA CYS B 276 -14.04 6.07 35.88
C CYS B 276 -13.95 4.58 36.18
N SER B 277 -14.45 3.78 35.24
CA SER B 277 -14.52 2.33 35.40
C SER B 277 -13.41 1.65 34.61
N GLN B 278 -13.34 0.33 34.74
CA GLN B 278 -12.33 -0.47 34.06
C GLN B 278 -12.84 -0.84 32.67
N ARG B 279 -11.95 -0.73 31.68
CA ARG B 279 -12.30 -1.02 30.29
C ARG B 279 -11.49 -2.15 29.67
N SER B 280 -10.44 -2.62 30.35
CA SER B 280 -9.56 -3.64 29.77
C SER B 280 -10.34 -4.91 29.47
N LYS B 281 -9.82 -5.72 28.55
CA LYS B 281 -10.42 -7.01 28.20
C LYS B 281 -10.00 -8.12 29.15
N PHE B 282 -9.10 -7.83 30.09
CA PHE B 282 -8.68 -8.82 31.07
C PHE B 282 -8.11 -8.10 32.28
N LEU B 283 -8.04 -8.81 33.40
CA LEU B 283 -7.47 -8.24 34.60
C LEU B 283 -5.97 -8.04 34.42
N LEU B 284 -5.48 -6.88 34.86
CA LEU B 284 -4.07 -6.53 34.73
C LEU B 284 -3.35 -6.56 36.08
N MET B 285 -3.88 -5.84 37.07
CA MET B 285 -3.24 -5.78 38.38
C MET B 285 -3.72 -6.84 39.34
N ASP B 286 -4.90 -7.42 39.10
CA ASP B 286 -5.53 -8.35 40.04
C ASP B 286 -5.57 -9.77 39.48
N ALA B 287 -4.68 -10.10 38.57
CA ALA B 287 -4.66 -11.44 37.98
C ALA B 287 -4.05 -12.44 38.94
N LEU B 288 -4.47 -13.70 38.80
CA LEU B 288 -3.92 -14.80 39.57
C LEU B 288 -3.55 -15.93 38.61
N LYS B 289 -2.52 -16.68 38.97
CA LYS B 289 -1.90 -17.66 38.08
C LYS B 289 -1.92 -19.04 38.74
N LEU B 290 -2.50 -20.01 38.05
CA LEU B 290 -2.40 -21.41 38.43
C LEU B 290 -1.43 -22.09 37.47
N SER B 291 -0.46 -22.83 38.03
CA SER B 291 0.70 -23.26 37.28
C SER B 291 0.93 -24.76 37.41
N ILE B 292 1.73 -25.29 36.49
CA ILE B 292 2.05 -26.71 36.45
C ILE B 292 3.55 -26.99 36.44
N GLU B 293 4.38 -26.03 36.02
CA GLU B 293 5.83 -26.22 35.95
C GLU B 293 6.21 -27.24 34.88
N ASP B 294 5.57 -27.15 33.72
CA ASP B 294 5.85 -28.04 32.60
C ASP B 294 7.00 -27.49 31.78
N PRO B 295 7.62 -28.33 30.95
CA PRO B 295 8.73 -27.88 30.10
C PRO B 295 8.35 -27.37 28.72
N SER B 296 7.05 -27.22 28.44
CA SER B 296 6.61 -26.81 27.11
C SER B 296 6.86 -25.33 26.88
N HIS B 297 6.98 -24.96 25.61
CA HIS B 297 7.20 -23.58 25.21
C HIS B 297 5.86 -22.87 24.98
N GLU B 298 5.94 -21.58 24.65
CA GLU B 298 4.74 -20.74 24.58
C GLU B 298 3.66 -21.38 23.71
N GLY B 299 3.95 -21.56 22.42
CA GLY B 299 2.97 -22.14 21.52
C GLY B 299 2.85 -23.65 21.66
N GLU B 300 3.89 -24.30 22.19
CA GLU B 300 3.87 -25.75 22.31
C GLU B 300 2.83 -26.18 23.34
N GLY B 301 2.06 -27.21 22.99
CA GLY B 301 1.09 -27.79 23.89
C GLY B 301 -0.31 -27.69 23.34
N ILE B 302 -1.24 -28.22 24.12
CA ILE B 302 -2.67 -28.20 23.80
C ILE B 302 -3.38 -27.40 24.87
N PRO B 303 -4.25 -26.43 24.52
CA PRO B 303 -4.76 -25.52 25.55
C PRO B 303 -5.59 -26.20 26.64
N LEU B 304 -6.59 -27.00 26.25
CA LEU B 304 -7.56 -27.49 27.23
C LEU B 304 -6.90 -28.38 28.27
N TYR B 305 -6.01 -29.29 27.84
CA TYR B 305 -5.36 -30.17 28.80
C TYR B 305 -4.48 -29.38 29.76
N ASP B 306 -3.75 -28.40 29.25
CA ASP B 306 -2.93 -27.57 30.12
C ASP B 306 -3.79 -26.83 31.14
N ALA B 307 -4.92 -26.27 30.69
CA ALA B 307 -5.80 -25.55 31.60
C ALA B 307 -6.35 -26.48 32.68
N ILE B 308 -6.80 -27.66 32.30
CA ILE B 308 -7.34 -28.60 33.28
C ILE B 308 -6.26 -29.03 34.27
N LYS B 309 -5.05 -29.32 33.77
CA LYS B 309 -3.97 -29.71 34.65
C LYS B 309 -3.60 -28.60 35.62
N CYS B 310 -3.57 -27.36 35.14
CA CYS B 310 -3.29 -26.23 36.03
C CYS B 310 -4.38 -26.09 37.08
N MET B 311 -5.64 -26.25 36.70
CA MET B 311 -6.72 -26.06 37.64
C MET B 311 -6.78 -27.17 38.68
N ARG B 312 -6.42 -28.40 38.30
CA ARG B 312 -6.34 -29.49 39.26
C ARG B 312 -5.22 -29.29 40.28
N THR B 313 -4.26 -28.41 40.00
CA THR B 313 -3.18 -28.12 40.94
C THR B 313 -3.66 -27.36 42.17
N PHE B 314 -4.86 -26.79 42.13
CA PHE B 314 -5.41 -26.01 43.23
C PHE B 314 -6.50 -26.81 43.94
N PHE B 315 -6.45 -26.80 45.26
CA PHE B 315 -7.44 -27.47 46.09
C PHE B 315 -8.07 -26.47 47.05
N GLY B 316 -9.37 -26.62 47.29
CA GLY B 316 -10.09 -25.70 48.14
C GLY B 316 -11.32 -25.13 47.46
N TRP B 317 -11.78 -25.78 46.39
CA TRP B 317 -12.95 -25.31 45.67
C TRP B 317 -14.17 -25.30 46.60
N LYS B 318 -14.97 -24.24 46.47
CA LYS B 318 -16.22 -24.10 47.19
C LYS B 318 -17.34 -23.85 46.21
N GLU B 319 -18.56 -24.13 46.64
CA GLU B 319 -19.71 -23.84 45.80
C GLU B 319 -19.79 -22.34 45.56
N PRO B 320 -19.80 -21.89 44.31
CA PRO B 320 -19.73 -20.45 44.05
C PRO B 320 -21.00 -19.72 44.50
N ASN B 321 -20.81 -18.48 44.95
CA ASN B 321 -21.91 -17.64 45.38
C ASN B 321 -21.62 -16.20 45.00
N VAL B 322 -22.68 -15.39 44.92
CA VAL B 322 -22.54 -14.01 44.49
C VAL B 322 -21.89 -13.20 45.61
N VAL B 323 -20.91 -12.37 45.24
CA VAL B 323 -20.26 -11.46 46.16
C VAL B 323 -20.60 -10.04 45.76
N LYS B 324 -20.26 -9.67 44.53
CA LYS B 324 -20.59 -8.34 44.02
C LYS B 324 -21.36 -8.48 42.70
N PRO B 325 -22.62 -8.03 42.64
CA PRO B 325 -23.40 -8.22 41.42
C PRO B 325 -22.97 -7.28 40.30
N HIS B 326 -23.41 -7.62 39.09
CA HIS B 326 -23.11 -6.79 37.93
C HIS B 326 -23.78 -5.42 38.05
N GLU B 327 -24.89 -5.33 38.78
CA GLU B 327 -25.69 -4.14 39.02
C GLU B 327 -26.55 -3.79 37.80
N LYS B 328 -26.37 -4.47 36.67
CA LYS B 328 -27.23 -4.24 35.50
C LYS B 328 -27.63 -5.53 34.79
N GLY B 329 -26.99 -6.66 35.06
CA GLY B 329 -27.31 -7.91 34.43
C GLY B 329 -27.98 -8.89 35.36
N ILE B 330 -27.90 -10.17 34.99
CA ILE B 330 -28.50 -11.25 35.75
C ILE B 330 -27.35 -12.12 36.26
N ASN B 331 -26.91 -11.84 37.49
CA ASN B 331 -25.77 -12.56 38.05
C ASN B 331 -25.98 -14.07 38.10
N PRO B 332 -27.17 -14.58 38.43
CA PRO B 332 -27.36 -16.04 38.38
C PRO B 332 -26.94 -16.66 37.07
N ASN B 333 -27.10 -15.93 35.95
CA ASN B 333 -26.61 -16.44 34.67
C ASN B 333 -25.10 -16.61 34.70
N TYR B 334 -24.37 -15.65 35.28
CA TYR B 334 -22.92 -15.79 35.40
C TYR B 334 -22.55 -16.99 36.27
N LEU B 335 -23.26 -17.15 37.39
CA LEU B 335 -23.00 -18.29 38.27
C LEU B 335 -23.20 -19.60 37.53
N LEU B 336 -24.32 -19.73 36.83
CA LEU B 336 -24.62 -20.96 36.11
C LEU B 336 -23.60 -21.18 34.98
N ALA B 337 -23.15 -20.09 34.34
CA ALA B 337 -22.14 -20.24 33.30
C ALA B 337 -20.83 -20.77 33.87
N TRP B 338 -20.43 -20.27 35.04
CA TRP B 338 -19.21 -20.77 35.67
C TRP B 338 -19.33 -22.25 35.99
N LYS B 339 -20.45 -22.65 36.59
CA LYS B 339 -20.64 -24.06 36.91
C LYS B 339 -20.69 -24.91 35.66
N GLN B 340 -21.31 -24.40 34.59
CA GLN B 340 -21.33 -25.11 33.31
C GLN B 340 -19.92 -25.29 32.76
N VAL B 341 -19.10 -24.26 32.84
CA VAL B 341 -17.72 -24.37 32.37
C VAL B 341 -16.98 -25.44 33.14
N LEU B 342 -17.15 -25.45 34.47
CA LEU B 342 -16.49 -26.49 35.27
C LEU B 342 -16.96 -27.88 34.88
N ALA B 343 -18.28 -28.04 34.73
CA ALA B 343 -18.83 -29.35 34.39
C ALA B 343 -18.31 -29.85 33.05
N GLU B 344 -18.28 -28.98 32.05
CA GLU B 344 -17.82 -29.41 30.74
C GLU B 344 -16.31 -29.63 30.72
N LEU B 345 -15.56 -28.91 31.55
CA LEU B 345 -14.14 -29.19 31.70
C LEU B 345 -13.93 -30.60 32.23
N GLN B 346 -14.72 -30.98 33.25
CA GLN B 346 -14.64 -32.36 33.74
C GLN B 346 -15.04 -33.34 32.63
N ASP B 347 -16.08 -33.00 31.87
CA ASP B 347 -16.52 -33.88 30.79
C ASP B 347 -15.40 -34.15 29.80
N ILE B 348 -14.60 -33.12 29.49
CA ILE B 348 -13.43 -33.34 28.65
C ILE B 348 -12.40 -34.19 29.37
N GLU B 349 -12.20 -33.93 30.66
CA GLU B 349 -11.20 -34.71 31.39
C GLU B 349 -11.50 -36.19 31.33
N ASN B 350 -12.79 -36.57 31.30
CA ASN B 350 -13.13 -37.99 31.35
C ASN B 350 -12.74 -38.71 30.05
N GLU B 351 -13.03 -38.11 28.90
CA GLU B 351 -12.96 -38.83 27.63
C GLU B 351 -11.50 -39.10 27.24
N GLU B 352 -11.33 -39.73 26.07
CA GLU B 352 -10.07 -40.33 25.67
C GLU B 352 -8.94 -39.32 25.51
N LYS B 353 -9.05 -38.42 24.53
CA LYS B 353 -8.01 -37.42 24.27
C LYS B 353 -8.63 -36.03 24.27
N ILE B 354 -7.99 -35.12 24.98
CA ILE B 354 -8.48 -33.76 25.15
C ILE B 354 -8.60 -33.12 23.77
N PRO B 355 -9.77 -32.63 23.35
CA PRO B 355 -9.86 -31.98 22.04
C PRO B 355 -9.02 -30.72 22.00
N LYS B 356 -8.49 -30.42 20.81
CA LYS B 356 -7.69 -29.21 20.65
C LYS B 356 -8.53 -27.96 20.90
N THR B 357 -9.78 -27.97 20.43
CA THR B 357 -10.71 -26.86 20.65
C THR B 357 -12.07 -27.43 20.98
N LYS B 358 -12.72 -26.88 22.00
CA LYS B 358 -14.02 -27.36 22.43
C LYS B 358 -15.12 -26.35 22.14
N ASN B 359 -16.28 -26.86 21.77
CA ASN B 359 -17.49 -26.06 21.63
C ASN B 359 -18.42 -26.32 22.81
N MET B 360 -19.07 -25.27 23.29
CA MET B 360 -19.96 -25.37 24.42
C MET B 360 -21.42 -25.35 23.96
N LYS B 361 -22.30 -25.80 24.84
CA LYS B 361 -23.72 -25.80 24.57
C LYS B 361 -24.28 -24.37 24.62
N LYS B 362 -25.29 -24.11 23.79
CA LYS B 362 -25.90 -22.80 23.70
C LYS B 362 -27.14 -22.74 24.60
N THR B 363 -26.87 -22.66 25.90
CA THR B 363 -27.95 -22.54 26.87
C THR B 363 -28.41 -21.09 26.97
N SER B 364 -29.61 -20.90 27.54
CA SER B 364 -30.14 -19.56 27.72
C SER B 364 -29.17 -18.68 28.50
N GLN B 365 -28.41 -19.28 29.42
CA GLN B 365 -27.47 -18.52 30.23
C GLN B 365 -26.50 -17.74 29.36
N LEU B 366 -25.75 -18.45 28.50
CA LEU B 366 -24.80 -17.80 27.63
C LEU B 366 -25.48 -17.13 26.44
N LYS B 367 -26.71 -17.51 26.12
CA LYS B 367 -27.47 -16.75 25.14
C LYS B 367 -27.68 -15.31 25.60
N TRP B 368 -28.01 -15.14 26.88
CA TRP B 368 -28.12 -13.80 27.43
C TRP B 368 -26.75 -13.16 27.62
N ALA B 369 -25.80 -13.93 28.18
CA ALA B 369 -24.48 -13.37 28.47
C ALA B 369 -23.74 -12.95 27.21
N LEU B 370 -23.96 -13.63 26.09
CA LEU B 370 -23.29 -13.33 24.84
C LEU B 370 -24.12 -12.44 23.93
N GLY B 371 -25.30 -12.00 24.37
CA GLY B 371 -26.14 -11.14 23.56
C GLY B 371 -26.52 -11.77 22.24
N GLU B 372 -27.33 -12.81 22.28
CA GLU B 372 -27.76 -13.54 21.09
C GLU B 372 -29.22 -13.22 20.78
N ASN B 373 -29.51 -13.02 19.50
CA ASN B 373 -30.86 -12.71 19.04
C ASN B 373 -31.37 -11.42 19.65
N MET B 374 -30.47 -10.45 19.88
CA MET B 374 -30.86 -9.16 20.41
C MET B 374 -30.76 -8.03 19.39
N ALA B 375 -30.07 -8.24 18.28
CA ALA B 375 -30.03 -7.24 17.24
C ALA B 375 -31.42 -7.07 16.64
N PRO B 376 -31.94 -5.84 16.55
CA PRO B 376 -33.27 -5.68 15.95
C PRO B 376 -33.30 -6.19 14.53
N GLU B 377 -34.41 -6.83 14.16
CA GLU B 377 -34.54 -7.36 12.81
C GLU B 377 -34.63 -6.22 11.80
N LYS B 378 -33.93 -6.37 10.69
CA LYS B 378 -33.88 -5.34 9.67
C LYS B 378 -35.13 -5.42 8.78
N VAL B 379 -35.80 -4.29 8.61
CA VAL B 379 -37.02 -4.20 7.83
C VAL B 379 -36.92 -2.99 6.91
N ASP B 380 -37.99 -2.75 6.16
CA ASP B 380 -38.05 -1.65 5.20
C ASP B 380 -38.79 -0.46 5.80
N PHE B 381 -38.40 0.74 5.38
CA PHE B 381 -38.99 1.95 5.93
C PHE B 381 -40.47 2.06 5.58
N ASP B 382 -40.85 1.63 4.37
CA ASP B 382 -42.24 1.74 3.95
C ASP B 382 -43.18 0.93 4.82
N ASP B 383 -42.66 -0.04 5.60
CA ASP B 383 -43.48 -0.85 6.47
C ASP B 383 -43.46 -0.39 7.93
N CYS B 384 -42.54 0.49 8.30
CA CYS B 384 -42.43 1.01 9.66
C CYS B 384 -42.22 2.52 9.58
N LYS B 385 -43.33 3.26 9.54
CA LYS B 385 -43.27 4.72 9.49
C LYS B 385 -44.16 5.33 10.57
N ASP B 386 -45.23 4.62 10.94
CA ASP B 386 -46.17 5.11 11.93
C ASP B 386 -45.77 4.79 13.36
N VAL B 387 -44.64 4.11 13.57
CA VAL B 387 -44.17 3.76 14.90
C VAL B 387 -43.58 5.02 15.54
N SER B 388 -44.20 5.48 16.63
CA SER B 388 -43.75 6.72 17.26
C SER B 388 -42.33 6.58 17.79
N ASP B 389 -42.00 5.43 18.37
CA ASP B 389 -40.68 5.22 18.95
C ASP B 389 -39.57 5.16 17.90
N LEU B 390 -39.91 5.11 16.63
CA LEU B 390 -38.89 4.98 15.58
C LEU B 390 -38.12 6.29 15.45
N LYS B 391 -36.81 6.23 15.64
CA LYS B 391 -35.97 7.41 15.61
C LYS B 391 -34.54 6.98 15.28
N GLN B 392 -33.63 7.95 15.26
CA GLN B 392 -32.24 7.66 14.96
C GLN B 392 -31.59 6.86 16.09
N TYR B 393 -30.43 6.29 15.79
CA TYR B 393 -29.58 5.72 16.81
C TYR B 393 -29.08 6.82 17.74
N ASP B 394 -28.92 6.47 19.02
CA ASP B 394 -28.47 7.43 20.01
C ASP B 394 -27.07 7.92 19.63
N SER B 395 -26.96 9.20 19.28
CA SER B 395 -25.71 9.81 18.83
C SER B 395 -25.50 11.09 19.63
N ASP B 396 -24.75 10.99 20.73
CA ASP B 396 -24.46 12.12 21.59
C ASP B 396 -23.09 11.93 22.22
N GLU B 397 -22.61 12.98 22.88
CA GLU B 397 -21.32 12.91 23.54
C GLU B 397 -21.36 11.85 24.64
N PRO B 398 -20.32 11.04 24.79
CA PRO B 398 -20.33 10.00 25.83
C PRO B 398 -20.57 10.59 27.21
N GLU B 399 -20.92 9.72 28.14
CA GLU B 399 -21.13 10.12 29.52
C GLU B 399 -19.83 10.67 30.11
N LEU B 400 -19.95 11.70 30.93
CA LEU B 400 -18.78 12.29 31.58
C LEU B 400 -18.45 11.53 32.86
N ARG B 401 -17.17 11.26 33.06
CA ARG B 401 -16.71 10.53 34.24
C ARG B 401 -15.40 11.14 34.73
N SER B 402 -15.27 11.27 36.04
CA SER B 402 -14.08 11.84 36.66
C SER B 402 -13.03 10.77 36.89
N LEU B 403 -11.77 11.19 36.93
CA LEU B 403 -10.68 10.26 37.13
C LEU B 403 -10.71 9.68 38.55
N ALA B 404 -10.24 8.45 38.68
CA ALA B 404 -10.11 7.77 39.96
C ALA B 404 -8.65 7.40 40.18
N SER B 405 -8.32 7.06 41.42
CA SER B 405 -6.94 6.78 41.78
C SER B 405 -6.49 5.37 41.45
N TRP B 406 -7.40 4.51 40.96
CA TRP B 406 -7.03 3.12 40.71
C TRP B 406 -6.15 2.98 39.46
N ILE B 407 -6.38 3.81 38.44
CA ILE B 407 -5.58 3.71 37.23
C ILE B 407 -4.13 4.09 37.52
N GLN B 408 -3.92 5.06 38.41
CA GLN B 408 -2.57 5.46 38.78
C GLN B 408 -1.82 4.30 39.42
N SER B 409 -2.46 3.62 40.38
CA SER B 409 -1.81 2.48 41.02
C SER B 409 -1.62 1.33 40.05
N GLU B 410 -2.57 1.13 39.13
CA GLU B 410 -2.44 0.08 38.14
C GLU B 410 -1.22 0.32 37.25
N PHE B 411 -1.03 1.57 36.80
CA PHE B 411 0.17 1.89 36.03
C PHE B 411 1.43 1.75 36.89
N ASN B 412 1.34 2.14 38.15
CA ASN B 412 2.50 2.03 39.04
C ASN B 412 2.97 0.59 39.12
N LYS B 413 2.04 -0.34 39.35
CA LYS B 413 2.40 -1.75 39.46
C LYS B 413 2.57 -2.42 38.10
N ALA B 414 2.21 -1.75 37.01
CA ALA B 414 2.51 -2.27 35.68
C ALA B 414 3.96 -2.03 35.27
N CYS B 415 4.69 -1.20 36.01
CA CYS B 415 6.10 -0.93 35.74
C CYS B 415 7.03 -1.64 36.72
N GLU B 416 6.49 -2.52 37.55
CA GLU B 416 7.28 -3.18 38.58
C GLU B 416 7.86 -4.49 38.05
N LEU B 417 8.99 -4.89 38.64
CA LEU B 417 9.65 -6.12 38.24
C LEU B 417 8.82 -7.33 38.71
N THR B 418 9.21 -8.51 38.23
CA THR B 418 8.51 -9.75 38.54
C THR B 418 9.54 -10.85 38.77
N ASP B 419 9.05 -12.02 39.17
CA ASP B 419 9.89 -13.19 39.43
C ASP B 419 9.89 -14.17 38.26
N SER B 420 9.73 -13.66 37.04
CA SER B 420 9.66 -14.52 35.87
C SER B 420 10.10 -13.74 34.65
N SER B 421 10.42 -14.47 33.58
CA SER B 421 10.78 -13.90 32.29
C SER B 421 9.63 -14.16 31.33
N TRP B 422 8.99 -13.09 30.87
CA TRP B 422 7.76 -13.20 30.09
C TRP B 422 8.00 -13.02 28.60
N ILE B 423 9.25 -12.99 28.16
CA ILE B 423 9.57 -12.88 26.73
C ILE B 423 10.61 -13.95 26.41
N GLU B 424 10.30 -14.79 25.43
CA GLU B 424 11.24 -15.79 24.89
C GLU B 424 11.43 -15.45 23.42
N LEU B 425 12.49 -14.69 23.12
CA LEU B 425 12.66 -14.16 21.78
C LEU B 425 13.09 -15.25 20.81
N ASP B 426 12.93 -14.94 19.52
CA ASP B 426 13.23 -15.90 18.46
C ASP B 426 14.73 -15.87 18.15
N GLU B 427 15.11 -16.50 17.04
CA GLU B 427 16.50 -16.60 16.64
C GLU B 427 16.81 -15.57 15.55
N ILE B 428 18.08 -15.18 15.49
CA ILE B 428 18.58 -14.26 14.48
C ILE B 428 19.87 -14.82 13.92
N GLY B 429 20.23 -14.35 12.72
CA GLY B 429 21.49 -14.76 12.11
C GLY B 429 22.66 -14.44 13.02
N GLU B 430 23.61 -15.37 13.11
CA GLU B 430 24.74 -15.17 14.01
C GLU B 430 25.46 -13.87 13.66
N ASP B 431 25.74 -13.07 14.68
CA ASP B 431 26.34 -11.76 14.45
C ASP B 431 27.74 -11.91 13.85
N VAL B 432 28.00 -11.16 12.79
CA VAL B 432 29.29 -11.21 12.11
C VAL B 432 30.05 -9.89 12.19
N ALA B 433 29.36 -8.75 12.30
CA ALA B 433 30.03 -7.47 12.34
C ALA B 433 30.13 -6.96 13.77
N PRO B 434 31.16 -6.19 14.11
CA PRO B 434 31.24 -5.64 15.47
C PRO B 434 30.02 -4.82 15.85
N ILE B 435 29.47 -4.05 14.89
CA ILE B 435 28.24 -3.31 15.18
C ILE B 435 27.12 -4.26 15.54
N GLU B 436 27.06 -5.42 14.89
CA GLU B 436 26.05 -6.41 15.26
C GLU B 436 26.27 -6.91 16.68
N HIS B 437 27.52 -7.09 17.09
CA HIS B 437 27.79 -7.49 18.47
C HIS B 437 27.33 -6.41 19.45
N ILE B 438 27.59 -5.14 19.13
CA ILE B 438 27.12 -4.06 20.00
C ILE B 438 25.61 -4.08 20.10
N ALA B 439 24.94 -4.24 18.95
CA ALA B 439 23.49 -4.30 18.94
C ALA B 439 22.97 -5.46 19.78
N SER B 440 23.61 -6.62 19.65
CA SER B 440 23.17 -7.79 20.40
C SER B 440 23.37 -7.58 21.90
N MET B 441 24.49 -6.97 22.30
CA MET B 441 24.70 -6.71 23.72
C MET B 441 23.67 -5.72 24.26
N ARG B 442 23.40 -4.65 23.51
CA ARG B 442 22.35 -3.72 23.91
C ARG B 442 21.02 -4.43 24.05
N ARG B 443 20.67 -5.26 23.06
CA ARG B 443 19.39 -5.95 23.07
C ARG B 443 19.29 -6.90 24.26
N ASN B 444 20.39 -7.60 24.58
CA ASN B 444 20.40 -8.47 25.74
C ASN B 444 20.20 -7.67 27.02
N TYR B 445 20.83 -6.50 27.13
CA TYR B 445 20.62 -5.66 28.31
C TYR B 445 19.14 -5.27 28.42
N PHE B 446 18.54 -4.79 27.34
CA PHE B 446 17.15 -4.38 27.43
C PHE B 446 16.23 -5.56 27.73
N THR B 447 16.51 -6.73 27.15
CA THR B 447 15.68 -7.90 27.43
C THR B 447 15.79 -8.28 28.90
N ALA B 448 17.00 -8.24 29.46
CA ALA B 448 17.15 -8.50 30.89
C ALA B 448 16.37 -7.49 31.71
N GLU B 449 16.30 -6.24 31.25
CA GLU B 449 15.60 -5.22 32.02
C GLU B 449 14.08 -5.36 31.93
N VAL B 450 13.56 -5.68 30.75
CA VAL B 450 12.11 -5.59 30.53
C VAL B 450 11.40 -6.94 30.62
N SER B 451 12.12 -8.05 30.46
CA SER B 451 11.47 -9.36 30.51
C SER B 451 10.76 -9.56 31.84
N HIS B 452 11.42 -9.22 32.94
CA HIS B 452 10.81 -9.29 34.27
C HIS B 452 10.04 -7.99 34.54
N CYS B 453 8.93 -7.83 33.81
CA CYS B 453 8.09 -6.65 33.93
C CYS B 453 6.65 -7.03 33.67
N ARG B 454 5.74 -6.48 34.47
CA ARG B 454 4.33 -6.78 34.28
C ARG B 454 3.82 -6.32 32.92
N ALA B 455 4.48 -5.32 32.33
CA ALA B 455 4.08 -4.88 31.00
C ALA B 455 4.27 -5.97 29.97
N THR B 456 5.38 -6.71 30.04
CA THR B 456 5.60 -7.82 29.13
C THR B 456 4.56 -8.93 29.34
N GLU B 457 4.22 -9.20 30.60
CA GLU B 457 3.19 -10.20 30.87
C GLU B 457 1.85 -9.77 30.27
N TYR B 458 1.50 -8.49 30.41
CA TYR B 458 0.27 -7.99 29.81
C TYR B 458 0.34 -8.11 28.29
N ILE B 459 1.51 -7.82 27.71
CA ILE B 459 1.66 -7.92 26.26
C ILE B 459 1.38 -9.35 25.82
N MET B 460 2.00 -10.33 26.47
CA MET B 460 1.80 -11.72 26.09
C MET B 460 0.35 -12.14 26.31
N LYS B 461 -0.25 -11.74 27.44
CA LYS B 461 -1.64 -12.07 27.69
C LYS B 461 -2.54 -11.55 26.57
N GLY B 462 -2.39 -10.27 26.24
CA GLY B 462 -3.23 -9.69 25.20
C GLY B 462 -3.01 -10.34 23.86
N VAL B 463 -1.75 -10.56 23.49
CA VAL B 463 -1.45 -11.16 22.20
C VAL B 463 -2.08 -12.53 22.10
N TYR B 464 -1.87 -13.38 23.10
CA TYR B 464 -2.41 -14.73 23.06
C TYR B 464 -3.94 -14.71 23.03
N ILE B 465 -4.55 -13.90 23.90
CA ILE B 465 -6.01 -13.89 23.99
C ILE B 465 -6.62 -13.42 22.68
N ASN B 466 -6.09 -12.33 22.13
CA ASN B 466 -6.65 -11.81 20.88
C ASN B 466 -6.40 -12.75 19.71
N THR B 467 -5.23 -13.40 19.66
CA THR B 467 -4.97 -14.36 18.59
C THR B 467 -5.96 -15.51 18.66
N ALA B 468 -6.14 -16.09 19.85
CA ALA B 468 -7.07 -17.20 19.99
C ALA B 468 -8.48 -16.76 19.65
N LEU B 469 -8.88 -15.57 20.10
CA LEU B 469 -10.24 -15.11 19.86
C LEU B 469 -10.48 -14.88 18.37
N LEU B 470 -9.52 -14.26 17.69
CA LEU B 470 -9.68 -14.04 16.25
C LEU B 470 -9.73 -15.35 15.48
N ASN B 471 -8.83 -16.29 15.82
CA ASN B 471 -8.83 -17.57 15.12
C ASN B 471 -10.13 -18.33 15.34
N ALA B 472 -10.63 -18.35 16.59
CA ALA B 472 -11.88 -19.01 16.87
C ALA B 472 -13.05 -18.34 16.15
N SER B 473 -13.07 -17.00 16.12
CA SER B 473 -14.13 -16.30 15.43
C SER B 473 -14.12 -16.62 13.94
N CYS B 474 -12.93 -16.69 13.34
CA CYS B 474 -12.85 -16.96 11.91
C CYS B 474 -13.17 -18.42 11.60
N ALA B 475 -12.90 -19.33 12.54
CA ALA B 475 -13.13 -20.75 12.31
C ALA B 475 -14.53 -21.17 12.75
N ALA B 476 -14.84 -21.01 14.03
CA ALA B 476 -16.14 -21.40 14.58
C ALA B 476 -17.00 -20.14 14.69
N MET B 477 -17.53 -19.73 13.54
CA MET B 477 -18.32 -18.50 13.50
C MET B 477 -19.64 -18.65 14.25
N ASP B 478 -20.26 -19.82 14.18
CA ASP B 478 -21.60 -20.02 14.70
C ASP B 478 -21.64 -20.41 16.17
N ASP B 479 -20.74 -21.28 16.60
CA ASP B 479 -20.93 -22.01 17.85
C ASP B 479 -20.00 -21.45 18.92
N PHE B 480 -20.52 -21.35 20.14
CA PHE B 480 -19.77 -20.79 21.24
C PHE B 480 -18.56 -21.66 21.57
N GLN B 481 -17.42 -21.03 21.82
CA GLN B 481 -16.17 -21.76 21.99
C GLN B 481 -15.48 -21.38 23.30
N LEU B 482 -14.86 -22.38 23.93
CA LEU B 482 -14.12 -22.22 25.17
C LEU B 482 -12.64 -22.06 24.88
N ILE B 483 -12.01 -21.06 25.50
CA ILE B 483 -10.58 -20.81 25.32
C ILE B 483 -9.97 -20.48 26.67
N PRO B 484 -9.07 -21.31 27.22
CA PRO B 484 -8.45 -20.95 28.51
C PRO B 484 -7.33 -19.94 28.31
N MET B 485 -7.32 -18.92 29.16
CA MET B 485 -6.26 -17.91 29.14
C MET B 485 -4.96 -18.56 29.61
N ILE B 486 -4.00 -18.70 28.71
CA ILE B 486 -2.74 -19.39 29.00
C ILE B 486 -1.59 -18.45 28.70
N SER B 487 -0.60 -18.46 29.60
CA SER B 487 0.64 -17.72 29.38
C SER B 487 1.78 -18.51 30.00
N LYS B 488 2.86 -18.70 29.26
CA LYS B 488 3.97 -19.51 29.70
C LYS B 488 5.19 -18.64 29.97
N CYS B 489 5.77 -18.79 31.15
CA CYS B 489 6.91 -18.03 31.61
C CYS B 489 8.04 -18.98 32.02
N ARG B 490 9.14 -18.38 32.49
CA ARG B 490 10.30 -19.14 32.96
C ARG B 490 10.74 -18.57 34.30
N THR B 491 10.92 -19.45 35.28
CA THR B 491 11.25 -19.02 36.63
C THR B 491 12.72 -18.59 36.72
N LYS B 492 13.07 -18.03 37.88
CA LYS B 492 14.46 -17.67 38.12
C LYS B 492 15.36 -18.90 38.08
N GLU B 493 14.87 -20.01 38.65
CA GLU B 493 15.63 -21.26 38.62
C GLU B 493 15.84 -21.77 37.20
N GLY B 494 15.07 -21.28 36.23
CA GLY B 494 15.18 -21.70 34.85
C GLY B 494 14.10 -22.68 34.40
N ARG B 495 13.32 -23.23 35.33
CA ARG B 495 12.27 -24.17 34.97
C ARG B 495 11.13 -23.44 34.28
N ARG B 496 10.70 -23.97 33.15
CA ARG B 496 9.57 -23.39 32.43
C ARG B 496 8.27 -23.67 33.17
N LYS B 497 7.28 -22.81 32.96
CA LYS B 497 6.04 -22.89 33.73
C LYS B 497 4.90 -22.35 32.87
N THR B 498 3.71 -22.89 33.09
CA THR B 498 2.49 -22.43 32.47
C THR B 498 1.63 -21.74 33.52
N ASN B 499 0.76 -20.84 33.06
CA ASN B 499 -0.10 -20.06 33.95
C ASN B 499 -1.48 -19.94 33.31
N LEU B 500 -2.51 -20.20 34.10
CA LEU B 500 -3.90 -20.17 33.65
C LEU B 500 -4.64 -19.09 34.43
N TYR B 501 -4.89 -17.96 33.78
CA TYR B 501 -5.63 -16.89 34.44
C TYR B 501 -7.12 -17.18 34.53
N GLY B 502 -7.69 -17.81 33.51
CA GLY B 502 -9.11 -18.10 33.50
C GLY B 502 -9.61 -18.65 32.19
N PHE B 503 -10.79 -18.21 31.77
CA PHE B 503 -11.41 -18.72 30.55
C PHE B 503 -12.12 -17.60 29.82
N ILE B 504 -12.28 -17.80 28.52
CA ILE B 504 -13.03 -16.89 27.64
C ILE B 504 -14.00 -17.75 26.83
N ILE B 505 -15.26 -17.35 26.81
CA ILE B 505 -16.26 -17.99 25.97
C ILE B 505 -16.59 -17.02 24.85
N LYS B 506 -16.20 -17.39 23.63
CA LYS B 506 -16.50 -16.60 22.45
C LYS B 506 -17.86 -17.00 21.89
N GLY B 507 -18.64 -15.99 21.49
CA GLY B 507 -19.96 -16.20 20.94
C GLY B 507 -19.98 -16.05 19.43
N ARG B 508 -21.20 -15.91 18.90
CA ARG B 508 -21.37 -15.75 17.46
C ARG B 508 -20.52 -14.59 16.96
N SER B 509 -19.74 -14.84 15.92
CA SER B 509 -18.76 -13.88 15.43
C SER B 509 -18.83 -13.74 13.91
N HIS B 510 -20.04 -13.59 13.38
CA HIS B 510 -20.23 -13.34 11.95
C HIS B 510 -19.88 -11.88 11.66
N LEU B 511 -18.58 -11.61 11.64
CA LEU B 511 -18.05 -10.26 11.54
C LEU B 511 -17.82 -9.94 10.07
N ARG B 512 -18.59 -9.00 9.53
CA ARG B 512 -18.42 -8.56 8.15
C ARG B 512 -17.56 -7.30 8.07
N ASN B 513 -17.98 -6.22 8.73
CA ASN B 513 -17.22 -4.99 8.73
C ASN B 513 -16.14 -5.04 9.80
N ASP B 514 -15.12 -4.20 9.62
CA ASP B 514 -14.05 -4.11 10.61
C ASP B 514 -14.53 -3.58 11.96
N THR B 515 -15.73 -2.99 12.01
CA THR B 515 -16.28 -2.47 13.25
C THR B 515 -17.30 -3.39 13.89
N ASP B 516 -17.74 -4.45 13.18
CA ASP B 516 -18.68 -5.38 13.77
C ASP B 516 -18.11 -5.99 15.03
N VAL B 517 -18.98 -6.24 16.01
CA VAL B 517 -18.57 -6.61 17.36
C VAL B 517 -18.85 -8.09 17.58
N VAL B 518 -17.83 -8.78 18.08
CA VAL B 518 -17.97 -10.15 18.60
C VAL B 518 -18.00 -10.05 20.11
N ASN B 519 -19.03 -10.62 20.72
CA ASN B 519 -19.21 -10.61 22.16
C ASN B 519 -18.69 -11.91 22.76
N PHE B 520 -18.02 -11.80 23.89
CA PHE B 520 -17.57 -12.96 24.65
C PHE B 520 -17.78 -12.67 26.13
N VAL B 521 -17.63 -13.72 26.94
CA VAL B 521 -17.69 -13.59 28.39
C VAL B 521 -16.38 -14.09 28.96
N SER B 522 -15.76 -13.28 29.81
CA SER B 522 -14.45 -13.56 30.39
C SER B 522 -14.58 -13.84 31.87
N MET B 523 -13.89 -14.89 32.32
CA MET B 523 -13.85 -15.29 33.73
C MET B 523 -12.39 -15.36 34.13
N GLU B 524 -12.04 -14.72 35.24
CA GLU B 524 -10.65 -14.70 35.69
C GLU B 524 -10.56 -14.83 37.20
N PHE B 525 -9.66 -15.70 37.66
CA PHE B 525 -9.43 -15.85 39.09
C PHE B 525 -8.68 -14.65 39.63
N SER B 526 -8.90 -14.35 40.91
CA SER B 526 -8.19 -13.26 41.55
C SER B 526 -8.32 -13.41 43.06
N LEU B 527 -7.51 -12.64 43.79
CA LEU B 527 -7.61 -12.55 45.23
C LEU B 527 -8.02 -11.17 45.73
N THR B 528 -8.06 -10.18 44.85
CA THR B 528 -8.39 -8.82 45.26
C THR B 528 -9.88 -8.72 45.56
N ASP B 529 -10.21 -8.36 46.79
CA ASP B 529 -11.61 -8.21 47.17
C ASP B 529 -12.23 -7.03 46.44
N PRO B 530 -13.36 -7.20 45.75
CA PRO B 530 -13.99 -6.09 45.04
C PRO B 530 -14.81 -5.16 45.92
N ARG B 531 -14.80 -5.35 47.24
CA ARG B 531 -15.56 -4.51 48.15
C ARG B 531 -14.81 -3.25 48.57
N LEU B 532 -13.59 -3.06 48.08
CA LEU B 532 -12.79 -1.89 48.45
C LEU B 532 -12.77 -0.82 47.38
N GLU B 533 -12.86 -1.18 46.10
CA GLU B 533 -12.92 -0.21 45.01
C GLU B 533 -14.05 -0.59 44.07
N PRO B 534 -15.29 -0.56 44.55
CA PRO B 534 -16.41 -1.04 43.72
C PRO B 534 -16.59 -0.25 42.44
N HIS B 535 -16.30 1.05 42.45
CA HIS B 535 -16.54 1.86 41.25
C HIS B 535 -15.65 1.44 40.09
N LYS B 536 -14.55 0.73 40.35
CA LYS B 536 -13.69 0.26 39.29
C LYS B 536 -14.25 -0.97 38.58
N TRP B 537 -15.23 -1.64 39.18
CA TRP B 537 -15.79 -2.88 38.65
C TRP B 537 -17.27 -2.71 38.33
N GLU B 538 -17.63 -1.61 37.67
CA GLU B 538 -19.04 -1.34 37.41
C GLU B 538 -19.66 -2.41 36.51
N LYS B 539 -18.90 -2.92 35.55
CA LYS B 539 -19.41 -3.84 34.55
C LYS B 539 -19.06 -5.29 34.82
N TYR B 540 -18.51 -5.59 36.00
CA TYR B 540 -18.09 -6.94 36.35
C TYR B 540 -19.09 -7.56 37.32
N CYS B 541 -19.20 -8.88 37.27
CA CYS B 541 -19.88 -9.67 38.30
C CYS B 541 -18.83 -10.55 38.96
N VAL B 542 -18.71 -10.46 40.29
CA VAL B 542 -17.64 -11.12 41.01
C VAL B 542 -18.26 -12.11 41.99
N LEU B 543 -17.85 -13.37 41.88
CA LEU B 543 -18.29 -14.45 42.75
C LEU B 543 -17.17 -14.85 43.71
N GLU B 544 -17.53 -15.68 44.69
CA GLU B 544 -16.56 -16.33 45.57
C GLU B 544 -16.49 -17.79 45.20
N ILE B 545 -15.32 -18.25 44.77
CA ILE B 545 -15.18 -19.60 44.25
C ILE B 545 -14.25 -20.48 45.08
N GLY B 546 -13.36 -19.92 45.90
CA GLY B 546 -12.54 -20.79 46.70
C GLY B 546 -11.71 -20.06 47.72
N ASP B 547 -10.73 -20.78 48.27
CA ASP B 547 -9.77 -20.22 49.22
C ASP B 547 -8.37 -20.69 48.83
N MET B 548 -7.39 -19.80 48.96
CA MET B 548 -6.02 -20.07 48.60
C MET B 548 -5.12 -19.93 49.81
N LEU B 549 -4.08 -20.77 49.88
CA LEU B 549 -3.12 -20.76 50.98
C LEU B 549 -1.72 -20.55 50.40
N LEU B 550 -1.20 -19.33 50.53
CA LEU B 550 0.15 -19.01 50.11
C LEU B 550 1.06 -18.89 51.34
N ARG B 551 2.23 -19.51 51.25
CA ARG B 551 3.13 -19.60 52.40
C ARG B 551 3.55 -18.21 52.84
N SER B 552 3.23 -17.85 54.07
CA SER B 552 3.64 -16.58 54.67
C SER B 552 4.03 -16.82 56.12
N ALA B 553 4.87 -15.93 56.64
CA ALA B 553 5.33 -16.05 58.02
C ALA B 553 4.20 -15.88 59.03
N ILE B 554 3.08 -15.28 58.64
CA ILE B 554 1.93 -15.10 59.54
C ILE B 554 1.08 -16.36 59.39
N GLY B 555 1.47 -17.40 60.13
CA GLY B 555 0.84 -18.69 59.97
C GLY B 555 0.71 -19.04 58.50
N GLN B 556 -0.53 -19.10 58.01
CA GLN B 556 -0.76 -19.10 56.57
C GLN B 556 -2.07 -18.37 56.32
N VAL B 557 -2.06 -17.50 55.30
CA VAL B 557 -3.11 -16.48 55.16
C VAL B 557 -4.48 -17.13 55.00
N SER B 558 -4.58 -18.12 54.12
CA SER B 558 -5.88 -18.71 53.76
C SER B 558 -6.84 -17.64 53.26
N ARG B 559 -6.38 -16.89 52.25
CA ARG B 559 -7.14 -15.80 51.67
C ARG B 559 -8.34 -16.32 50.88
N PRO B 560 -9.38 -15.52 50.72
CA PRO B 560 -10.44 -15.85 49.76
C PRO B 560 -9.91 -15.77 48.33
N MET B 561 -10.65 -16.39 47.42
CA MET B 561 -10.23 -16.46 46.02
C MET B 561 -11.48 -16.32 45.16
N PHE B 562 -11.62 -15.18 44.50
CA PHE B 562 -12.83 -14.76 43.82
C PHE B 562 -12.68 -14.95 42.31
N LEU B 563 -13.82 -14.87 41.62
CA LEU B 563 -13.89 -15.00 40.18
C LEU B 563 -14.52 -13.75 39.60
N TYR B 564 -13.76 -12.98 38.84
CA TYR B 564 -14.29 -11.82 38.13
C TYR B 564 -14.85 -12.30 36.79
N VAL B 565 -16.17 -12.14 36.62
CA VAL B 565 -16.88 -12.58 35.43
C VAL B 565 -17.54 -11.37 34.79
N ARG B 566 -17.37 -11.22 33.49
CA ARG B 566 -17.98 -10.08 32.81
C ARG B 566 -18.26 -10.43 31.35
N THR B 567 -19.15 -9.65 30.75
CA THR B 567 -19.43 -9.71 29.32
C THR B 567 -18.68 -8.57 28.64
N ASN B 568 -17.80 -8.92 27.70
CA ASN B 568 -17.01 -7.95 26.97
C ASN B 568 -17.19 -8.19 25.48
N GLY B 569 -16.60 -7.32 24.67
CA GLY B 569 -16.69 -7.45 23.24
C GLY B 569 -15.49 -6.81 22.56
N THR B 570 -15.24 -7.26 21.34
CA THR B 570 -14.15 -6.72 20.54
C THR B 570 -14.57 -6.68 19.08
N SER B 571 -13.63 -6.34 18.21
CA SER B 571 -13.90 -6.29 16.78
C SER B 571 -12.64 -6.74 16.04
N LYS B 572 -12.80 -7.00 14.74
CA LYS B 572 -11.68 -7.47 13.95
C LYS B 572 -10.49 -6.51 14.05
N ILE B 573 -10.75 -5.21 13.94
CA ILE B 573 -9.67 -4.24 14.05
C ILE B 573 -9.04 -4.28 15.44
N LYS B 574 -9.88 -4.34 16.48
CA LYS B 574 -9.34 -4.38 17.84
C LYS B 574 -8.54 -5.65 18.08
N MET B 575 -9.04 -6.80 17.59
CA MET B 575 -8.28 -8.04 17.75
C MET B 575 -6.95 -7.95 17.03
N LYS B 576 -6.96 -7.45 15.79
CA LYS B 576 -5.72 -7.36 15.03
C LYS B 576 -4.71 -6.45 15.72
N TRP B 577 -5.17 -5.31 16.23
CA TRP B 577 -4.24 -4.38 16.87
C TRP B 577 -3.79 -4.85 18.23
N GLY B 578 -4.63 -5.60 18.96
CA GLY B 578 -4.20 -6.17 20.21
C GLY B 578 -3.28 -7.35 20.07
N MET B 579 -3.31 -8.02 18.92
CA MET B 579 -2.37 -9.09 18.65
C MET B 579 -1.02 -8.57 18.13
N GLU B 580 -0.89 -7.27 17.94
CA GLU B 580 0.39 -6.64 17.61
C GLU B 580 0.87 -5.76 18.75
N MET B 581 0.66 -6.21 19.99
CA MET B 581 1.10 -5.45 21.14
C MET B 581 2.60 -5.51 21.36
N ARG B 582 3.31 -6.40 20.66
CA ARG B 582 4.75 -6.52 20.86
C ARG B 582 5.52 -5.32 20.36
N ARG B 583 4.91 -4.48 19.51
CA ARG B 583 5.58 -3.27 19.05
C ARG B 583 5.66 -2.20 20.13
N CYS B 584 4.98 -2.38 21.26
CA CYS B 584 5.23 -1.52 22.41
C CYS B 584 6.66 -1.67 22.90
N LEU B 585 7.16 -2.90 22.93
CA LEU B 585 8.57 -3.14 23.21
C LEU B 585 9.44 -2.31 22.29
N LEU B 586 9.13 -2.34 20.98
CA LEU B 586 9.89 -1.55 20.03
C LEU B 586 9.84 -0.09 20.45
N GLN B 587 8.66 0.53 20.40
CA GLN B 587 8.54 1.94 20.75
C GLN B 587 9.40 2.31 21.96
N SER B 588 9.20 1.61 23.07
CA SER B 588 9.91 1.96 24.30
C SER B 588 11.42 1.86 24.09
N LEU B 589 11.89 0.74 23.55
CA LEU B 589 13.32 0.51 23.55
C LEU B 589 14.01 1.32 22.46
N GLN B 590 13.28 1.66 21.40
CA GLN B 590 13.77 2.64 20.43
C GLN B 590 13.97 3.99 21.10
N GLN B 591 13.03 4.40 21.96
CA GLN B 591 13.22 5.66 22.68
C GLN B 591 14.48 5.59 23.55
N ILE B 592 14.64 4.50 24.29
CA ILE B 592 15.81 4.39 25.18
C ILE B 592 17.09 4.35 24.37
N GLU B 593 17.10 3.62 23.25
CA GLU B 593 18.30 3.53 22.44
C GLU B 593 18.62 4.87 21.78
N SER B 594 17.60 5.64 21.43
CA SER B 594 17.83 6.99 20.96
C SER B 594 18.49 7.84 22.04
N MET B 595 18.01 7.73 23.27
CA MET B 595 18.66 8.42 24.38
C MET B 595 20.13 8.02 24.47
N ILE B 596 20.40 6.72 24.43
CA ILE B 596 21.76 6.22 24.60
C ILE B 596 22.65 6.72 23.47
N GLU B 597 22.17 6.66 22.24
CA GLU B 597 22.95 7.11 21.09
C GLU B 597 23.20 8.61 21.16
N ALA B 598 22.19 9.38 21.53
CA ALA B 598 22.36 10.83 21.64
C ALA B 598 23.41 11.17 22.67
N GLU B 599 23.38 10.49 23.83
CA GLU B 599 24.39 10.76 24.84
C GLU B 599 25.77 10.28 24.40
N SER B 600 25.84 9.17 23.68
CA SER B 600 27.11 8.63 23.23
C SER B 600 27.71 9.42 22.07
N SER B 601 26.89 10.19 21.35
CA SER B 601 27.46 11.10 20.35
C SER B 601 28.27 12.21 21.01
N VAL B 602 28.04 12.47 22.30
CA VAL B 602 28.82 13.47 23.01
C VAL B 602 30.20 12.91 23.38
N LYS B 603 30.22 11.82 24.14
CA LYS B 603 31.44 11.12 24.48
C LYS B 603 31.70 10.05 23.43
N GLU B 604 32.84 10.12 22.74
CA GLU B 604 33.07 9.26 21.60
C GLU B 604 33.32 7.83 22.06
N LYS B 605 32.25 7.16 22.52
CA LYS B 605 32.33 5.81 23.03
C LYS B 605 30.93 5.29 23.32
N ASP B 606 30.70 3.99 23.18
CA ASP B 606 29.41 3.42 23.54
C ASP B 606 29.21 3.49 25.04
N MET B 607 28.02 3.94 25.45
CA MET B 607 27.76 4.30 26.84
C MET B 607 26.70 3.40 27.46
N THR B 608 26.40 2.27 26.83
CA THR B 608 25.32 1.42 27.31
C THR B 608 25.67 0.74 28.62
N LYS B 609 26.87 0.17 28.71
CA LYS B 609 27.20 -0.67 29.85
C LYS B 609 27.17 0.11 31.15
N GLU B 610 27.76 1.31 31.16
CA GLU B 610 27.78 2.11 32.38
C GLU B 610 26.39 2.63 32.71
N PHE B 611 25.60 2.98 31.69
CA PHE B 611 24.22 3.36 31.95
C PHE B 611 23.47 2.26 32.67
N PHE B 612 23.62 1.01 32.23
CA PHE B 612 22.82 -0.07 32.80
C PHE B 612 23.40 -0.64 34.09
N GLU B 613 24.70 -0.50 34.33
CA GLU B 613 25.30 -1.03 35.56
C GLU B 613 25.56 0.04 36.62
N ASN B 614 26.27 1.12 36.28
CA ASN B 614 26.58 2.13 37.29
C ASN B 614 25.32 2.81 37.79
N LYS B 615 24.35 3.07 36.92
CA LYS B 615 23.07 3.67 37.32
C LYS B 615 23.28 5.04 37.96
N SER B 616 24.36 5.73 37.58
CA SER B 616 24.61 7.06 38.14
C SER B 616 23.60 8.07 37.62
N GLU B 617 23.42 8.13 36.30
CA GLU B 617 22.46 9.06 35.71
C GLU B 617 21.04 8.56 35.90
N THR B 618 20.13 9.49 36.17
CA THR B 618 18.73 9.14 36.38
C THR B 618 17.85 10.21 35.74
N TRP B 619 16.64 9.81 35.36
CA TRP B 619 15.68 10.71 34.73
C TRP B 619 14.45 10.87 35.59
N PRO B 620 13.80 12.04 35.59
CA PRO B 620 12.54 12.17 36.33
C PRO B 620 11.45 11.28 35.75
N ILE B 621 11.02 10.28 36.53
CA ILE B 621 10.08 9.29 36.03
C ILE B 621 8.90 9.14 36.98
N GLY B 622 8.64 10.16 37.77
CA GLY B 622 7.53 10.14 38.70
C GLY B 622 7.75 11.13 39.83
N GLU B 623 6.66 11.43 40.54
CA GLU B 623 6.66 12.39 41.63
C GLU B 623 6.10 11.74 42.88
N SER B 624 6.80 11.90 43.99
CA SER B 624 6.36 11.49 45.31
C SER B 624 5.97 12.71 46.14
N PRO B 625 5.16 12.54 47.18
CA PRO B 625 4.81 13.70 48.01
C PRO B 625 6.02 14.51 48.47
N LYS B 626 7.17 13.85 48.66
CA LYS B 626 8.39 14.59 48.95
C LYS B 626 8.82 15.45 47.78
N GLY B 627 8.67 14.96 46.56
CA GLY B 627 9.06 15.70 45.38
C GLY B 627 9.19 14.78 44.18
N VAL B 628 9.88 15.29 43.16
CA VAL B 628 10.09 14.52 41.94
C VAL B 628 11.13 13.44 42.20
N GLU B 629 10.83 12.23 41.77
CA GLU B 629 11.70 11.08 41.95
C GLU B 629 12.32 10.66 40.62
N GLU B 630 13.61 10.38 40.64
CA GLU B 630 14.35 9.96 39.45
C GLU B 630 14.76 8.50 39.59
N GLY B 631 14.77 7.79 38.46
CA GLY B 631 15.12 6.39 38.44
C GLY B 631 16.15 6.11 37.36
N SER B 632 16.78 4.93 37.48
CA SER B 632 17.81 4.54 36.54
C SER B 632 17.21 4.34 35.15
N ILE B 633 18.08 4.02 34.18
CA ILE B 633 17.63 3.89 32.80
C ILE B 633 16.69 2.70 32.66
N GLY B 634 16.92 1.64 33.42
CA GLY B 634 16.03 0.49 33.36
C GLY B 634 14.61 0.82 33.77
N LYS B 635 14.46 1.63 34.82
CA LYS B 635 13.14 2.05 35.24
C LYS B 635 12.48 2.92 34.17
N VAL B 636 13.25 3.75 33.48
CA VAL B 636 12.69 4.51 32.36
C VAL B 636 12.23 3.56 31.26
N CYS B 637 13.02 2.53 30.97
CA CYS B 637 12.61 1.53 29.99
C CYS B 637 11.26 0.93 30.36
N ARG B 638 11.14 0.48 31.62
CA ARG B 638 9.90 -0.15 32.06
C ARG B 638 8.73 0.83 32.02
N THR B 639 8.97 2.08 32.41
CA THR B 639 7.91 3.08 32.41
C THR B 639 7.40 3.34 31.00
N LEU B 640 8.31 3.51 30.04
CA LEU B 640 7.89 3.74 28.67
C LEU B 640 7.19 2.52 28.10
N LEU B 641 7.67 1.32 28.43
CA LEU B 641 7.00 0.11 27.97
C LEU B 641 5.59 0.03 28.52
N ALA B 642 5.40 0.36 29.80
CA ALA B 642 4.07 0.35 30.38
C ALA B 642 3.18 1.41 29.73
N LYS B 643 3.74 2.58 29.44
CA LYS B 643 2.96 3.61 28.78
C LYS B 643 2.48 3.14 27.42
N SER B 644 3.36 2.51 26.64
CA SER B 644 2.97 2.00 25.33
C SER B 644 1.93 0.89 25.46
N VAL B 645 2.10 0.01 26.44
CA VAL B 645 1.14 -1.09 26.63
C VAL B 645 -0.23 -0.53 26.97
N PHE B 646 -0.28 0.47 27.85
CA PHE B 646 -1.57 1.06 28.21
C PHE B 646 -2.16 1.84 27.06
N ASN B 647 -1.32 2.46 26.22
CA ASN B 647 -1.82 3.09 25.00
C ASN B 647 -2.49 2.05 24.10
N SER B 648 -1.88 0.88 23.98
CA SER B 648 -2.46 -0.17 23.15
C SER B 648 -3.69 -0.79 23.78
N LEU B 649 -3.79 -0.77 25.11
CA LEU B 649 -4.92 -1.39 25.80
C LEU B 649 -6.13 -0.46 25.85
N TYR B 650 -5.92 0.79 26.24
CA TYR B 650 -6.99 1.77 26.38
C TYR B 650 -7.08 2.70 25.18
N ALA B 651 -6.77 2.20 23.99
CA ALA B 651 -6.80 3.05 22.80
C ALA B 651 -8.21 3.55 22.53
N SER B 652 -8.32 4.79 22.08
CA SER B 652 -9.61 5.39 21.77
C SER B 652 -9.41 6.71 21.04
N PRO B 653 -10.44 7.23 20.37
CA PRO B 653 -10.28 8.53 19.70
C PRO B 653 -9.92 9.65 20.67
N GLN B 654 -10.43 9.60 21.89
CA GLN B 654 -10.05 10.57 22.90
C GLN B 654 -8.54 10.61 23.08
N LEU B 655 -7.91 9.44 23.13
CA LEU B 655 -6.47 9.39 23.30
C LEU B 655 -5.75 10.09 22.17
N GLU B 656 -6.15 9.83 20.92
CA GLU B 656 -5.50 10.46 19.78
C GLU B 656 -5.66 11.96 19.81
N GLY B 657 -6.89 12.44 20.02
CA GLY B 657 -7.13 13.86 20.04
C GLY B 657 -6.35 14.56 21.14
N PHE B 658 -6.41 14.01 22.34
CA PHE B 658 -5.66 14.60 23.45
C PHE B 658 -4.17 14.57 23.18
N SER B 659 -3.66 13.46 22.63
CA SER B 659 -2.24 13.37 22.36
C SER B 659 -1.79 14.48 21.41
N ALA B 660 -2.53 14.68 20.32
CA ALA B 660 -2.14 15.72 19.36
C ALA B 660 -2.24 17.11 19.99
N GLU B 661 -3.39 17.43 20.58
CA GLU B 661 -3.61 18.79 21.08
C GLU B 661 -2.80 19.08 22.32
N SER B 662 -2.27 18.07 23.00
CA SER B 662 -1.38 18.27 24.13
C SER B 662 0.09 18.25 23.73
N ARG B 663 0.43 17.55 22.63
CA ARG B 663 1.76 17.68 22.08
C ARG B 663 1.99 19.09 21.57
N LYS B 664 0.97 19.71 21.01
CA LYS B 664 1.10 21.12 20.62
C LYS B 664 1.50 21.99 21.82
N LEU B 665 0.75 21.87 22.91
CA LEU B 665 1.04 22.68 24.09
C LEU B 665 2.36 22.30 24.72
N LEU B 666 2.74 21.03 24.66
CA LEU B 666 4.04 20.61 25.16
C LEU B 666 5.16 21.25 24.38
N LEU B 667 5.02 21.32 23.05
CA LEU B 667 6.02 22.01 22.24
C LEU B 667 6.09 23.49 22.59
N ILE B 668 4.93 24.12 22.81
CA ILE B 668 4.94 25.54 23.20
C ILE B 668 5.67 25.71 24.53
N VAL B 669 5.38 24.83 25.50
CA VAL B 669 6.01 24.95 26.82
C VAL B 669 7.51 24.71 26.71
N GLN B 670 7.92 23.75 25.86
CA GLN B 670 9.34 23.49 25.66
C GLN B 670 10.02 24.71 25.05
N ALA B 671 9.37 25.37 24.10
CA ALA B 671 9.91 26.59 23.54
C ALA B 671 10.06 27.66 24.62
N LEU B 672 9.07 27.75 25.52
CA LEU B 672 9.17 28.70 26.62
C LEU B 672 10.38 28.38 27.50
N ARG B 673 10.55 27.10 27.85
CA ARG B 673 11.65 26.71 28.71
C ARG B 673 13.01 26.88 28.04
N ASP B 674 13.04 26.93 26.71
CA ASP B 674 14.28 27.10 25.97
C ASP B 674 14.62 28.57 25.73
N ASN B 675 13.83 29.50 26.26
CA ASN B 675 14.07 30.93 26.10
C ASN B 675 14.01 31.33 24.62
N LEU B 676 12.91 30.95 23.97
CA LEU B 676 12.71 31.23 22.55
C LEU B 676 11.54 32.17 22.31
N GLU B 677 11.13 32.94 23.31
CA GLU B 677 10.08 33.93 23.22
C GLU B 677 8.86 33.37 22.46
N PRO B 678 8.27 32.28 22.95
CA PRO B 678 7.11 31.72 22.27
C PRO B 678 5.91 32.65 22.33
N GLY B 679 5.06 32.54 21.32
CA GLY B 679 3.86 33.35 21.24
C GLY B 679 2.72 32.54 20.67
N THR B 680 1.51 32.98 20.99
CA THR B 680 0.31 32.29 20.55
C THR B 680 -0.68 33.31 20.02
N PHE B 681 -1.51 32.87 19.07
CA PHE B 681 -2.57 33.70 18.51
C PHE B 681 -3.90 33.51 19.22
N ASP B 682 -4.23 32.28 19.60
CA ASP B 682 -5.43 32.01 20.39
C ASP B 682 -5.12 30.80 21.27
N LEU B 683 -4.67 31.05 22.50
CA LEU B 683 -4.36 29.95 23.41
C LEU B 683 -5.63 29.36 24.00
N GLY B 684 -6.65 30.18 24.23
CA GLY B 684 -7.91 29.64 24.71
C GLY B 684 -8.51 28.62 23.77
N GLY B 685 -8.38 28.86 22.46
CA GLY B 685 -8.85 27.88 21.50
C GLY B 685 -8.13 26.56 21.61
N LEU B 686 -6.81 26.61 21.77
CA LEU B 686 -6.04 25.37 21.96
C LEU B 686 -6.47 24.66 23.24
N TYR B 687 -6.67 25.40 24.33
CA TYR B 687 -7.11 24.79 25.58
C TYR B 687 -8.46 24.12 25.40
N GLU B 688 -9.40 24.80 24.74
CA GLU B 688 -10.71 24.20 24.50
C GLU B 688 -10.60 22.96 23.61
N ALA B 689 -9.67 22.98 22.65
CA ALA B 689 -9.46 21.80 21.82
C ALA B 689 -8.92 20.63 22.64
N ILE B 690 -8.04 20.90 23.59
CA ILE B 690 -7.52 19.82 24.43
C ILE B 690 -8.60 19.29 25.36
N GLU B 691 -9.36 20.20 25.97
CA GLU B 691 -10.30 19.81 27.01
C GLU B 691 -11.51 19.05 26.47
N GLU B 692 -11.78 19.14 25.17
CA GLU B 692 -12.93 18.42 24.60
C GLU B 692 -12.63 16.95 24.36
N CYS B 693 -11.37 16.53 24.43
CA CYS B 693 -11.02 15.13 24.27
C CYS B 693 -11.15 14.33 25.56
N LEU B 694 -11.22 14.99 26.70
CA LEU B 694 -11.29 14.32 28.00
C LEU B 694 -12.76 14.12 28.35
N ILE B 695 -13.27 12.89 28.19
CA ILE B 695 -14.68 12.63 28.45
C ILE B 695 -14.85 11.56 29.52
N ASN B 696 -14.46 10.32 29.22
CA ASN B 696 -14.63 9.24 30.18
C ASN B 696 -13.53 8.19 30.17
N ASP B 697 -12.50 8.34 29.35
CA ASP B 697 -11.50 7.26 29.27
C ASP B 697 -10.52 7.39 30.43
N PRO B 698 -10.34 6.36 31.26
CA PRO B 698 -9.38 6.49 32.37
C PRO B 698 -7.98 6.85 31.92
N TRP B 699 -7.53 6.27 30.80
CA TRP B 699 -6.15 6.48 30.38
C TRP B 699 -5.91 7.94 29.97
N VAL B 700 -6.83 8.52 29.18
CA VAL B 700 -6.63 9.89 28.74
C VAL B 700 -6.74 10.85 29.91
N LEU B 701 -7.64 10.58 30.86
CA LEU B 701 -7.73 11.43 32.04
C LEU B 701 -6.47 11.36 32.87
N LEU B 702 -5.90 10.15 33.02
CA LEU B 702 -4.63 10.03 33.73
C LEU B 702 -3.52 10.79 33.00
N ASN B 703 -3.52 10.72 31.68
CA ASN B 703 -2.53 11.47 30.90
C ASN B 703 -2.70 12.97 31.12
N ALA B 704 -3.94 13.45 31.17
CA ALA B 704 -4.19 14.86 31.42
C ALA B 704 -3.72 15.27 32.81
N SER B 705 -3.96 14.41 33.81
CA SER B 705 -3.47 14.70 35.15
C SER B 705 -1.95 14.75 35.17
N TRP B 706 -1.30 13.82 34.45
CA TRP B 706 0.15 13.85 34.33
C TRP B 706 0.62 15.13 33.68
N PHE B 707 -0.09 15.59 32.65
CA PHE B 707 0.28 16.83 31.97
C PHE B 707 0.16 18.02 32.90
N ASN B 708 -0.92 18.06 33.71
CA ASN B 708 -1.06 19.13 34.68
C ASN B 708 0.08 19.11 35.70
N SER B 709 0.44 17.92 36.17
CA SER B 709 1.55 17.82 37.11
C SER B 709 2.85 18.27 36.47
N PHE B 710 3.06 17.92 35.20
CA PHE B 710 4.28 18.35 34.50
C PHE B 710 4.32 19.86 34.35
N LEU B 711 3.18 20.48 34.03
CA LEU B 711 3.13 21.94 33.97
C LEU B 711 3.44 22.55 35.33
N THR B 712 2.87 21.98 36.40
CA THR B 712 3.13 22.52 37.73
C THR B 712 4.61 22.43 38.09
N HIS B 713 5.23 21.28 37.80
CA HIS B 713 6.65 21.11 38.09
C HIS B 713 7.52 21.92 37.13
N ALA B 714 7.12 22.01 35.87
CA ALA B 714 7.79 22.89 34.92
C ALA B 714 7.37 24.32 35.20
N LEU B 715 7.79 25.25 34.34
CA LEU B 715 7.44 26.66 34.49
C LEU B 715 7.98 27.20 35.82
N ARG B 716 9.28 27.02 36.02
CA ARG B 716 9.94 27.46 37.25
C ARG B 716 11.34 27.97 36.96
N MET C 1 5.58 6.22 45.71
CA MET C 1 5.94 7.01 44.49
C MET C 1 5.03 6.65 43.33
N ASP C 2 4.53 7.68 42.65
CA ASP C 2 3.66 7.50 41.49
C ASP C 2 4.45 7.75 40.22
N VAL C 3 4.40 6.79 39.30
CA VAL C 3 5.14 6.88 38.05
C VAL C 3 4.41 7.81 37.09
N ASN C 4 5.17 8.67 36.41
CA ASN C 4 4.60 9.62 35.47
C ASN C 4 5.56 9.83 34.30
N PRO C 5 5.32 9.21 33.15
CA PRO C 5 6.26 9.36 32.02
C PRO C 5 6.42 10.80 31.56
N THR C 6 5.36 11.62 31.63
CA THR C 6 5.45 12.97 31.10
C THR C 6 6.55 13.78 31.78
N LEU C 7 6.80 13.52 33.07
CA LEU C 7 7.85 14.24 33.77
C LEU C 7 9.21 14.01 33.13
N LEU C 8 9.35 12.97 32.31
CA LEU C 8 10.60 12.74 31.58
C LEU C 8 10.96 13.94 30.72
N PHE C 9 9.98 14.74 30.31
CA PHE C 9 10.28 15.92 29.50
C PHE C 9 10.98 17.02 30.27
N LEU C 10 11.04 16.92 31.60
CA LEU C 10 11.76 17.92 32.39
C LEU C 10 13.27 17.80 32.24
N LYS C 11 13.77 16.67 31.76
CA LYS C 11 15.19 16.47 31.50
C LYS C 11 15.50 16.27 30.04
N VAL C 12 14.66 15.55 29.31
CA VAL C 12 14.83 15.34 27.87
C VAL C 12 13.96 16.37 27.15
N PRO C 13 14.52 17.19 26.26
CA PRO C 13 13.68 18.15 25.53
C PRO C 13 12.49 17.48 24.86
N ALA C 14 11.45 18.26 24.56
CA ALA C 14 10.22 17.67 24.05
C ALA C 14 10.45 16.96 22.72
N GLN C 15 11.21 17.57 21.82
CA GLN C 15 11.42 16.99 20.49
C GLN C 15 12.33 15.77 20.54
N ASN C 16 13.28 15.71 21.48
CA ASN C 16 14.15 14.55 21.59
C ASN C 16 13.43 13.32 22.11
N ALA C 17 12.22 13.47 22.65
CA ALA C 17 11.42 12.35 23.11
C ALA C 17 9.98 12.46 22.63
N ILE C 18 9.78 13.11 21.48
CA ILE C 18 8.43 13.32 20.96
C ILE C 18 7.77 12.00 20.59
N SER C 19 8.55 10.95 20.33
CA SER C 19 7.96 9.66 19.97
C SER C 19 7.04 9.15 21.06
N THR C 20 7.31 9.52 22.32
CA THR C 20 6.46 9.07 23.42
C THR C 20 5.06 9.66 23.34
N THR C 21 4.87 10.76 22.62
CA THR C 21 3.59 11.45 22.53
C THR C 21 2.76 10.99 21.34
N PHE C 22 3.07 9.83 20.76
CA PHE C 22 2.37 9.31 19.59
C PHE C 22 1.80 7.94 19.94
N PRO C 23 0.53 7.86 20.37
CA PRO C 23 -0.06 6.57 20.73
C PRO C 23 -0.46 5.75 19.50
N TYR C 24 0.55 5.37 18.71
CA TYR C 24 0.32 4.62 17.47
C TYR C 24 0.52 3.12 17.67
N THR C 25 0.29 2.63 18.88
CA THR C 25 0.33 1.21 19.17
C THR C 25 -1.05 0.60 19.39
N GLY C 26 -2.11 1.40 19.28
CA GLY C 26 -3.47 0.92 19.46
C GLY C 26 -4.28 1.09 18.19
N ASP C 27 -5.50 0.59 18.24
CA ASP C 27 -6.37 0.65 17.08
C ASP C 27 -6.73 2.10 16.77
N PRO C 28 -6.55 2.57 15.54
CA PRO C 28 -6.93 3.94 15.21
C PRO C 28 -8.44 4.08 15.14
N PRO C 29 -8.97 5.29 15.31
CA PRO C 29 -10.43 5.46 15.27
C PRO C 29 -10.99 5.12 13.90
N TYR C 30 -12.18 4.50 13.92
CA TYR C 30 -12.92 4.17 12.70
C TYR C 30 -14.33 4.70 12.79
N SER C 31 -14.89 5.04 11.64
CA SER C 31 -16.30 5.34 11.53
C SER C 31 -17.09 4.04 11.41
N HIS C 32 -18.30 4.04 11.95
CA HIS C 32 -19.13 2.84 12.02
C HIS C 32 -20.29 2.84 11.04
N GLY C 33 -20.96 3.97 10.86
CA GLY C 33 -22.15 3.99 10.02
C GLY C 33 -22.08 5.00 8.88
N THR C 34 -23.19 5.70 8.65
CA THR C 34 -23.30 6.59 7.51
C THR C 34 -22.39 7.81 7.68
N GLY C 35 -21.98 8.38 6.56
CA GLY C 35 -21.25 9.63 6.55
C GLY C 35 -22.10 10.77 6.08
N THR C 36 -23.42 10.57 6.02
CA THR C 36 -24.33 11.60 5.53
C THR C 36 -24.31 12.82 6.43
N GLY C 37 -24.27 12.61 7.75
CA GLY C 37 -24.23 13.74 8.66
C GLY C 37 -23.03 14.63 8.42
N TYR C 38 -21.86 14.01 8.27
CA TYR C 38 -20.65 14.78 8.01
C TYR C 38 -20.73 15.51 6.67
N THR C 39 -21.28 14.86 5.64
CA THR C 39 -21.41 15.50 4.35
C THR C 39 -22.30 16.74 4.44
N MET C 40 -23.46 16.59 5.09
CA MET C 40 -24.36 17.73 5.25
C MET C 40 -23.70 18.83 6.06
N ASP C 41 -23.00 18.47 7.13
CA ASP C 41 -22.33 19.49 7.93
C ASP C 41 -21.28 20.23 7.12
N THR C 42 -20.50 19.50 6.32
CA THR C 42 -19.49 20.14 5.49
C THR C 42 -20.11 21.07 4.46
N VAL C 43 -21.21 20.63 3.83
CA VAL C 43 -21.87 21.48 2.84
C VAL C 43 -22.37 22.76 3.49
N ASN C 44 -23.05 22.63 4.63
CA ASN C 44 -23.57 23.81 5.30
C ASN C 44 -22.45 24.74 5.75
N ARG C 45 -21.37 24.17 6.29
CA ARG C 45 -20.24 24.98 6.74
C ARG C 45 -19.60 25.71 5.57
N THR C 46 -19.41 25.03 4.45
CA THR C 46 -18.84 25.68 3.27
C THR C 46 -19.75 26.80 2.76
N HIS C 47 -21.07 26.60 2.83
CA HIS C 47 -21.99 27.61 2.34
C HIS C 47 -22.13 28.80 3.29
N GLN C 48 -21.91 28.61 4.59
CA GLN C 48 -22.09 29.69 5.54
C GLN C 48 -20.81 30.48 5.78
N TYR C 49 -19.65 29.94 5.42
CA TYR C 49 -18.43 30.74 5.40
C TYR C 49 -18.43 31.74 4.25
N SER C 50 -19.36 31.61 3.30
CA SER C 50 -19.47 32.51 2.16
C SER C 50 -20.88 33.08 2.05
N GLU C 51 -21.55 33.23 3.19
CA GLU C 51 -22.96 33.62 3.18
C GLU C 51 -23.17 34.98 2.53
N LYS C 52 -22.20 35.89 2.65
CA LYS C 52 -22.37 37.25 2.16
C LYS C 52 -22.13 37.37 0.66
N GLY C 53 -21.94 36.26 -0.05
CA GLY C 53 -21.81 36.31 -1.49
C GLY C 53 -23.13 36.63 -2.17
N ARG C 54 -23.27 36.26 -3.44
CA ARG C 54 -24.50 36.48 -4.18
C ARG C 54 -25.03 35.16 -4.72
N TRP C 55 -26.34 35.01 -4.68
CA TRP C 55 -27.00 33.77 -5.07
C TRP C 55 -27.45 33.84 -6.52
N THR C 56 -27.39 32.68 -7.19
CA THR C 56 -27.88 32.55 -8.56
C THR C 56 -28.42 31.15 -8.72
N THR C 57 -29.14 30.93 -9.84
CA THR C 57 -29.66 29.61 -10.17
C THR C 57 -29.16 29.24 -11.55
N ASN C 58 -28.41 28.15 -11.63
CA ASN C 58 -27.87 27.70 -12.91
C ASN C 58 -29.00 27.35 -13.87
N THR C 59 -28.90 27.85 -15.10
CA THR C 59 -29.93 27.59 -16.10
C THR C 59 -29.88 26.17 -16.63
N GLU C 60 -28.76 25.48 -16.51
CA GLU C 60 -28.63 24.11 -16.98
C GLU C 60 -29.02 23.09 -15.91
N THR C 61 -28.36 23.14 -14.75
CA THR C 61 -28.65 22.21 -13.67
C THR C 61 -29.78 22.66 -12.77
N GLY C 62 -30.19 23.93 -12.85
CA GLY C 62 -31.26 24.41 -12.01
C GLY C 62 -30.97 24.42 -10.53
N ALA C 63 -29.69 24.34 -10.15
CA ALA C 63 -29.32 24.30 -8.74
C ALA C 63 -28.90 25.68 -8.26
N PRO C 64 -29.15 25.99 -6.99
CA PRO C 64 -28.69 27.29 -6.44
C PRO C 64 -27.20 27.27 -6.19
N GLN C 65 -26.51 28.32 -6.64
CA GLN C 65 -25.08 28.47 -6.49
C GLN C 65 -24.76 29.81 -5.84
N LEU C 66 -23.73 29.82 -5.00
CA LEU C 66 -23.33 30.99 -4.23
C LEU C 66 -21.96 31.43 -4.69
N ASN C 67 -21.85 32.67 -5.16
CA ASN C 67 -20.59 33.24 -5.62
C ASN C 67 -20.12 34.30 -4.63
N PRO C 68 -19.07 34.04 -3.85
CA PRO C 68 -18.60 35.05 -2.91
C PRO C 68 -17.46 35.90 -3.45
N ILE C 69 -16.93 35.53 -4.62
CA ILE C 69 -15.76 36.22 -5.15
C ILE C 69 -16.07 37.70 -5.28
N ASP C 70 -15.07 38.53 -4.96
CA ASP C 70 -15.21 39.98 -4.96
C ASP C 70 -16.29 40.44 -4.00
N GLY C 71 -16.62 39.63 -2.99
CA GLY C 71 -17.60 40.00 -2.02
C GLY C 71 -17.02 40.96 -0.99
N PRO C 72 -17.85 41.34 -0.02
CA PRO C 72 -17.38 42.29 1.00
C PRO C 72 -16.17 41.75 1.75
N LEU C 73 -15.24 42.65 2.04
CA LEU C 73 -14.03 42.26 2.75
C LEU C 73 -14.37 41.82 4.17
N PRO C 74 -13.68 40.80 4.69
CA PRO C 74 -14.00 40.34 6.04
C PRO C 74 -13.70 41.41 7.08
N GLU C 75 -14.54 41.43 8.13
CA GLU C 75 -14.36 42.35 9.24
C GLU C 75 -14.10 41.61 10.55
N ASP C 76 -13.85 40.31 10.50
CA ASP C 76 -13.55 39.51 11.67
C ASP C 76 -12.55 38.43 11.29
N ASN C 77 -11.98 37.78 12.31
CA ASN C 77 -10.97 36.76 12.10
C ASN C 77 -11.55 35.39 11.83
N GLU C 78 -12.87 35.28 11.69
CA GLU C 78 -13.49 34.00 11.37
C GLU C 78 -13.15 33.59 9.93
N PRO C 79 -13.25 32.30 9.61
CA PRO C 79 -12.93 31.87 8.24
C PRO C 79 -13.85 32.57 7.23
N SER C 80 -13.26 32.90 6.08
CA SER C 80 -13.99 33.62 5.04
C SER C 80 -13.51 33.15 3.68
N GLY C 81 -14.45 32.95 2.76
CA GLY C 81 -14.11 32.53 1.41
C GLY C 81 -14.28 33.63 0.39
N TYR C 82 -14.24 34.88 0.85
CA TYR C 82 -14.45 36.03 -0.04
C TYR C 82 -13.11 36.45 -0.65
N ALA C 83 -12.64 35.62 -1.58
CA ALA C 83 -11.41 35.92 -2.31
C ALA C 83 -11.67 37.00 -3.35
N GLN C 84 -10.68 37.85 -3.58
CA GLN C 84 -10.79 38.96 -4.51
C GLN C 84 -10.04 38.62 -5.78
N THR C 85 -10.73 38.74 -6.93
CA THR C 85 -10.14 38.32 -8.19
C THR C 85 -8.88 39.13 -8.50
N ASP C 86 -8.96 40.45 -8.34
CA ASP C 86 -7.81 41.30 -8.69
C ASP C 86 -6.60 40.98 -7.82
N CYS C 87 -6.81 40.75 -6.52
CA CYS C 87 -5.70 40.46 -5.64
C CYS C 87 -5.00 39.18 -6.05
N VAL C 88 -5.76 38.13 -6.36
CA VAL C 88 -5.14 36.85 -6.72
C VAL C 88 -4.46 36.95 -8.09
N LEU C 89 -5.07 37.67 -9.02
CA LEU C 89 -4.41 37.88 -10.31
C LEU C 89 -3.09 38.62 -10.12
N GLU C 90 -3.07 39.63 -9.24
CA GLU C 90 -1.84 40.35 -8.95
C GLU C 90 -0.81 39.44 -8.29
N ALA C 91 -1.25 38.57 -7.39
CA ALA C 91 -0.33 37.63 -6.75
C ALA C 91 0.29 36.70 -7.78
N MET C 92 -0.52 36.19 -8.71
CA MET C 92 0.02 35.34 -9.77
C MET C 92 0.96 36.11 -10.67
N ALA C 93 0.64 37.38 -10.96
CA ALA C 93 1.53 38.20 -11.78
C ALA C 93 2.88 38.39 -11.10
N PHE C 94 2.88 38.65 -9.79
CA PHE C 94 4.14 38.79 -9.07
C PHE C 94 4.89 37.46 -9.03
N LEU C 95 4.16 36.35 -8.90
CA LEU C 95 4.82 35.04 -8.96
C LEU C 95 5.50 34.85 -10.30
N GLU C 96 4.85 35.24 -11.39
CA GLU C 96 5.46 35.15 -12.71
C GLU C 96 6.67 36.06 -12.81
N GLU C 97 6.56 37.29 -12.29
CA GLU C 97 7.67 38.24 -12.39
C GLU C 97 8.90 37.73 -11.65
N SER C 98 8.70 37.17 -10.45
CA SER C 98 9.82 36.62 -9.70
C SER C 98 10.39 35.36 -10.33
N HIS C 99 9.59 34.67 -11.15
CA HIS C 99 10.04 33.46 -11.84
C HIS C 99 9.64 33.55 -13.31
N PRO C 100 10.32 34.39 -14.08
CA PRO C 100 9.95 34.56 -15.48
C PRO C 100 10.04 33.26 -16.25
N GLY C 101 9.11 33.07 -17.18
CA GLY C 101 9.08 31.90 -18.03
C GLY C 101 8.49 30.66 -17.39
N ILE C 102 8.01 30.76 -16.15
CA ILE C 102 7.47 29.58 -15.47
C ILE C 102 6.20 29.10 -16.16
N PHE C 103 5.24 30.01 -16.34
CA PHE C 103 3.94 29.61 -16.89
C PHE C 103 4.07 29.13 -18.33
N GLU C 104 4.82 29.86 -19.15
CA GLU C 104 4.94 29.48 -20.55
C GLU C 104 5.55 28.10 -20.70
N ASN C 105 6.66 27.85 -20.00
CA ASN C 105 7.28 26.53 -20.08
C ASN C 105 6.32 25.46 -19.59
N SER C 106 5.79 25.62 -18.38
CA SER C 106 4.92 24.59 -17.83
C SER C 106 3.76 24.29 -18.76
N CYS C 107 3.20 25.33 -19.38
CA CYS C 107 2.14 25.12 -20.36
C CYS C 107 2.66 24.36 -21.57
N LEU C 108 3.90 24.59 -21.99
CA LEU C 108 4.42 23.85 -23.13
C LEU C 108 4.51 22.35 -22.84
N GLU C 109 5.13 21.98 -21.71
CA GLU C 109 5.18 20.56 -21.39
C GLU C 109 3.79 19.98 -21.17
N THR C 110 2.89 20.73 -20.53
CA THR C 110 1.54 20.24 -20.33
C THR C 110 0.84 20.02 -21.66
N MET C 111 1.05 20.91 -22.63
CA MET C 111 0.46 20.75 -23.95
C MET C 111 0.99 19.50 -24.63
N GLU C 112 2.29 19.26 -24.53
CA GLU C 112 2.87 18.03 -25.07
C GLU C 112 2.17 16.82 -24.46
N VAL C 113 2.08 16.79 -23.13
CA VAL C 113 1.52 15.62 -22.45
C VAL C 113 0.06 15.43 -22.83
N VAL C 114 -0.72 16.52 -22.84
CA VAL C 114 -2.14 16.41 -23.15
C VAL C 114 -2.35 15.88 -24.56
N GLN C 115 -1.55 16.37 -25.52
CA GLN C 115 -1.77 15.93 -26.89
C GLN C 115 -1.13 14.57 -27.19
N GLN C 116 -0.32 14.03 -26.28
CA GLN C 116 0.19 12.67 -26.45
C GLN C 116 -0.33 11.70 -25.40
N THR C 117 -1.16 12.15 -24.46
CA THR C 117 -1.69 11.26 -23.44
C THR C 117 -2.70 10.29 -24.05
N ARG C 118 -2.84 9.13 -23.41
CA ARG C 118 -3.74 8.08 -23.85
C ARG C 118 -4.88 7.93 -22.85
N VAL C 119 -5.92 7.18 -23.27
CA VAL C 119 -7.07 6.95 -22.41
C VAL C 119 -6.71 6.05 -21.24
N ASP C 120 -5.87 5.05 -21.48
CA ASP C 120 -5.57 4.04 -20.46
C ASP C 120 -4.99 4.66 -19.19
N LYS C 121 -4.43 5.87 -19.29
CA LYS C 121 -3.89 6.53 -18.11
C LYS C 121 -4.95 6.73 -17.03
N LEU C 122 -6.23 6.77 -17.41
CA LEU C 122 -7.29 6.92 -16.43
C LEU C 122 -7.54 5.64 -15.62
N THR C 123 -7.08 4.49 -16.11
CA THR C 123 -7.26 3.26 -15.36
C THR C 123 -6.34 3.21 -14.14
N GLN C 124 -5.25 3.96 -14.16
CA GLN C 124 -4.29 3.98 -13.06
C GLN C 124 -4.78 4.90 -11.93
N GLY C 125 -5.93 4.54 -11.37
CA GLY C 125 -6.51 5.31 -10.29
C GLY C 125 -7.34 4.43 -9.38
N ARG C 126 -7.52 4.90 -8.15
CA ARG C 126 -8.29 4.17 -7.17
C ARG C 126 -9.79 4.43 -7.37
N GLN C 127 -10.60 4.04 -6.39
CA GLN C 127 -12.05 4.08 -6.54
C GLN C 127 -12.52 5.39 -7.17
N THR C 128 -13.46 5.28 -8.10
CA THR C 128 -14.09 6.43 -8.74
C THR C 128 -15.59 6.20 -8.78
N TYR C 129 -16.34 7.30 -8.78
CA TYR C 129 -17.80 7.22 -8.72
C TYR C 129 -18.35 6.97 -10.12
N ASP C 130 -18.72 5.72 -10.39
CA ASP C 130 -19.39 5.38 -11.63
C ASP C 130 -20.83 5.86 -11.57
N TRP C 131 -21.22 6.70 -12.54
CA TRP C 131 -22.59 7.19 -12.63
C TRP C 131 -23.52 6.22 -13.33
N THR C 132 -22.97 5.26 -14.08
CA THR C 132 -23.83 4.26 -14.71
C THR C 132 -24.56 3.43 -13.67
N LEU C 133 -23.95 3.23 -12.51
CA LEU C 133 -24.57 2.48 -11.42
C LEU C 133 -24.76 3.33 -10.16
N ASN C 134 -24.31 4.59 -10.17
CA ASN C 134 -24.43 5.47 -9.01
C ASN C 134 -23.73 4.87 -7.80
N ARG C 135 -22.46 4.48 -7.98
CA ARG C 135 -21.72 3.88 -6.88
C ARG C 135 -20.24 3.91 -7.19
N ASN C 136 -19.44 3.77 -6.14
CA ASN C 136 -17.98 3.74 -6.30
C ASN C 136 -17.54 2.38 -6.83
N GLN C 137 -16.69 2.42 -7.85
CA GLN C 137 -16.16 1.21 -8.46
C GLN C 137 -14.72 1.48 -8.87
N PRO C 138 -13.93 0.44 -9.13
CA PRO C 138 -12.54 0.66 -9.56
C PRO C 138 -12.49 1.49 -10.82
N ALA C 139 -11.42 2.28 -10.94
CA ALA C 139 -11.32 3.24 -12.04
C ALA C 139 -11.50 2.55 -13.39
N ALA C 140 -10.85 1.40 -13.58
CA ALA C 140 -10.95 0.71 -14.86
C ALA C 140 -12.39 0.31 -15.15
N THR C 141 -13.10 -0.22 -14.14
CA THR C 141 -14.47 -0.66 -14.36
C THR C 141 -15.37 0.52 -14.74
N ALA C 142 -15.24 1.63 -14.02
CA ALA C 142 -16.05 2.80 -14.32
C ALA C 142 -15.74 3.34 -15.72
N LEU C 143 -14.45 3.40 -16.08
CA LEU C 143 -14.08 3.87 -17.40
C LEU C 143 -14.68 2.96 -18.48
N ALA C 144 -14.61 1.65 -18.28
CA ALA C 144 -15.16 0.73 -19.27
C ALA C 144 -16.66 0.90 -19.40
N ASN C 145 -17.37 1.05 -18.27
CA ASN C 145 -18.81 1.22 -18.34
C ASN C 145 -19.18 2.52 -19.05
N THR C 146 -18.48 3.61 -18.74
CA THR C 146 -18.78 4.88 -19.41
C THR C 146 -18.49 4.79 -20.90
N ILE C 147 -17.38 4.14 -21.29
CA ILE C 147 -17.07 4.00 -22.70
C ILE C 147 -18.15 3.17 -23.39
N GLU C 148 -18.61 2.11 -22.75
CA GLU C 148 -19.65 1.28 -23.35
C GLU C 148 -20.93 2.09 -23.54
N VAL C 149 -21.31 2.89 -22.54
CA VAL C 149 -22.52 3.70 -22.64
C VAL C 149 -22.37 4.72 -23.76
N PHE C 150 -21.22 5.38 -23.84
CA PHE C 150 -20.99 6.37 -24.88
C PHE C 150 -21.09 5.74 -26.26
N ARG C 151 -20.44 4.58 -26.44
CA ARG C 151 -20.50 3.91 -27.73
C ARG C 151 -21.93 3.48 -28.07
N SER C 152 -22.70 3.05 -27.08
CA SER C 152 -24.09 2.70 -27.32
C SER C 152 -24.93 3.93 -27.67
N ASN C 153 -24.55 5.10 -27.18
CA ASN C 153 -25.29 6.33 -27.47
C ASN C 153 -24.84 7.02 -28.75
N GLY C 154 -23.72 6.60 -29.33
CA GLY C 154 -23.23 7.18 -30.57
C GLY C 154 -21.97 8.02 -30.43
N LEU C 155 -21.36 8.10 -29.26
CA LEU C 155 -20.13 8.88 -29.06
C LEU C 155 -18.95 7.91 -29.11
N THR C 156 -18.33 7.82 -30.28
CA THR C 156 -17.29 6.83 -30.54
C THR C 156 -15.97 7.48 -30.93
N ALA C 157 -15.79 8.77 -30.61
CA ALA C 157 -14.51 9.42 -30.88
C ALA C 157 -13.40 8.85 -29.99
N ASN C 158 -13.76 8.34 -28.82
CA ASN C 158 -12.77 7.76 -27.92
C ASN C 158 -12.11 6.54 -28.54
N GLU C 159 -12.69 5.98 -29.60
CA GLU C 159 -12.04 4.89 -30.30
C GLU C 159 -10.70 5.30 -30.90
N SER C 160 -10.46 6.61 -31.02
CA SER C 160 -9.14 7.09 -31.44
C SER C 160 -8.07 6.75 -30.42
N GLY C 161 -8.45 6.36 -29.21
CA GLY C 161 -7.47 5.98 -28.21
C GLY C 161 -6.76 7.13 -27.56
N ARG C 162 -7.31 8.35 -27.67
CA ARG C 162 -6.69 9.54 -27.11
C ARG C 162 -7.57 10.10 -26.00
N LEU C 163 -6.93 10.48 -24.90
CA LEU C 163 -7.69 11.06 -23.78
C LEU C 163 -8.36 12.37 -24.19
N ILE C 164 -7.71 13.16 -25.05
CA ILE C 164 -8.32 14.40 -25.52
C ILE C 164 -9.61 14.09 -26.29
N ASP C 165 -9.59 13.05 -27.12
CA ASP C 165 -10.80 12.64 -27.82
C ASP C 165 -11.87 12.14 -26.85
N PHE C 166 -11.46 11.43 -25.81
CA PHE C 166 -12.43 11.00 -24.80
C PHE C 166 -13.09 12.19 -24.14
N LEU C 167 -12.31 13.23 -23.83
CA LEU C 167 -12.90 14.44 -23.25
C LEU C 167 -13.79 15.16 -24.26
N LYS C 168 -13.42 15.16 -25.53
CA LYS C 168 -14.30 15.73 -26.56
C LYS C 168 -15.64 15.02 -26.57
N ASP C 169 -15.62 13.68 -26.52
CA ASP C 169 -16.86 12.93 -26.45
C ASP C 169 -17.63 13.24 -25.17
N VAL C 170 -16.92 13.39 -24.06
CA VAL C 170 -17.58 13.70 -22.79
C VAL C 170 -18.33 15.02 -22.90
N MET C 171 -17.67 16.04 -23.43
CA MET C 171 -18.34 17.33 -23.59
C MET C 171 -19.50 17.24 -24.57
N GLU C 172 -19.31 16.52 -25.68
CA GLU C 172 -20.41 16.38 -26.63
C GLU C 172 -21.60 15.69 -25.99
N SER C 173 -21.37 14.78 -25.04
CA SER C 173 -22.47 14.14 -24.35
C SER C 173 -23.33 15.14 -23.58
N MET C 174 -22.74 16.28 -23.18
CA MET C 174 -23.47 17.27 -22.41
C MET C 174 -24.61 17.89 -23.21
N ASP C 175 -24.53 17.87 -24.55
CA ASP C 175 -25.51 18.52 -25.41
C ASP C 175 -26.49 17.52 -26.03
N LYS C 176 -26.63 16.34 -25.45
CA LYS C 176 -27.52 15.32 -25.97
C LYS C 176 -28.88 15.40 -25.29
N GLU C 177 -29.94 15.13 -26.04
CA GLU C 177 -31.29 15.24 -25.51
C GLU C 177 -31.63 14.07 -24.59
N GLU C 178 -31.13 12.87 -24.90
CA GLU C 178 -31.55 11.68 -24.17
C GLU C 178 -30.47 10.62 -24.30
N MET C 179 -29.86 10.25 -23.18
CA MET C 179 -28.92 9.13 -23.14
C MET C 179 -29.62 7.90 -22.56
N GLU C 180 -28.95 6.76 -22.68
CA GLU C 180 -29.50 5.49 -22.21
C GLU C 180 -28.47 4.77 -21.35
N ILE C 181 -28.93 4.20 -20.23
CA ILE C 181 -28.09 3.46 -19.30
C ILE C 181 -28.72 2.09 -19.06
N THR C 182 -27.93 1.20 -18.48
CA THR C 182 -28.35 -0.17 -18.20
C THR C 182 -28.39 -0.39 -16.69
N THR C 183 -29.41 -1.10 -16.22
CA THR C 183 -29.53 -1.43 -14.81
C THR C 183 -29.97 -2.88 -14.66
N HIS C 184 -29.40 -3.56 -13.66
CA HIS C 184 -29.74 -4.95 -13.37
C HIS C 184 -30.47 -5.03 -12.03
N PHE C 185 -31.47 -5.91 -11.98
CA PHE C 185 -32.25 -6.10 -10.77
C PHE C 185 -32.76 -7.54 -10.68
N LYS C 207 -31.94 -7.31 -17.80
CA LYS C 207 -31.45 -5.94 -17.70
C LYS C 207 -32.48 -4.96 -18.26
N LYS C 208 -32.52 -3.77 -17.68
CA LYS C 208 -33.48 -2.73 -18.06
C LYS C 208 -32.72 -1.54 -18.63
N LYS C 209 -33.19 -1.04 -19.77
CA LYS C 209 -32.64 0.16 -20.39
C LYS C 209 -33.44 1.36 -19.91
N GLN C 210 -32.77 2.32 -19.30
CA GLN C 210 -33.41 3.52 -18.76
C GLN C 210 -32.88 4.74 -19.50
N ARG C 211 -33.76 5.73 -19.68
CA ARG C 211 -33.43 6.94 -20.41
C ARG C 211 -33.22 8.10 -19.46
N LEU C 212 -32.10 8.80 -19.64
CA LEU C 212 -31.74 9.96 -18.83
C LEU C 212 -31.83 11.20 -19.71
N ASN C 213 -32.59 12.19 -19.25
CA ASN C 213 -32.73 13.45 -19.98
C ASN C 213 -31.47 14.28 -19.80
N LYS C 214 -31.49 15.49 -20.36
CA LYS C 214 -30.30 16.34 -20.34
C LYS C 214 -29.92 16.72 -18.91
N ARG C 215 -30.86 17.25 -18.15
CA ARG C 215 -30.55 17.76 -16.82
C ARG C 215 -30.09 16.64 -15.89
N SER C 216 -30.75 15.49 -15.95
CA SER C 216 -30.38 14.38 -15.07
C SER C 216 -28.96 13.91 -15.36
N TYR C 217 -28.62 13.80 -16.64
CA TYR C 217 -27.25 13.40 -16.99
C TYR C 217 -26.25 14.48 -16.60
N LEU C 218 -26.60 15.75 -16.74
CA LEU C 218 -25.70 16.81 -16.30
C LEU C 218 -25.40 16.67 -14.81
N ILE C 219 -26.44 16.48 -14.00
CA ILE C 219 -26.22 16.33 -12.57
C ILE C 219 -25.47 15.06 -12.23
N ARG C 220 -25.69 13.97 -12.98
CA ARG C 220 -24.97 12.74 -12.74
C ARG C 220 -23.50 12.85 -13.12
N ALA C 221 -23.19 13.72 -14.09
CA ALA C 221 -21.79 13.93 -14.47
C ALA C 221 -21.10 14.97 -13.59
N LEU C 222 -21.85 15.86 -12.95
CA LEU C 222 -21.28 16.90 -12.10
C LEU C 222 -21.30 16.52 -10.62
N THR C 223 -21.69 15.30 -10.27
CA THR C 223 -21.87 14.94 -8.87
C THR C 223 -20.64 14.23 -8.32
N LEU C 224 -20.53 14.24 -6.98
CA LEU C 224 -19.45 13.59 -6.26
C LEU C 224 -20.05 12.61 -5.25
N ASN C 225 -19.31 11.55 -4.96
CA ASN C 225 -19.73 10.57 -3.96
C ASN C 225 -18.99 10.80 -2.66
N THR C 226 -19.72 10.87 -1.55
CA THR C 226 -19.17 11.20 -0.25
C THR C 226 -19.09 9.96 0.62
N MET C 227 -17.95 9.80 1.29
CA MET C 227 -17.72 8.70 2.22
C MET C 227 -17.06 9.25 3.48
N THR C 228 -16.91 8.39 4.47
CA THR C 228 -16.28 8.74 5.74
C THR C 228 -14.86 8.18 5.76
N LYS C 229 -13.91 9.02 6.16
CA LYS C 229 -12.50 8.62 6.19
C LYS C 229 -12.21 7.86 7.47
N ASP C 230 -11.71 6.65 7.34
CA ASP C 230 -11.34 5.81 8.46
C ASP C 230 -9.82 5.73 8.60
N ALA C 231 -9.37 5.20 9.74
CA ALA C 231 -7.95 5.07 10.04
C ALA C 231 -7.25 6.43 10.00
N GLU C 232 -7.92 7.44 10.54
CA GLU C 232 -7.41 8.81 10.60
C GLU C 232 -7.00 9.09 12.04
N ARG C 233 -5.70 9.16 12.29
CA ARG C 233 -5.16 9.35 13.63
C ARG C 233 -4.83 10.82 13.84
N GLY C 234 -5.25 11.36 14.99
CA GLY C 234 -4.86 12.70 15.37
C GLY C 234 -6.00 13.67 15.57
N LYS C 235 -7.22 13.16 15.72
CA LYS C 235 -8.37 14.02 15.94
C LYS C 235 -9.53 13.21 16.51
N LEU C 236 -10.33 13.87 17.35
CA LEU C 236 -11.44 13.20 18.02
C LEU C 236 -12.62 12.97 17.09
N LYS C 237 -12.87 13.89 16.16
CA LYS C 237 -14.04 13.83 15.30
C LYS C 237 -13.69 13.25 13.93
N ARG C 238 -14.66 12.60 13.32
CA ARG C 238 -14.50 12.04 11.99
C ARG C 238 -14.80 13.11 10.94
N ARG C 239 -14.25 12.90 9.74
CA ARG C 239 -14.44 13.81 8.62
C ARG C 239 -15.00 13.05 7.43
N ALA C 240 -15.38 13.81 6.41
CA ALA C 240 -15.93 13.27 5.17
C ALA C 240 -14.99 13.58 4.01
N ILE C 241 -14.92 12.65 3.06
CA ILE C 241 -14.10 12.81 1.86
C ILE C 241 -14.97 12.52 0.65
N ALA C 242 -14.49 12.96 -0.52
CA ALA C 242 -15.27 12.90 -1.75
C ALA C 242 -14.47 12.21 -2.84
N THR C 243 -15.22 11.62 -3.78
CA THR C 243 -14.66 10.94 -4.94
C THR C 243 -15.44 11.40 -6.17
N PRO C 244 -14.76 11.93 -7.19
CA PRO C 244 -15.47 12.41 -8.38
C PRO C 244 -15.74 11.29 -9.37
N GLY C 245 -16.44 11.65 -10.44
CA GLY C 245 -16.79 10.71 -11.49
C GLY C 245 -15.66 10.52 -12.47
N MET C 246 -16.00 9.93 -13.62
CA MET C 246 -15.03 9.66 -14.67
C MET C 246 -15.03 10.70 -15.77
N GLN C 247 -16.11 11.46 -15.94
CA GLN C 247 -16.14 12.49 -16.97
C GLN C 247 -15.18 13.62 -16.65
N ILE C 248 -14.95 13.89 -15.37
CA ILE C 248 -14.18 15.04 -14.94
C ILE C 248 -12.75 14.69 -14.55
N ARG C 249 -12.39 13.41 -14.51
CA ARG C 249 -11.06 13.02 -14.06
C ARG C 249 -9.98 13.31 -15.09
N GLY C 250 -10.28 13.32 -16.39
CA GLY C 250 -9.28 13.66 -17.37
C GLY C 250 -8.85 15.11 -17.28
N PHE C 251 -9.82 16.01 -17.16
CA PHE C 251 -9.50 17.42 -16.99
C PHE C 251 -8.71 17.64 -15.70
N VAL C 252 -9.09 16.95 -14.63
CA VAL C 252 -8.35 17.04 -13.38
C VAL C 252 -6.92 16.54 -13.56
N TYR C 253 -6.75 15.46 -14.31
CA TYR C 253 -5.41 14.94 -14.57
C TYR C 253 -4.56 15.97 -15.29
N PHE C 254 -5.11 16.60 -16.32
CA PHE C 254 -4.35 17.60 -17.07
C PHE C 254 -4.02 18.81 -16.21
N VAL C 255 -4.99 19.28 -15.43
CA VAL C 255 -4.77 20.44 -14.57
C VAL C 255 -3.69 20.14 -13.53
N GLU C 256 -3.75 18.95 -12.93
CA GLU C 256 -2.76 18.57 -11.94
C GLU C 256 -1.39 18.35 -12.57
N THR C 257 -1.34 17.88 -13.82
CA THR C 257 -0.06 17.81 -14.52
C THR C 257 0.55 19.20 -14.67
N LEU C 258 -0.27 20.18 -15.09
CA LEU C 258 0.24 21.54 -15.20
C LEU C 258 0.70 22.06 -13.85
N ALA C 259 -0.09 21.83 -12.80
CA ALA C 259 0.27 22.35 -11.49
C ALA C 259 1.53 21.69 -10.95
N ARG C 260 1.72 20.39 -11.20
CA ARG C 260 2.94 19.71 -10.79
C ARG C 260 4.14 20.26 -11.55
N SER C 261 4.00 20.46 -12.86
CA SER C 261 5.09 21.03 -13.63
C SER C 261 5.44 22.42 -13.12
N ILE C 262 4.45 23.18 -12.68
CA ILE C 262 4.71 24.52 -12.15
C ILE C 262 5.43 24.42 -10.81
N CYS C 263 4.89 23.63 -9.88
CA CYS C 263 5.46 23.54 -8.54
C CYS C 263 6.87 22.97 -8.57
N GLU C 264 7.17 22.09 -9.51
CA GLU C 264 8.52 21.56 -9.61
C GLU C 264 9.54 22.67 -9.87
N LYS C 265 9.10 23.81 -10.39
CA LYS C 265 9.97 24.95 -10.61
C LYS C 265 9.97 25.92 -9.45
N LEU C 266 9.23 25.64 -8.39
CA LEU C 266 9.16 26.49 -7.21
C LEU C 266 9.81 25.77 -6.05
N GLU C 267 10.84 26.38 -5.46
CA GLU C 267 11.52 25.80 -4.31
C GLU C 267 10.74 26.00 -3.02
N GLN C 268 9.77 26.91 -2.99
CA GLN C 268 8.97 27.14 -1.79
C GLN C 268 7.86 26.11 -1.62
N SER C 269 7.58 25.32 -2.65
CA SER C 269 6.56 24.27 -2.58
C SER C 269 7.20 22.98 -2.07
N GLY C 270 6.39 22.16 -1.41
CA GLY C 270 6.87 20.90 -0.87
C GLY C 270 5.89 19.76 -1.05
N LEU C 271 4.88 19.97 -1.87
CA LEU C 271 3.84 18.97 -2.09
C LEU C 271 4.28 17.88 -3.08
N PRO C 272 4.90 18.23 -4.21
CA PRO C 272 5.28 17.20 -5.19
C PRO C 272 6.56 16.46 -4.86
N VAL C 273 7.10 16.60 -3.64
CA VAL C 273 8.33 15.91 -3.26
C VAL C 273 8.03 14.93 -2.13
N GLY C 274 9.04 14.19 -1.70
CA GLY C 274 8.91 13.25 -0.61
C GLY C 274 9.17 13.92 0.74
N GLY C 275 9.39 13.06 1.74
CA GLY C 275 9.62 13.58 3.08
C GLY C 275 11.03 14.12 3.27
N ASN C 276 12.03 13.36 2.83
CA ASN C 276 13.41 13.79 3.02
C ASN C 276 13.69 15.07 2.25
N GLU C 277 13.15 15.19 1.03
CA GLU C 277 13.28 16.45 0.30
C GLU C 277 12.62 17.59 1.04
N LYS C 278 11.46 17.31 1.66
CA LYS C 278 10.79 18.32 2.47
C LYS C 278 11.70 18.80 3.60
N LYS C 279 12.33 17.85 4.30
CA LYS C 279 13.22 18.22 5.40
C LYS C 279 14.41 19.03 4.88
N ALA C 280 14.98 18.62 3.74
CA ALA C 280 16.13 19.34 3.20
C ALA C 280 15.76 20.77 2.85
N LYS C 281 14.60 20.96 2.21
CA LYS C 281 14.17 22.31 1.85
C LYS C 281 13.87 23.14 3.08
N LEU C 282 13.27 22.53 4.10
CA LEU C 282 13.01 23.27 5.34
C LEU C 282 14.31 23.73 5.98
N ALA C 283 15.31 22.84 6.05
CA ALA C 283 16.59 23.22 6.61
C ALA C 283 17.23 24.33 5.79
N ASN C 284 17.18 24.22 4.46
CA ASN C 284 17.78 25.25 3.61
C ASN C 284 17.10 26.60 3.84
N VAL C 285 15.77 26.62 3.92
CA VAL C 285 15.08 27.90 4.04
C VAL C 285 15.35 28.51 5.41
N VAL C 286 15.35 27.70 6.48
CA VAL C 286 15.62 28.27 7.79
C VAL C 286 17.04 28.81 7.86
N ARG C 287 18.00 28.08 7.31
CA ARG C 287 19.38 28.58 7.31
C ARG C 287 19.50 29.86 6.50
N LYS C 288 18.84 29.91 5.34
CA LYS C 288 18.89 31.11 4.51
C LYS C 288 18.30 32.31 5.25
N MET C 289 17.16 32.12 5.90
CA MET C 289 16.49 33.24 6.56
C MET C 289 17.28 33.71 7.77
N MET C 290 17.73 32.79 8.62
CA MET C 290 18.42 33.19 9.84
C MET C 290 19.83 33.67 9.54
N THR C 291 20.56 32.96 8.67
CA THR C 291 21.95 33.31 8.41
C THR C 291 22.06 34.69 7.78
N ASN C 292 21.23 34.97 6.78
CA ASN C 292 21.28 36.29 6.13
C ASN C 292 20.90 37.39 7.10
N SER C 293 20.06 37.07 8.09
CA SER C 293 19.68 38.06 9.09
C SER C 293 20.89 38.42 9.94
N GLN C 294 21.14 39.72 10.09
CA GLN C 294 22.26 40.19 10.88
C GLN C 294 21.86 40.24 12.36
N ASP C 295 22.78 40.74 13.20
CA ASP C 295 22.50 40.80 14.62
C ASP C 295 21.32 41.71 14.93
N THR C 296 21.08 42.72 14.10
CA THR C 296 20.02 43.68 14.41
C THR C 296 18.65 43.11 14.10
N GLU C 297 18.53 42.26 13.08
CA GLU C 297 17.24 41.69 12.70
C GLU C 297 16.90 40.49 13.57
N LEU C 298 15.69 40.49 14.11
CA LEU C 298 15.14 39.34 14.82
C LEU C 298 14.39 38.43 13.85
N SER C 299 14.36 37.15 14.19
CA SER C 299 13.76 36.11 13.36
C SER C 299 12.75 35.32 14.18
N PHE C 300 11.60 35.02 13.58
CA PHE C 300 10.57 34.26 14.25
C PHE C 300 9.94 33.25 13.29
N THR C 301 9.72 32.04 13.78
CA THR C 301 9.09 30.98 13.01
C THR C 301 7.66 30.76 13.49
N ILE C 302 6.73 30.73 12.55
CA ILE C 302 5.33 30.44 12.80
C ILE C 302 5.04 29.05 12.25
N THR C 303 4.53 28.17 13.11
CA THR C 303 4.18 26.80 12.74
C THR C 303 2.68 26.76 12.46
N GLY C 304 2.30 27.18 11.26
CA GLY C 304 0.91 27.50 10.97
C GLY C 304 0.15 26.35 10.31
N ASP C 305 -1.09 26.19 10.74
CA ASP C 305 -2.05 25.30 10.11
C ASP C 305 -3.25 26.13 9.67
N ASN C 306 -3.81 25.78 8.52
CA ASN C 306 -4.92 26.53 7.94
C ASN C 306 -6.24 25.83 8.27
N THR C 307 -7.14 26.56 8.91
CA THR C 307 -8.43 26.01 9.28
C THR C 307 -9.37 26.04 8.08
N LYS C 308 -10.03 24.92 7.83
CA LYS C 308 -10.99 24.81 6.74
C LYS C 308 -10.36 25.21 5.41
N TRP C 309 -9.24 24.53 5.11
CA TRP C 309 -8.47 24.86 3.92
C TRP C 309 -9.28 24.61 2.65
N ASN C 310 -9.86 23.41 2.53
CA ASN C 310 -10.55 23.06 1.30
C ASN C 310 -11.90 23.76 1.16
N GLU C 311 -12.57 24.02 2.28
CA GLU C 311 -13.91 24.60 2.22
C GLU C 311 -13.90 26.06 1.79
N ASN C 312 -12.75 26.73 1.83
CA ASN C 312 -12.67 28.14 1.53
C ASN C 312 -11.97 28.44 0.21
N GLN C 313 -11.68 27.42 -0.60
CA GLN C 313 -11.02 27.60 -1.89
C GLN C 313 -12.08 27.47 -2.98
N ASN C 314 -12.38 28.60 -3.63
CA ASN C 314 -13.45 28.64 -4.61
C ASN C 314 -12.92 28.19 -5.97
N PRO C 315 -13.58 27.24 -6.66
CA PRO C 315 -13.09 26.81 -7.97
C PRO C 315 -13.01 27.93 -9.00
N ARG C 316 -13.86 28.95 -8.90
CA ARG C 316 -13.76 30.07 -9.83
C ARG C 316 -12.40 30.73 -9.75
N MET C 317 -11.82 30.78 -8.55
CA MET C 317 -10.51 31.39 -8.41
C MET C 317 -9.43 30.53 -9.06
N PHE C 318 -9.56 29.22 -8.97
CA PHE C 318 -8.65 28.35 -9.71
C PHE C 318 -8.81 28.54 -11.20
N LEU C 319 -10.04 28.75 -11.69
CA LEU C 319 -10.24 29.07 -13.09
C LEU C 319 -9.49 30.34 -13.46
N ALA C 320 -9.59 31.37 -12.61
CA ALA C 320 -8.86 32.62 -12.87
C ALA C 320 -7.35 32.39 -12.92
N MET C 321 -6.83 31.62 -11.95
CA MET C 321 -5.40 31.35 -11.92
C MET C 321 -4.94 30.62 -13.17
N ILE C 322 -5.69 29.61 -13.61
CA ILE C 322 -5.26 28.86 -14.78
C ILE C 322 -5.38 29.70 -16.05
N THR C 323 -6.43 30.51 -16.19
CA THR C 323 -6.56 31.33 -17.38
C THR C 323 -5.50 32.42 -17.41
N TYR C 324 -5.01 32.87 -16.25
CA TYR C 324 -3.86 33.75 -16.25
C TYR C 324 -2.59 32.99 -16.59
N ILE C 325 -2.47 31.74 -16.12
CA ILE C 325 -1.30 30.94 -16.43
C ILE C 325 -1.22 30.64 -17.91
N THR C 326 -2.35 30.32 -18.53
CA THR C 326 -2.39 29.91 -19.93
C THR C 326 -2.60 31.08 -20.89
N ARG C 327 -2.19 32.29 -20.52
CA ARG C 327 -2.26 33.42 -21.42
C ARG C 327 -1.25 33.25 -22.56
N ASN C 328 -1.63 33.75 -23.74
CA ASN C 328 -0.77 33.66 -24.92
C ASN C 328 -0.42 32.21 -25.24
N GLN C 329 -1.44 31.37 -25.23
CA GLN C 329 -1.33 29.95 -25.54
C GLN C 329 -2.45 29.57 -26.49
N PRO C 330 -2.33 28.45 -27.19
CA PRO C 330 -3.40 28.02 -28.11
C PRO C 330 -4.73 27.93 -27.38
N GLU C 331 -5.78 28.41 -28.05
CA GLU C 331 -7.09 28.50 -27.40
C GLU C 331 -7.61 27.13 -26.99
N TRP C 332 -7.29 26.08 -27.75
CA TRP C 332 -7.76 24.75 -27.38
C TRP C 332 -7.14 24.30 -26.06
N PHE C 333 -5.86 24.60 -25.85
CA PHE C 333 -5.21 24.28 -24.58
C PHE C 333 -5.90 25.00 -23.43
N ARG C 334 -6.19 26.29 -23.61
CA ARG C 334 -6.87 27.05 -22.57
C ARG C 334 -8.24 26.44 -22.27
N ASN C 335 -8.98 26.08 -23.32
CA ASN C 335 -10.31 25.50 -23.11
C ASN C 335 -10.24 24.19 -22.35
N VAL C 336 -9.33 23.29 -22.77
CA VAL C 336 -9.27 21.98 -22.13
C VAL C 336 -8.81 22.10 -20.69
N LEU C 337 -7.91 23.04 -20.40
CA LEU C 337 -7.50 23.25 -19.01
C LEU C 337 -8.55 24.01 -18.19
N SER C 338 -9.44 24.76 -18.84
CA SER C 338 -10.46 25.51 -18.12
C SER C 338 -11.71 24.69 -17.87
N ILE C 339 -11.92 23.59 -18.61
CA ILE C 339 -13.13 22.80 -18.43
C ILE C 339 -13.24 22.31 -17.00
N ALA C 340 -12.12 21.91 -16.38
CA ALA C 340 -12.19 21.32 -15.05
C ALA C 340 -12.75 22.28 -14.01
N PRO C 341 -12.15 23.44 -13.76
CA PRO C 341 -12.75 24.35 -12.76
C PRO C 341 -14.16 24.78 -13.11
N ILE C 342 -14.50 24.81 -14.40
CA ILE C 342 -15.87 25.14 -14.78
C ILE C 342 -16.83 24.10 -14.21
N MET C 343 -16.45 22.81 -14.26
CA MET C 343 -17.29 21.77 -13.71
C MET C 343 -17.26 21.75 -12.19
N PHE C 344 -16.10 22.02 -11.58
CA PHE C 344 -16.06 22.11 -10.12
C PHE C 344 -16.92 23.25 -9.59
N SER C 345 -16.97 24.38 -10.30
CA SER C 345 -17.80 25.49 -9.84
C SER C 345 -19.27 25.10 -9.79
N ASN C 346 -19.69 24.14 -10.60
CA ASN C 346 -21.05 23.63 -10.59
C ASN C 346 -21.15 22.24 -9.98
N LYS C 347 -20.13 21.81 -9.25
CA LYS C 347 -20.10 20.45 -8.73
C LYS C 347 -21.24 20.22 -7.75
N MET C 348 -21.76 18.99 -7.76
CA MET C 348 -22.75 18.54 -6.80
C MET C 348 -22.14 17.40 -5.98
N ALA C 349 -22.67 17.21 -4.77
CA ALA C 349 -22.19 16.19 -3.85
C ALA C 349 -23.34 15.31 -3.45
N ARG C 350 -23.16 14.00 -3.58
CA ARG C 350 -24.13 13.05 -3.05
C ARG C 350 -24.06 13.04 -1.53
N LEU C 351 -25.23 13.08 -0.90
CA LEU C 351 -25.27 13.22 0.55
C LEU C 351 -24.57 12.06 1.25
N GLY C 352 -24.80 10.84 0.77
CA GLY C 352 -24.11 9.69 1.31
C GLY C 352 -24.93 8.42 1.36
N LYS C 353 -24.54 7.49 2.24
CA LYS C 353 -25.24 6.21 2.32
C LYS C 353 -26.68 6.39 2.78
N GLY C 354 -26.90 7.24 3.77
CA GLY C 354 -28.24 7.47 4.28
C GLY C 354 -28.26 7.56 5.80
N TYR C 355 -29.35 7.13 6.42
CA TYR C 355 -29.47 7.14 7.87
C TYR C 355 -30.20 5.89 8.33
N MET C 356 -29.71 5.31 9.42
CA MET C 356 -30.32 4.11 9.99
C MET C 356 -31.04 4.46 11.29
N PHE C 357 -32.29 4.03 11.38
CA PHE C 357 -33.14 4.27 12.53
C PHE C 357 -33.38 2.97 13.29
N GLU C 358 -33.61 3.09 14.60
CA GLU C 358 -33.92 1.95 15.44
C GLU C 358 -35.17 2.24 16.26
N SER C 359 -36.03 1.24 16.39
CA SER C 359 -37.23 1.32 17.24
C SER C 359 -37.12 0.23 18.30
N LYS C 360 -36.87 0.64 19.54
CA LYS C 360 -36.72 -0.32 20.62
C LYS C 360 -38.06 -0.85 21.10
N SER C 361 -39.13 -0.04 21.01
CA SER C 361 -40.44 -0.51 21.42
C SER C 361 -40.88 -1.70 20.58
N MET C 362 -40.72 -1.59 19.25
CA MET C 362 -41.02 -2.70 18.35
C MET C 362 -39.79 -3.53 18.03
N LYS C 363 -38.60 -3.13 18.48
CA LYS C 363 -37.39 -3.93 18.34
C LYS C 363 -37.09 -4.22 16.87
N LEU C 364 -36.81 -3.16 16.12
CA LEU C 364 -36.49 -3.29 14.70
C LEU C 364 -35.55 -2.17 14.31
N ARG C 365 -34.98 -2.31 13.11
CA ARG C 365 -34.11 -1.27 12.55
C ARG C 365 -34.45 -1.08 11.08
N THR C 366 -34.11 0.10 10.56
CA THR C 366 -34.44 0.50 9.21
C THR C 366 -33.29 1.33 8.65
N GLN C 367 -33.15 1.32 7.33
CA GLN C 367 -32.11 2.07 6.64
C GLN C 367 -32.75 2.87 5.51
N ILE C 368 -32.80 4.19 5.67
CA ILE C 368 -33.38 5.08 4.66
C ILE C 368 -32.24 5.65 3.84
N PRO C 369 -32.32 5.63 2.51
CA PRO C 369 -31.26 6.24 1.69
C PRO C 369 -31.25 7.75 1.84
N ALA C 370 -30.09 8.34 1.56
CA ALA C 370 -29.94 9.78 1.71
C ALA C 370 -30.83 10.55 0.74
N GLU C 371 -31.19 9.95 -0.40
CA GLU C 371 -31.98 10.66 -1.39
C GLU C 371 -33.36 11.05 -0.86
N MET C 372 -33.81 10.42 0.22
CA MET C 372 -35.10 10.76 0.81
C MET C 372 -35.03 11.97 1.73
N LEU C 373 -33.83 12.49 2.02
CA LEU C 373 -33.70 13.62 2.93
C LEU C 373 -34.45 14.85 2.44
N ALA C 374 -34.67 14.96 1.12
CA ALA C 374 -35.36 16.13 0.59
C ALA C 374 -36.82 16.16 1.01
N SER C 375 -37.48 14.99 1.05
CA SER C 375 -38.90 14.91 1.30
C SER C 375 -39.26 14.26 2.63
N ILE C 376 -38.37 13.45 3.20
CA ILE C 376 -38.69 12.74 4.44
C ILE C 376 -38.98 13.74 5.54
N ASP C 377 -40.00 13.43 6.35
CA ASP C 377 -40.32 14.28 7.49
C ASP C 377 -39.13 14.30 8.46
N LEU C 378 -39.13 15.30 9.33
CA LEU C 378 -38.03 15.54 10.25
C LEU C 378 -38.31 15.04 11.66
N LYS C 379 -39.36 14.24 11.84
CA LYS C 379 -39.68 13.72 13.16
C LYS C 379 -38.68 12.69 13.65
N TYR C 380 -37.99 12.00 12.75
CA TYR C 380 -37.07 10.92 13.12
C TYR C 380 -35.69 11.44 13.50
N PHE C 381 -35.35 12.68 13.16
CA PHE C 381 -34.01 13.20 13.32
C PHE C 381 -33.89 14.00 14.61
N ASN C 382 -32.70 13.94 15.22
CA ASN C 382 -32.43 14.71 16.43
C ASN C 382 -32.33 16.19 16.08
N ASP C 383 -32.14 17.01 17.11
CA ASP C 383 -32.12 18.46 16.91
C ASP C 383 -31.00 18.88 15.97
N SER C 384 -29.79 18.35 16.19
CA SER C 384 -28.65 18.74 15.35
C SER C 384 -28.88 18.33 13.90
N THR C 385 -29.20 17.05 13.68
CA THR C 385 -29.45 16.59 12.32
C THR C 385 -30.68 17.25 11.72
N ARG C 386 -31.71 17.50 12.53
CA ARG C 386 -32.89 18.20 12.04
C ARG C 386 -32.50 19.57 11.48
N LYS C 387 -31.71 20.33 12.24
CA LYS C 387 -31.30 21.66 11.78
C LYS C 387 -30.39 21.57 10.56
N LYS C 388 -29.49 20.60 10.54
CA LYS C 388 -28.61 20.44 9.37
C LYS C 388 -29.43 20.17 8.12
N ILE C 389 -30.42 19.27 8.21
CA ILE C 389 -31.26 18.97 7.06
C ILE C 389 -32.07 20.19 6.66
N GLU C 390 -32.62 20.91 7.64
CA GLU C 390 -33.40 22.10 7.32
C GLU C 390 -32.55 23.13 6.59
N LYS C 391 -31.28 23.26 6.99
CA LYS C 391 -30.42 24.24 6.34
C LYS C 391 -29.95 23.79 4.97
N ILE C 392 -29.75 22.49 4.76
CA ILE C 392 -29.23 22.01 3.49
C ILE C 392 -30.32 21.70 2.46
N ARG C 393 -31.58 21.60 2.88
CA ARG C 393 -32.64 21.24 1.93
C ARG C 393 -32.73 22.19 0.76
N PRO C 394 -32.62 23.51 0.91
CA PRO C 394 -32.78 24.40 -0.24
C PRO C 394 -31.80 24.09 -1.38
N LEU C 395 -30.65 23.50 -1.04
CA LEU C 395 -29.63 23.17 -2.02
C LEU C 395 -29.79 21.77 -2.59
N LEU C 396 -30.80 21.02 -2.18
CA LEU C 396 -30.97 19.65 -2.65
C LEU C 396 -31.63 19.65 -4.02
N ILE C 397 -30.96 19.04 -4.99
CA ILE C 397 -31.47 18.90 -6.36
C ILE C 397 -31.26 17.46 -6.77
N ASP C 398 -32.35 16.69 -6.87
CA ASP C 398 -32.29 15.30 -7.33
C ASP C 398 -31.40 14.45 -6.42
N GLY C 399 -31.60 14.60 -5.11
CA GLY C 399 -30.89 13.78 -4.15
C GLY C 399 -29.45 14.14 -3.93
N THR C 400 -28.99 15.26 -4.47
CA THR C 400 -27.62 15.73 -4.29
C THR C 400 -27.62 17.22 -4.05
N ALA C 401 -26.64 17.68 -3.27
CA ALA C 401 -26.57 19.07 -2.84
C ALA C 401 -25.51 19.82 -3.64
N SER C 402 -25.86 21.01 -4.11
CA SER C 402 -24.91 21.84 -4.84
C SER C 402 -23.84 22.36 -3.89
N LEU C 403 -22.59 22.23 -4.30
CA LEU C 403 -21.44 22.63 -3.48
C LEU C 403 -20.52 23.55 -4.27
N SER C 404 -21.11 24.56 -4.91
CA SER C 404 -20.32 25.50 -5.68
C SER C 404 -19.27 26.26 -4.88
N PRO C 405 -19.55 26.74 -3.66
CA PRO C 405 -18.65 27.73 -3.05
C PRO C 405 -17.20 27.30 -2.94
N GLY C 406 -16.90 26.04 -2.65
CA GLY C 406 -15.52 25.65 -2.44
C GLY C 406 -15.29 24.18 -2.65
N MET C 407 -14.00 23.83 -2.71
CA MET C 407 -13.60 22.44 -2.90
C MET C 407 -14.02 21.59 -1.71
N MET C 408 -14.18 20.30 -1.96
CA MET C 408 -14.64 19.36 -0.93
C MET C 408 -13.48 18.71 -0.19
N MET C 409 -12.60 18.00 -0.90
CA MET C 409 -11.46 17.34 -0.25
C MET C 409 -10.29 17.36 -1.23
N GLY C 410 -9.46 18.38 -1.11
CA GLY C 410 -8.15 18.41 -1.74
C GLY C 410 -8.03 17.77 -3.10
N MET C 411 -9.00 17.99 -3.99
CA MET C 411 -8.84 17.50 -5.36
C MET C 411 -7.79 18.33 -6.10
N PHE C 412 -7.81 19.65 -5.93
CA PHE C 412 -6.76 20.52 -6.45
C PHE C 412 -5.75 20.82 -5.34
N ASN C 413 -4.99 19.79 -4.97
CA ASN C 413 -3.92 19.98 -4.00
C ASN C 413 -2.84 20.89 -4.58
N MET C 414 -2.43 20.62 -5.83
CA MET C 414 -1.27 21.30 -6.39
C MET C 414 -1.57 22.76 -6.68
N LEU C 415 -2.78 23.09 -7.14
CA LEU C 415 -3.13 24.48 -7.36
C LEU C 415 -3.22 25.24 -6.05
N SER C 416 -3.74 24.60 -4.99
CA SER C 416 -3.75 25.23 -3.68
C SER C 416 -2.32 25.50 -3.21
N THR C 417 -1.42 24.55 -3.43
CA THR C 417 -0.02 24.77 -3.10
C THR C 417 0.56 25.92 -3.91
N VAL C 418 0.15 26.05 -5.17
CA VAL C 418 0.62 27.16 -6.00
C VAL C 418 0.16 28.49 -5.41
N LEU C 419 -1.10 28.56 -4.99
CA LEU C 419 -1.60 29.79 -4.38
C LEU C 419 -0.84 30.12 -3.10
N GLY C 420 -0.60 29.11 -2.26
CA GLY C 420 0.14 29.33 -1.05
C GLY C 420 1.58 29.78 -1.32
N VAL C 421 2.20 29.21 -2.34
CA VAL C 421 3.55 29.62 -2.71
C VAL C 421 3.55 31.05 -3.23
N SER C 422 2.51 31.44 -3.96
CA SER C 422 2.40 32.83 -4.38
C SER C 422 2.33 33.76 -3.17
N ILE C 423 1.53 33.38 -2.16
CA ILE C 423 1.46 34.18 -0.95
C ILE C 423 2.83 34.26 -0.30
N LEU C 424 3.53 33.13 -0.19
CA LEU C 424 4.84 33.12 0.44
C LEU C 424 5.82 34.03 -0.30
N ASN C 425 5.81 33.96 -1.63
CA ASN C 425 6.75 34.76 -2.42
C ASN C 425 6.37 36.23 -2.43
N LEU C 426 5.11 36.56 -2.17
CA LEU C 426 4.69 37.96 -2.17
C LEU C 426 5.34 38.77 -1.05
N GLY C 427 6.19 38.16 -0.23
CA GLY C 427 6.89 38.89 0.82
C GLY C 427 8.39 38.79 0.70
N GLN C 428 8.89 38.88 -0.53
CA GLN C 428 10.32 38.73 -0.81
C GLN C 428 11.13 39.98 -0.48
N LYS C 429 10.55 40.95 0.23
CA LYS C 429 11.11 42.24 0.59
C LYS C 429 11.13 43.20 -0.60
N ARG C 430 10.77 42.74 -1.81
CA ARG C 430 10.59 43.65 -2.94
C ARG C 430 9.16 44.13 -3.05
N TYR C 431 8.20 43.35 -2.55
CA TYR C 431 6.80 43.75 -2.52
C TYR C 431 6.35 44.22 -1.15
N THR C 432 7.05 43.84 -0.09
CA THR C 432 6.68 44.30 1.25
C THR C 432 6.86 45.80 1.38
N LYS C 433 7.94 46.35 0.79
CA LYS C 433 8.23 47.78 0.87
C LYS C 433 8.42 48.22 2.31
N THR C 434 9.00 47.35 3.15
CA THR C 434 9.21 47.67 4.55
C THR C 434 10.37 46.82 5.05
N THR C 435 10.90 47.20 6.22
CA THR C 435 12.05 46.50 6.77
C THR C 435 11.76 45.02 6.97
N TYR C 436 10.56 44.68 7.46
CA TYR C 436 10.22 43.29 7.71
C TYR C 436 10.05 42.55 6.38
N TRP C 437 10.23 41.23 6.46
CA TRP C 437 10.02 40.36 5.30
C TRP C 437 9.81 38.95 5.82
N TRP C 438 9.37 38.07 4.92
CA TRP C 438 9.08 36.71 5.33
C TRP C 438 9.31 35.75 4.17
N ASP C 439 9.49 34.49 4.51
CA ASP C 439 9.58 33.39 3.55
C ASP C 439 9.08 32.13 4.27
N GLY C 440 9.25 30.98 3.64
CA GLY C 440 8.92 29.74 4.31
C GLY C 440 8.54 28.67 3.30
N LEU C 441 7.82 27.67 3.81
CA LEU C 441 7.43 26.53 3.00
C LEU C 441 5.95 26.23 3.22
N GLN C 442 5.25 25.95 2.13
CA GLN C 442 3.82 25.67 2.12
C GLN C 442 3.58 24.29 1.54
N SER C 443 2.83 23.46 2.26
CA SER C 443 2.27 22.24 1.70
C SER C 443 0.83 22.18 2.16
N SER C 444 -0.09 22.03 1.20
CA SER C 444 -1.49 22.33 1.41
C SER C 444 -1.96 21.99 2.82
N ASP C 445 -2.58 22.97 3.48
CA ASP C 445 -3.17 22.87 4.82
C ASP C 445 -2.13 23.01 5.93
N ASP C 446 -0.87 23.23 5.60
CA ASP C 446 0.21 23.29 6.57
C ASP C 446 1.31 24.20 6.03
N PHE C 447 1.94 24.95 6.92
CA PHE C 447 3.04 25.81 6.47
C PHE C 447 3.94 26.18 7.63
N ALA C 448 5.19 26.49 7.28
CA ALA C 448 6.14 27.08 8.20
C ALA C 448 6.57 28.42 7.63
N LEU C 449 6.46 29.47 8.43
CA LEU C 449 6.72 30.83 7.98
C LEU C 449 7.81 31.46 8.83
N ILE C 450 8.95 31.75 8.22
CA ILE C 450 10.06 32.42 8.89
C ILE C 450 9.99 33.89 8.51
N VAL C 451 9.77 34.75 9.50
CA VAL C 451 9.62 36.19 9.30
C VAL C 451 10.72 36.90 10.07
N ASN C 452 11.43 37.80 9.38
CA ASN C 452 12.49 38.59 9.99
C ASN C 452 12.15 40.06 9.95
N ALA C 453 12.52 40.76 11.00
CA ALA C 453 12.24 42.19 11.11
C ALA C 453 13.16 42.77 12.18
N PRO C 454 13.52 44.06 12.06
CA PRO C 454 14.50 44.64 13.00
C PRO C 454 14.02 44.67 14.44
N ASN C 455 12.72 44.61 14.71
CA ASN C 455 12.22 44.70 16.07
C ASN C 455 10.92 43.91 16.18
N HIS C 456 10.52 43.63 17.43
CA HIS C 456 9.30 42.88 17.65
C HIS C 456 8.11 43.54 16.97
N GLU C 457 8.08 44.88 16.93
CA GLU C 457 7.03 45.57 16.21
C GLU C 457 7.05 45.21 14.73
N GLY C 458 8.24 45.13 14.15
CA GLY C 458 8.35 44.73 12.76
C GLY C 458 7.84 43.32 12.52
N ILE C 459 8.17 42.39 13.42
CA ILE C 459 7.68 41.02 13.27
C ILE C 459 6.16 40.99 13.37
N GLN C 460 5.60 41.74 14.33
CA GLN C 460 4.15 41.78 14.48
C GLN C 460 3.49 42.33 13.23
N ALA C 461 4.03 43.43 12.69
CA ALA C 461 3.47 44.01 11.48
C ALA C 461 3.57 43.04 10.30
N GLY C 462 4.70 42.35 10.18
CA GLY C 462 4.86 41.40 9.09
C GLY C 462 3.87 40.26 9.16
N VAL C 463 3.72 39.67 10.35
CA VAL C 463 2.77 38.57 10.49
C VAL C 463 1.35 39.06 10.27
N ASP C 464 1.03 40.27 10.76
CA ASP C 464 -0.31 40.81 10.55
C ASP C 464 -0.61 41.00 9.08
N ARG C 465 0.35 41.57 8.33
CA ARG C 465 0.13 41.76 6.91
C ARG C 465 0.05 40.44 6.15
N PHE C 466 0.86 39.45 6.55
CA PHE C 466 0.77 38.14 5.93
C PHE C 466 -0.61 37.52 6.14
N TYR C 467 -1.11 37.61 7.37
CA TYR C 467 -2.45 37.10 7.66
C TYR C 467 -3.51 37.83 6.85
N ARG C 468 -3.40 39.16 6.77
CA ARG C 468 -4.38 39.94 6.03
C ARG C 468 -4.37 39.56 4.55
N THR C 469 -3.18 39.43 3.97
CA THR C 469 -3.09 39.03 2.57
C THR C 469 -3.66 37.63 2.36
N CYS C 470 -3.41 36.73 3.31
CA CYS C 470 -4.00 35.40 3.21
C CYS C 470 -5.52 35.47 3.20
N LYS C 471 -6.10 36.32 4.05
CA LYS C 471 -7.55 36.46 4.08
C LYS C 471 -8.11 37.06 2.80
N LEU C 472 -7.30 37.75 2.01
CA LEU C 472 -7.75 38.29 0.73
C LEU C 472 -7.76 37.24 -0.38
N LEU C 473 -7.16 36.07 -0.14
CA LEU C 473 -7.10 34.99 -1.13
C LEU C 473 -7.97 33.80 -0.72
N GLY C 474 -8.85 33.97 0.27
CA GLY C 474 -9.69 32.89 0.70
C GLY C 474 -8.98 31.84 1.54
N ILE C 475 -7.80 32.16 2.05
CA ILE C 475 -7.01 31.25 2.88
C ILE C 475 -7.04 31.77 4.31
N ASN C 476 -7.34 30.89 5.24
CA ASN C 476 -7.45 31.23 6.66
C ASN C 476 -6.37 30.51 7.45
N MET C 477 -5.84 31.20 8.45
CA MET C 477 -4.83 30.64 9.34
C MET C 477 -5.49 30.21 10.65
N SER C 478 -5.26 28.96 11.04
CA SER C 478 -5.86 28.41 12.26
C SER C 478 -5.09 28.96 13.45
N LYS C 479 -5.69 29.92 14.15
CA LYS C 479 -5.05 30.50 15.32
C LYS C 479 -4.94 29.51 16.47
N LYS C 480 -5.84 28.53 16.54
CA LYS C 480 -5.82 27.59 17.66
C LYS C 480 -4.71 26.55 17.50
N LYS C 481 -4.38 26.16 16.26
CA LYS C 481 -3.37 25.15 16.00
C LYS C 481 -2.04 25.75 15.53
N SER C 482 -1.82 27.04 15.78
CA SER C 482 -0.63 27.71 15.31
C SER C 482 0.04 28.46 16.46
N TYR C 483 1.37 28.54 16.40
CA TYR C 483 2.13 29.29 17.39
C TYR C 483 3.42 29.79 16.76
N ILE C 484 3.97 30.85 17.35
CA ILE C 484 5.16 31.52 16.85
C ILE C 484 6.21 31.53 17.95
N ASN C 485 7.44 31.18 17.60
CA ASN C 485 8.57 31.23 18.53
C ASN C 485 9.77 31.79 17.78
N ARG C 486 10.93 31.79 18.44
CA ARG C 486 12.16 32.16 17.73
C ARG C 486 12.60 31.01 16.82
N THR C 487 13.25 31.38 15.72
CA THR C 487 13.68 30.39 14.76
C THR C 487 14.71 29.44 15.37
N GLY C 488 14.66 28.18 14.94
CA GLY C 488 15.51 27.16 15.49
C GLY C 488 14.71 25.97 16.00
N THR C 489 13.41 26.20 16.24
CA THR C 489 12.52 25.15 16.71
C THR C 489 11.17 25.36 16.06
N PHE C 490 10.66 24.32 15.40
CA PHE C 490 9.35 24.39 14.76
C PHE C 490 8.90 22.99 14.37
N GLU C 491 7.74 22.92 13.73
CA GLU C 491 7.17 21.66 13.28
C GLU C 491 6.61 21.84 11.88
N PHE C 492 6.58 20.73 11.13
CA PHE C 492 6.00 20.75 9.78
C PHE C 492 5.63 19.32 9.42
N THR C 493 4.34 19.04 9.31
CA THR C 493 3.83 17.73 8.90
C THR C 493 4.49 16.61 9.71
N SER C 494 4.34 16.71 11.02
CA SER C 494 4.85 15.72 11.97
C SER C 494 6.37 15.58 11.91
N PHE C 495 7.06 16.55 11.32
CA PHE C 495 8.52 16.61 11.32
C PHE C 495 8.91 17.73 12.27
N PHE C 496 9.57 17.38 13.36
CA PHE C 496 9.93 18.34 14.41
C PHE C 496 11.38 18.76 14.21
N TYR C 497 11.60 20.04 13.91
CA TYR C 497 12.92 20.58 13.70
C TYR C 497 13.36 21.30 14.98
N ARG C 498 14.50 20.88 15.53
CA ARG C 498 15.11 21.52 16.71
C ARG C 498 16.60 21.58 16.43
N TYR C 499 17.04 22.68 15.81
CA TYR C 499 18.43 22.82 15.38
C TYR C 499 18.85 21.62 14.54
N GLY C 500 17.91 21.12 13.73
CA GLY C 500 18.12 19.90 12.98
C GLY C 500 16.98 18.93 13.21
N PHE C 501 16.51 18.28 12.14
CA PHE C 501 15.36 17.40 12.26
C PHE C 501 15.67 16.23 13.19
N VAL C 502 14.67 15.84 13.97
CA VAL C 502 14.79 14.75 14.93
C VAL C 502 13.89 13.61 14.48
N ALA C 503 14.41 12.38 14.55
CA ALA C 503 13.64 11.21 14.15
C ALA C 503 12.49 10.98 15.12
N ASN C 504 11.41 10.44 14.59
CA ASN C 504 10.22 10.14 15.38
C ASN C 504 10.00 8.64 15.55
N PHE C 505 9.90 7.91 14.45
CA PHE C 505 9.80 6.45 14.45
C PHE C 505 8.44 5.98 14.96
N SER C 506 7.62 6.88 15.47
CA SER C 506 6.28 6.51 15.90
C SER C 506 5.26 6.62 14.78
N MET C 507 5.59 7.34 13.71
CA MET C 507 4.73 7.42 12.54
C MET C 507 4.81 6.15 11.70
N GLU C 508 5.94 5.45 11.73
CA GLU C 508 6.16 4.26 10.93
C GLU C 508 5.94 2.97 11.71
N LEU C 509 5.58 3.08 12.99
CA LEU C 509 5.38 1.91 13.84
C LEU C 509 4.29 1.00 13.26
N PRO C 510 3.18 1.54 12.78
CA PRO C 510 2.12 0.68 12.23
C PRO C 510 2.57 -0.15 11.03
N SER C 511 3.68 0.18 10.40
CA SER C 511 4.16 -0.50 9.20
C SER C 511 5.17 -1.60 9.52
N PHE C 512 5.28 -1.99 10.79
CA PHE C 512 6.27 -2.98 11.21
C PHE C 512 5.71 -4.40 11.27
N GLY C 513 4.44 -4.58 10.94
CA GLY C 513 3.83 -5.89 10.94
C GLY C 513 3.82 -6.53 9.56
N VAL C 514 3.12 -7.66 9.46
CA VAL C 514 2.95 -8.32 8.18
C VAL C 514 2.07 -7.46 7.30
N SER C 515 2.58 -7.10 6.11
CA SER C 515 1.84 -6.19 5.24
C SER C 515 0.49 -6.79 4.84
N GLY C 516 0.48 -8.05 4.44
CA GLY C 516 -0.73 -8.72 4.06
C GLY C 516 -0.87 -8.95 2.57
N ILE C 517 0.27 -9.00 1.87
CA ILE C 517 0.27 -9.24 0.43
C ILE C 517 0.36 -10.74 0.20
N ASN C 518 1.44 -11.35 0.65
CA ASN C 518 1.64 -12.79 0.61
C ASN C 518 2.88 -13.11 1.43
N GLU C 519 3.29 -14.37 1.46
CA GLU C 519 4.37 -14.78 2.35
C GLU C 519 5.69 -14.13 1.95
N SER C 520 6.15 -14.38 0.73
CA SER C 520 7.41 -13.80 0.28
C SER C 520 7.34 -12.28 0.27
N ALA C 521 6.23 -11.73 -0.23
CA ALA C 521 6.07 -10.28 -0.27
C ALA C 521 6.09 -9.70 1.14
N ASP C 522 5.40 -10.34 2.09
CA ASP C 522 5.39 -9.82 3.45
C ASP C 522 6.78 -9.86 4.06
N MET C 523 7.51 -10.96 3.86
CA MET C 523 8.86 -11.05 4.41
C MET C 523 9.74 -9.95 3.85
N SER C 524 9.76 -9.80 2.52
CA SER C 524 10.60 -8.79 1.90
C SER C 524 10.19 -7.39 2.33
N ILE C 525 8.89 -7.13 2.41
CA ILE C 525 8.43 -5.79 2.78
C ILE C 525 8.82 -5.48 4.22
N GLY C 526 8.69 -6.46 5.12
CA GLY C 526 9.07 -6.22 6.50
C GLY C 526 10.54 -5.91 6.65
N VAL C 527 11.40 -6.73 6.02
CA VAL C 527 12.83 -6.48 6.14
C VAL C 527 13.21 -5.15 5.50
N THR C 528 12.60 -4.83 4.34
CA THR C 528 12.90 -3.57 3.68
C THR C 528 12.42 -2.38 4.50
N VAL C 529 11.27 -2.50 5.16
CA VAL C 529 10.79 -1.42 6.01
C VAL C 529 11.73 -1.20 7.19
N ILE C 530 12.19 -2.29 7.80
CA ILE C 530 13.17 -2.16 8.88
C ILE C 530 14.41 -1.44 8.37
N LYS C 531 14.91 -1.85 7.20
CA LYS C 531 16.09 -1.23 6.62
C LYS C 531 15.87 0.27 6.39
N ASN C 532 14.75 0.62 5.75
CA ASN C 532 14.49 2.02 5.42
C ASN C 532 14.37 2.87 6.68
N ASN C 533 13.61 2.39 7.67
CA ASN C 533 13.48 3.14 8.91
C ASN C 533 14.79 3.23 9.66
N MET C 534 15.71 2.27 9.44
CA MET C 534 17.07 2.44 9.95
C MET C 534 17.82 3.53 9.21
N ILE C 535 17.61 3.64 7.89
CA ILE C 535 18.33 4.64 7.11
C ILE C 535 17.78 6.04 7.36
N ASN C 536 16.45 6.18 7.35
CA ASN C 536 15.83 7.50 7.40
C ASN C 536 15.47 7.91 8.83
N ASN C 537 14.65 7.10 9.51
CA ASN C 537 14.11 7.47 10.81
C ASN C 537 15.04 7.11 11.96
N ASP C 538 16.33 6.92 11.69
CA ASP C 538 17.35 6.77 12.73
C ASP C 538 16.97 5.68 13.72
N LEU C 539 16.52 4.54 13.20
CA LEU C 539 16.24 3.39 14.03
C LEU C 539 17.55 2.75 14.48
N GLY C 540 17.62 2.42 15.76
CA GLY C 540 18.85 1.91 16.34
C GLY C 540 19.15 0.48 15.94
N PRO C 541 20.42 0.07 16.04
CA PRO C 541 20.76 -1.31 15.69
C PRO C 541 20.05 -2.35 16.56
N ALA C 542 20.15 -2.21 17.88
CA ALA C 542 19.49 -3.17 18.77
C ALA C 542 17.98 -3.12 18.59
N THR C 543 17.43 -1.93 18.42
CA THR C 543 16.00 -1.80 18.15
C THR C 543 15.63 -2.50 16.85
N ALA C 544 16.47 -2.37 15.83
CA ALA C 544 16.21 -3.04 14.56
C ALA C 544 16.25 -4.55 14.73
N GLN C 545 17.19 -5.07 15.51
CA GLN C 545 17.24 -6.50 15.75
C GLN C 545 15.99 -6.97 16.48
N MET C 546 15.55 -6.21 17.49
CA MET C 546 14.31 -6.55 18.19
C MET C 546 13.12 -6.53 17.23
N ALA C 547 13.07 -5.54 16.34
CA ALA C 547 12.00 -5.46 15.37
C ALA C 547 12.02 -6.68 14.45
N LEU C 548 13.21 -7.09 14.02
CA LEU C 548 13.32 -8.28 13.18
C LEU C 548 12.80 -9.51 13.91
N GLN C 549 13.18 -9.66 15.18
CA GLN C 549 12.73 -10.82 15.96
C GLN C 549 11.21 -10.82 16.10
N LEU C 550 10.63 -9.68 16.48
CA LEU C 550 9.20 -9.61 16.67
C LEU C 550 8.46 -9.82 15.35
N PHE C 551 8.98 -9.26 14.26
CA PHE C 551 8.35 -9.45 12.96
C PHE C 551 8.38 -10.91 12.55
N ILE C 552 9.50 -11.59 12.79
CA ILE C 552 9.58 -13.01 12.46
C ILE C 552 8.59 -13.81 13.29
N LYS C 553 8.48 -13.49 14.58
CA LYS C 553 7.52 -14.18 15.43
C LYS C 553 6.09 -14.00 14.91
N ASP C 554 5.71 -12.76 14.62
CA ASP C 554 4.36 -12.49 14.14
C ASP C 554 4.13 -13.13 12.77
N TYR C 555 5.15 -13.13 11.91
CA TYR C 555 5.04 -13.74 10.60
C TYR C 555 4.79 -15.24 10.71
N ARG C 556 5.56 -15.92 11.58
CA ARG C 556 5.36 -17.35 11.77
C ARG C 556 3.99 -17.64 12.38
N TYR C 557 3.56 -16.80 13.32
CA TYR C 557 2.27 -17.03 13.97
C TYR C 557 1.09 -16.66 13.07
N THR C 558 1.31 -15.87 12.02
CA THR C 558 0.24 -15.47 11.12
C THR C 558 0.06 -16.46 9.98
N TYR C 559 1.16 -16.93 9.40
CA TYR C 559 1.12 -17.86 8.28
C TYR C 559 1.23 -19.32 8.71
N ARG C 560 1.16 -19.59 10.02
CA ARG C 560 1.17 -20.96 10.52
C ARG C 560 2.42 -21.71 10.07
N CYS C 561 3.53 -20.98 9.94
CA CYS C 561 4.80 -21.55 9.51
C CYS C 561 5.79 -21.42 10.67
N HIS C 562 5.79 -22.41 11.55
CA HIS C 562 6.67 -22.40 12.71
C HIS C 562 7.97 -23.13 12.38
N ARG C 563 8.94 -23.00 13.30
CA ARG C 563 10.30 -23.42 13.02
C ARG C 563 10.40 -24.85 12.53
N GLY C 564 9.39 -25.68 12.78
CA GLY C 564 9.38 -27.06 12.33
C GLY C 564 9.93 -28.04 13.34
N ASP C 565 10.93 -27.63 14.11
CA ASP C 565 11.48 -28.46 15.18
C ASP C 565 10.68 -28.33 16.47
N THR C 566 9.63 -27.53 16.48
CA THR C 566 8.77 -27.36 17.64
C THR C 566 7.57 -28.30 17.53
N GLN C 567 6.82 -28.38 18.64
CA GLN C 567 5.62 -29.20 18.72
C GLN C 567 4.36 -28.33 18.79
N ILE C 568 4.36 -27.23 18.04
CA ILE C 568 3.21 -26.34 17.98
C ILE C 568 2.28 -26.89 16.91
N GLN C 569 1.19 -27.54 17.34
CA GLN C 569 0.25 -28.12 16.39
C GLN C 569 -0.60 -27.02 15.77
N THR C 570 -0.60 -26.97 14.44
CA THR C 570 -1.42 -26.04 13.66
C THR C 570 -2.04 -26.79 12.50
N ARG C 571 -2.78 -26.06 11.66
CA ARG C 571 -3.33 -26.65 10.45
C ARG C 571 -2.27 -26.93 9.40
N ARG C 572 -1.04 -26.44 9.60
CA ARG C 572 0.03 -26.59 8.62
C ARG C 572 1.29 -27.18 9.23
N SER C 573 1.22 -27.68 10.48
CA SER C 573 2.39 -28.17 11.18
C SER C 573 2.80 -29.58 10.76
N PHE C 574 1.95 -30.30 10.04
CA PHE C 574 2.28 -31.67 9.67
C PHE C 574 3.14 -31.70 8.40
N GLU C 575 2.66 -31.06 7.33
CA GLU C 575 3.42 -30.99 6.09
C GLU C 575 4.76 -30.31 6.33
N ILE C 576 4.76 -29.25 7.14
CA ILE C 576 6.00 -28.56 7.45
C ILE C 576 6.97 -29.49 8.16
N LYS C 577 6.48 -30.29 9.10
CA LYS C 577 7.36 -31.20 9.83
C LYS C 577 7.91 -32.30 8.93
N LYS C 578 7.09 -32.83 8.01
CA LYS C 578 7.63 -33.84 7.11
C LYS C 578 8.64 -33.23 6.15
N LEU C 579 8.41 -32.01 5.68
CA LEU C 579 9.41 -31.35 4.85
C LEU C 579 10.69 -31.13 5.65
N TRP C 580 10.57 -30.79 6.93
CA TRP C 580 11.73 -30.61 7.78
C TRP C 580 12.53 -31.90 7.90
N GLU C 581 11.85 -33.00 8.22
CA GLU C 581 12.52 -34.29 8.38
C GLU C 581 13.06 -34.83 7.06
N GLN C 582 12.46 -34.44 5.94
CA GLN C 582 12.93 -34.88 4.63
C GLN C 582 14.21 -34.15 4.22
N THR C 583 14.30 -32.86 4.54
CA THR C 583 15.45 -32.07 4.11
C THR C 583 16.70 -32.46 4.90
N ARG C 584 17.84 -32.44 4.21
CA ARG C 584 19.12 -32.74 4.84
C ARG C 584 19.78 -31.48 5.37
N SER C 585 19.93 -30.46 4.53
CA SER C 585 20.46 -29.17 4.96
C SER C 585 19.29 -28.29 5.34
N LYS C 586 18.84 -28.42 6.58
CA LYS C 586 17.65 -27.71 7.05
C LYS C 586 17.87 -26.20 7.21
N ALA C 587 19.12 -25.73 7.14
CA ALA C 587 19.38 -24.30 7.25
C ALA C 587 18.96 -23.53 6.02
N GLY C 588 18.64 -24.21 4.92
CA GLY C 588 18.26 -23.54 3.69
C GLY C 588 16.77 -23.38 3.53
N LEU C 589 15.99 -23.98 4.42
CA LEU C 589 14.54 -23.86 4.36
C LEU C 589 14.11 -22.43 4.65
N LEU C 590 13.14 -21.95 3.89
CA LEU C 590 12.61 -20.62 4.12
C LEU C 590 11.74 -20.59 5.37
N VAL C 591 11.65 -19.41 5.99
CA VAL C 591 10.81 -19.26 7.16
C VAL C 591 9.36 -19.59 6.83
N SER C 592 8.96 -19.37 5.58
CA SER C 592 7.61 -19.74 5.16
C SER C 592 7.39 -21.25 5.19
N ASP C 593 8.46 -22.03 5.04
CA ASP C 593 8.38 -23.49 5.06
C ASP C 593 8.86 -24.08 6.38
N GLY C 594 9.00 -23.25 7.41
CA GLY C 594 9.43 -23.73 8.70
C GLY C 594 10.92 -23.95 8.82
N GLY C 595 11.69 -22.93 8.45
CA GLY C 595 13.13 -22.99 8.54
C GLY C 595 13.69 -21.90 9.44
N PRO C 596 14.96 -22.01 9.79
CA PRO C 596 15.57 -20.99 10.65
C PRO C 596 15.70 -19.65 9.93
N ASN C 597 15.77 -18.60 10.73
CA ASN C 597 15.89 -17.24 10.23
C ASN C 597 17.35 -16.81 10.29
N LEU C 598 17.93 -16.51 9.14
CA LEU C 598 19.31 -16.08 9.05
C LEU C 598 19.45 -14.57 8.89
N TYR C 599 18.36 -13.82 9.00
CA TYR C 599 18.41 -12.38 8.79
C TYR C 599 19.13 -11.69 9.95
N ASN C 600 19.74 -10.56 9.63
CA ASN C 600 20.41 -9.72 10.63
C ASN C 600 20.58 -8.34 10.02
N ILE C 601 21.18 -7.43 10.80
CA ILE C 601 21.33 -6.05 10.35
C ILE C 601 22.08 -5.99 9.03
N ARG C 602 23.00 -6.93 8.80
CA ARG C 602 23.77 -6.94 7.57
C ARG C 602 23.00 -7.55 6.40
N ASN C 603 21.93 -8.29 6.66
CA ASN C 603 21.22 -9.03 5.62
C ASN C 603 19.83 -8.46 5.35
N LEU C 604 19.56 -7.23 5.77
CA LEU C 604 18.22 -6.67 5.62
C LEU C 604 17.92 -6.24 4.18
N HIS C 605 18.93 -6.21 3.30
CA HIS C 605 18.74 -5.77 1.93
C HIS C 605 18.84 -6.92 0.93
N ILE C 606 18.69 -8.15 1.39
CA ILE C 606 18.81 -9.33 0.55
C ILE C 606 17.50 -10.10 0.62
N PRO C 607 16.93 -10.53 -0.50
CA PRO C 607 15.74 -11.39 -0.43
C PRO C 607 16.04 -12.71 0.26
N GLU C 608 15.01 -13.27 0.89
CA GLU C 608 15.19 -14.50 1.65
C GLU C 608 15.64 -15.64 0.75
N VAL C 609 15.09 -15.74 -0.45
CA VAL C 609 15.42 -16.86 -1.32
C VAL C 609 16.90 -16.84 -1.67
N CYS C 610 17.43 -15.67 -2.01
CA CYS C 610 18.83 -15.57 -2.40
C CYS C 610 19.78 -15.70 -1.22
N LEU C 611 19.34 -15.32 -0.02
CA LEU C 611 20.18 -15.47 1.17
C LEU C 611 20.35 -16.94 1.54
N LYS C 612 19.35 -17.77 1.25
CA LYS C 612 19.38 -19.19 1.58
C LYS C 612 19.59 -20.07 0.35
N TRP C 613 20.00 -19.47 -0.77
CA TRP C 613 20.10 -20.23 -2.01
C TRP C 613 21.16 -21.33 -1.91
N GLU C 614 22.34 -21.00 -1.38
CA GLU C 614 23.42 -21.96 -1.34
C GLU C 614 23.22 -23.05 -0.28
N LEU C 615 22.27 -22.86 0.64
CA LEU C 615 22.01 -23.85 1.68
C LEU C 615 20.87 -24.79 1.33
N MET C 616 20.05 -24.46 0.34
CA MET C 616 18.91 -25.30 -0.02
C MET C 616 19.38 -26.57 -0.71
N ASP C 617 18.66 -27.67 -0.46
CA ASP C 617 18.85 -28.89 -1.22
C ASP C 617 18.27 -28.73 -2.61
N GLU C 618 18.93 -29.33 -3.60
CA GLU C 618 18.52 -29.11 -4.99
C GLU C 618 17.08 -29.57 -5.23
N ASP C 619 16.65 -30.63 -4.56
CA ASP C 619 15.26 -31.08 -4.72
C ASP C 619 14.29 -30.03 -4.21
N TYR C 620 14.51 -29.54 -2.98
CA TYR C 620 13.62 -28.51 -2.43
C TYR C 620 13.75 -27.21 -3.21
N GLN C 621 14.97 -26.89 -3.64
CA GLN C 621 15.17 -25.66 -4.43
C GLN C 621 14.37 -25.73 -5.73
N GLY C 622 14.43 -26.86 -6.43
CA GLY C 622 13.68 -27.00 -7.66
C GLY C 622 12.18 -27.02 -7.45
N ARG C 623 11.71 -27.69 -6.39
CA ARG C 623 10.29 -27.70 -6.11
C ARG C 623 9.79 -26.30 -5.78
N LEU C 624 10.59 -25.53 -5.03
CA LEU C 624 10.17 -24.19 -4.63
C LEU C 624 10.06 -23.26 -5.84
N CYS C 625 11.16 -23.08 -6.56
CA CYS C 625 11.21 -22.12 -7.67
C CYS C 625 10.97 -22.85 -8.99
N ASN C 626 9.73 -23.34 -9.14
CA ASN C 626 9.33 -24.04 -10.36
C ASN C 626 8.39 -23.15 -11.17
N PRO C 627 8.74 -22.78 -12.40
CA PRO C 627 7.84 -21.91 -13.17
C PRO C 627 6.44 -22.48 -13.34
N LEU C 628 6.33 -23.80 -13.49
CA LEU C 628 5.03 -24.44 -13.69
C LEU C 628 4.18 -24.47 -12.44
N ASN C 629 4.56 -23.84 -11.34
CA ASN C 629 3.76 -23.88 -10.14
C ASN C 629 2.39 -23.25 -10.40
N PRO C 630 1.31 -23.82 -9.88
CA PRO C 630 -0.03 -23.25 -10.12
C PRO C 630 -0.39 -22.08 -9.23
N PHE C 631 0.54 -21.61 -8.39
CA PHE C 631 0.25 -20.54 -7.44
C PHE C 631 0.67 -19.17 -7.94
N VAL C 632 1.84 -19.06 -8.57
CA VAL C 632 2.33 -17.77 -9.03
C VAL C 632 1.46 -17.26 -10.17
N SER C 633 1.02 -16.00 -10.06
CA SER C 633 0.25 -15.36 -11.12
C SER C 633 0.72 -13.93 -11.27
N HIS C 634 1.13 -13.56 -12.49
CA HIS C 634 1.59 -12.22 -12.82
C HIS C 634 0.67 -11.64 -13.88
N LYS C 635 0.17 -10.42 -13.63
CA LYS C 635 -0.79 -9.79 -14.50
C LYS C 635 -0.15 -8.75 -15.43
N GLU C 636 0.55 -7.78 -14.86
CA GLU C 636 1.13 -6.69 -15.64
C GLU C 636 2.48 -6.31 -15.05
N ILE C 637 3.25 -5.55 -15.84
CA ILE C 637 4.55 -5.06 -15.38
C ILE C 637 4.39 -4.16 -14.17
N GLU C 638 3.25 -3.46 -14.07
CA GLU C 638 3.05 -2.54 -12.95
C GLU C 638 2.87 -3.26 -11.63
N SER C 639 2.24 -4.44 -11.65
CA SER C 639 1.89 -5.17 -10.44
C SER C 639 2.81 -6.37 -10.19
N VAL C 640 4.07 -6.28 -10.62
CA VAL C 640 5.01 -7.39 -10.43
C VAL C 640 5.49 -7.43 -8.98
N ASN C 641 6.18 -6.37 -8.55
CA ASN C 641 6.74 -6.29 -7.21
C ASN C 641 6.45 -4.92 -6.60
N ASN C 642 5.22 -4.45 -6.80
CA ASN C 642 4.76 -3.19 -6.23
C ASN C 642 3.63 -3.48 -5.26
N ALA C 643 3.76 -2.99 -4.03
CA ALA C 643 2.75 -3.20 -3.00
C ALA C 643 2.24 -1.84 -2.52
N VAL C 644 0.92 -1.70 -2.46
CA VAL C 644 0.27 -0.45 -2.07
C VAL C 644 0.03 -0.53 -0.57
N MET C 645 0.84 0.18 0.21
CA MET C 645 0.67 0.26 1.66
C MET C 645 0.25 1.68 2.01
N MET C 646 -0.96 1.82 2.52
CA MET C 646 -1.45 3.12 2.95
C MET C 646 -0.74 3.52 4.23
N PRO C 647 0.21 4.46 4.21
CA PRO C 647 0.93 4.81 5.43
C PRO C 647 0.04 5.57 6.41
N ALA C 648 0.36 5.39 7.69
CA ALA C 648 -0.36 6.12 8.73
C ALA C 648 -0.05 7.61 8.61
N HIS C 649 -1.10 8.43 8.71
CA HIS C 649 -0.96 9.89 8.64
C HIS C 649 -0.37 10.31 7.29
N GLY C 650 -0.94 9.79 6.21
CA GLY C 650 -0.52 10.16 4.88
C GLY C 650 -1.36 9.52 3.79
N PRO C 651 -1.18 9.95 2.56
CA PRO C 651 -1.92 9.36 1.45
C PRO C 651 -1.36 8.01 1.04
N ALA C 652 -2.19 7.25 0.33
CA ALA C 652 -1.80 5.92 -0.11
C ALA C 652 -0.52 5.98 -0.94
N LYS C 653 0.40 5.06 -0.65
CA LYS C 653 1.71 5.03 -1.29
C LYS C 653 2.02 3.62 -1.76
N ASN C 654 2.90 3.54 -2.76
CA ASN C 654 3.35 2.28 -3.35
C ASN C 654 4.82 2.09 -3.07
N MET C 655 5.22 0.84 -2.85
CA MET C 655 6.61 0.50 -2.57
C MET C 655 7.07 -0.63 -3.48
N GLU C 656 8.30 -0.48 -3.97
CA GLU C 656 9.02 -1.55 -4.65
C GLU C 656 9.66 -2.45 -3.60
N TYR C 657 9.31 -3.73 -3.62
CA TYR C 657 9.89 -4.71 -2.70
C TYR C 657 10.62 -5.78 -3.50
N ASP C 658 11.84 -6.09 -3.07
CA ASP C 658 12.65 -7.10 -3.75
C ASP C 658 12.19 -8.49 -3.32
N ALA C 659 11.81 -9.31 -4.29
CA ALA C 659 11.37 -10.66 -3.99
C ALA C 659 11.60 -11.54 -5.21
N VAL C 660 11.82 -12.82 -4.95
CA VAL C 660 12.00 -13.83 -6.00
C VAL C 660 10.68 -14.59 -6.16
N ALA C 661 10.28 -14.78 -7.41
CA ALA C 661 9.01 -15.45 -7.69
C ALA C 661 9.12 -16.91 -7.28
N THR C 662 8.55 -17.25 -6.14
CA THR C 662 8.53 -18.61 -5.61
C THR C 662 7.10 -19.11 -5.55
N THR C 663 6.96 -20.36 -5.12
CA THR C 663 5.63 -20.94 -4.92
C THR C 663 4.85 -20.23 -3.82
N HIS C 664 5.52 -19.42 -3.00
CA HIS C 664 4.87 -18.67 -1.93
C HIS C 664 4.33 -17.33 -2.39
N SER C 665 4.46 -16.99 -3.67
CA SER C 665 4.01 -15.71 -4.19
C SER C 665 2.56 -15.75 -4.62
N TRP C 666 1.76 -16.67 -4.08
CA TRP C 666 0.35 -16.75 -4.40
C TRP C 666 -0.34 -15.43 -4.11
N ILE C 667 -1.53 -15.26 -4.70
CA ILE C 667 -2.38 -14.11 -4.42
C ILE C 667 -3.58 -14.60 -3.62
N PRO C 668 -4.05 -13.85 -2.64
CA PRO C 668 -5.08 -14.35 -1.73
C PRO C 668 -6.46 -14.38 -2.37
N LYS C 669 -7.40 -14.95 -1.63
CA LYS C 669 -8.78 -15.08 -2.09
C LYS C 669 -9.44 -13.70 -2.21
N ARG C 670 -10.40 -13.61 -3.12
CA ARG C 670 -11.15 -12.37 -3.32
C ARG C 670 -12.39 -12.35 -2.42
N ASN C 671 -13.16 -11.27 -2.51
CA ASN C 671 -14.24 -11.05 -1.55
C ASN C 671 -15.30 -12.14 -1.63
N ARG C 672 -15.81 -12.40 -2.84
CA ARG C 672 -16.79 -13.46 -3.13
C ARG C 672 -18.20 -13.10 -2.68
N SER C 673 -18.45 -11.88 -2.20
CA SER C 673 -19.79 -11.50 -1.79
C SER C 673 -20.65 -10.99 -2.94
N ILE C 674 -20.09 -10.84 -4.14
CA ILE C 674 -20.88 -10.40 -5.28
C ILE C 674 -21.96 -11.40 -5.66
N LEU C 675 -21.83 -12.66 -5.22
CA LEU C 675 -22.75 -13.70 -5.63
C LEU C 675 -24.17 -13.47 -5.10
N ASN C 676 -24.32 -12.70 -4.03
CA ASN C 676 -25.62 -12.45 -3.43
C ASN C 676 -26.24 -11.13 -3.86
N THR C 677 -25.64 -10.45 -4.82
CA THR C 677 -26.12 -9.14 -5.28
C THR C 677 -26.65 -9.23 -6.70
N SER C 678 -27.54 -8.30 -7.04
CA SER C 678 -28.06 -8.23 -8.39
C SER C 678 -26.95 -7.95 -9.40
N GLN C 679 -25.83 -7.38 -8.96
CA GLN C 679 -24.68 -7.17 -9.83
C GLN C 679 -23.85 -8.45 -9.89
N ARG C 680 -24.50 -9.57 -10.21
CA ARG C 680 -23.81 -10.84 -10.29
C ARG C 680 -23.22 -11.12 -11.66
N GLY C 681 -23.80 -10.52 -12.70
CA GLY C 681 -23.28 -10.70 -14.04
C GLY C 681 -21.92 -10.09 -14.27
N ILE C 682 -21.48 -9.20 -13.38
CA ILE C 682 -20.15 -8.61 -13.52
C ILE C 682 -19.08 -9.68 -13.43
N LEU C 683 -19.32 -10.74 -12.66
CA LEU C 683 -18.33 -11.80 -12.53
C LEU C 683 -18.21 -12.60 -13.82
N GLU C 684 -19.34 -12.87 -14.49
CA GLU C 684 -19.27 -13.56 -15.78
C GLU C 684 -18.54 -12.73 -16.81
N ASP C 685 -18.80 -11.42 -16.84
CA ASP C 685 -18.08 -10.53 -17.74
C ASP C 685 -16.60 -10.52 -17.40
N GLU C 686 -16.27 -10.51 -16.10
CA GLU C 686 -14.87 -10.57 -15.70
C GLU C 686 -14.22 -11.84 -16.24
N GLN C 687 -14.87 -12.98 -16.06
CA GLN C 687 -14.29 -14.25 -16.52
C GLN C 687 -14.09 -14.25 -18.02
N MET C 688 -15.09 -13.78 -18.78
CA MET C 688 -14.97 -13.79 -20.23
C MET C 688 -13.89 -12.83 -20.69
N TYR C 689 -13.83 -11.63 -20.11
CA TYR C 689 -12.78 -10.69 -20.45
C TYR C 689 -11.40 -11.25 -20.15
N GLN C 690 -11.26 -11.93 -19.01
CA GLN C 690 -9.96 -12.50 -18.66
C GLN C 690 -9.59 -13.65 -19.60
N LYS C 691 -10.56 -14.45 -20.01
CA LYS C 691 -10.28 -15.51 -20.98
C LYS C 691 -9.80 -14.91 -22.30
N CYS C 692 -10.49 -13.88 -22.78
CA CYS C 692 -10.07 -13.24 -24.02
C CYS C 692 -8.70 -12.60 -23.88
N CYS C 693 -8.43 -11.97 -22.74
CA CYS C 693 -7.14 -11.33 -22.53
C CYS C 693 -6.02 -12.36 -22.47
N ASN C 694 -6.26 -13.50 -21.81
CA ASN C 694 -5.26 -14.56 -21.79
C ASN C 694 -5.00 -15.10 -23.19
N LEU C 695 -6.07 -15.29 -23.97
CA LEU C 695 -5.88 -15.74 -25.35
C LEU C 695 -5.05 -14.73 -26.14
N PHE C 696 -5.36 -13.44 -25.99
CA PHE C 696 -4.60 -12.42 -26.71
C PHE C 696 -3.15 -12.42 -26.28
N GLU C 697 -2.90 -12.55 -24.98
CA GLU C 697 -1.52 -12.58 -24.48
C GLU C 697 -0.76 -13.77 -25.05
N LYS C 698 -1.40 -14.94 -25.08
CA LYS C 698 -0.76 -16.09 -25.74
C LYS C 698 -0.54 -15.81 -27.22
N PHE C 699 -1.40 -15.00 -27.83
CA PHE C 699 -1.19 -14.59 -29.21
C PHE C 699 -0.19 -13.44 -29.31
N PHE C 700 -0.23 -12.51 -28.35
CA PHE C 700 0.65 -11.34 -28.31
C PHE C 700 1.38 -11.35 -26.98
N PRO C 701 2.55 -11.99 -26.90
CA PRO C 701 3.23 -12.11 -25.60
C PRO C 701 3.55 -10.79 -24.93
N SER C 702 3.75 -9.71 -25.70
CA SER C 702 4.09 -8.42 -25.13
C SER C 702 2.88 -7.65 -24.62
N SER C 703 1.71 -8.29 -24.55
CA SER C 703 0.50 -7.59 -24.15
C SER C 703 0.65 -6.99 -22.76
N SER C 704 1.30 -7.71 -21.84
CA SER C 704 1.42 -7.23 -20.47
C SER C 704 2.48 -6.15 -20.34
N TYR C 705 3.70 -6.42 -20.83
CA TYR C 705 4.80 -5.50 -20.60
C TYR C 705 4.54 -4.14 -21.26
N ARG C 706 4.23 -4.15 -22.55
CA ARG C 706 3.80 -2.95 -23.28
C ARG C 706 2.36 -3.16 -23.73
N ARG C 707 1.48 -2.29 -23.26
CA ARG C 707 0.07 -2.36 -23.62
C ARG C 707 -0.08 -2.18 -25.12
N PRO C 708 -0.74 -3.10 -25.84
CA PRO C 708 -0.85 -2.95 -27.29
C PRO C 708 -1.64 -1.70 -27.67
N VAL C 709 -1.32 -1.16 -28.85
CA VAL C 709 -2.00 0.00 -29.38
C VAL C 709 -2.43 -0.31 -30.82
N GLY C 710 -3.44 0.41 -31.26
CA GLY C 710 -3.97 0.22 -32.60
C GLY C 710 -5.45 0.54 -32.64
N ILE C 711 -6.04 0.33 -33.82
CA ILE C 711 -7.46 0.56 -34.04
C ILE C 711 -8.17 -0.65 -34.61
N SER C 712 -7.48 -1.77 -34.80
CA SER C 712 -8.12 -2.99 -35.26
C SER C 712 -8.80 -3.70 -34.09
N SER C 713 -9.54 -4.76 -34.41
CA SER C 713 -10.23 -5.57 -33.43
C SER C 713 -9.44 -6.83 -33.10
N MET C 714 -9.86 -7.51 -32.02
CA MET C 714 -9.12 -8.66 -31.52
C MET C 714 -8.93 -9.71 -32.60
N VAL C 715 -10.03 -10.26 -33.09
CA VAL C 715 -9.98 -11.47 -33.88
C VAL C 715 -9.15 -11.25 -35.14
N GLU C 716 -9.15 -10.04 -35.70
CA GLU C 716 -8.32 -9.77 -36.87
C GLU C 716 -6.85 -10.04 -36.56
N ALA C 717 -6.34 -9.41 -35.50
CA ALA C 717 -4.95 -9.60 -35.13
C ALA C 717 -4.66 -11.05 -34.79
N MET C 718 -5.54 -11.67 -33.99
CA MET C 718 -5.27 -13.04 -33.56
C MET C 718 -5.24 -14.01 -34.75
N VAL C 719 -6.22 -13.92 -35.66
CA VAL C 719 -6.26 -14.83 -36.79
C VAL C 719 -5.08 -14.58 -37.72
N SER C 720 -4.76 -13.31 -37.98
CA SER C 720 -3.68 -13.02 -38.91
C SER C 720 -2.34 -13.49 -38.36
N ARG C 721 -2.12 -13.25 -37.06
CA ARG C 721 -0.89 -13.75 -36.45
C ARG C 721 -0.88 -15.28 -36.42
N ALA C 722 -2.04 -15.93 -36.30
CA ALA C 722 -2.07 -17.38 -36.43
C ALA C 722 -1.58 -17.80 -37.81
N ARG C 723 -2.11 -17.16 -38.86
CA ARG C 723 -1.62 -17.40 -40.21
C ARG C 723 -0.10 -17.38 -40.22
N ILE C 724 0.46 -16.22 -39.85
CA ILE C 724 1.88 -15.99 -40.06
C ILE C 724 2.72 -16.92 -39.18
N ASP C 725 2.32 -17.11 -37.92
CA ASP C 725 3.13 -17.90 -37.02
C ASP C 725 3.12 -19.36 -37.43
N ALA C 726 1.98 -19.89 -37.87
CA ALA C 726 1.96 -21.24 -38.41
C ALA C 726 2.92 -21.35 -39.58
N ARG C 727 2.80 -20.41 -40.53
CA ARG C 727 3.73 -20.37 -41.66
C ARG C 727 5.18 -20.52 -41.20
N ILE C 728 5.64 -19.54 -40.42
CA ILE C 728 7.07 -19.42 -40.15
C ILE C 728 7.54 -20.54 -39.23
N ASP C 729 6.71 -20.97 -38.29
CA ASP C 729 7.08 -22.06 -37.42
C ASP C 729 7.14 -23.38 -38.15
N PHE C 730 6.43 -23.51 -39.28
CA PHE C 730 6.83 -24.53 -40.23
C PHE C 730 8.16 -24.26 -40.91
N GLU C 731 8.35 -23.06 -41.47
CA GLU C 731 9.60 -22.84 -42.18
C GLU C 731 10.79 -23.24 -41.32
N SER C 732 10.61 -23.31 -40.00
CA SER C 732 11.48 -24.08 -39.12
C SER C 732 10.76 -24.31 -37.80
N GLY C 733 10.39 -25.55 -37.52
CA GLY C 733 9.79 -25.86 -36.23
C GLY C 733 8.87 -27.08 -36.31
N ARG C 734 8.09 -27.24 -35.24
CA ARG C 734 7.29 -28.44 -35.04
C ARG C 734 6.18 -28.60 -36.08
N ILE C 735 5.60 -27.49 -36.55
CA ILE C 735 4.43 -27.56 -37.43
C ILE C 735 4.73 -28.51 -38.60
N LYS C 736 3.68 -29.05 -39.22
CA LYS C 736 3.82 -29.81 -40.45
C LYS C 736 2.78 -29.32 -41.47
N LYS C 737 3.03 -29.62 -42.75
CA LYS C 737 2.08 -29.22 -43.80
C LYS C 737 0.65 -29.54 -43.41
N GLU C 738 0.41 -30.76 -42.91
CA GLU C 738 -0.93 -31.12 -42.47
C GLU C 738 -1.45 -30.11 -41.45
N GLU C 739 -0.67 -29.87 -40.40
CA GLU C 739 -1.08 -28.92 -39.37
C GLU C 739 -1.14 -27.50 -39.89
N PHE C 740 -0.20 -27.08 -40.76
CA PHE C 740 -0.23 -25.72 -41.26
C PHE C 740 -1.50 -25.46 -42.07
N ALA C 741 -1.84 -26.38 -42.96
CA ALA C 741 -3.06 -26.24 -43.74
C ALA C 741 -4.29 -26.30 -42.84
N GLU C 742 -4.25 -27.17 -41.82
CA GLU C 742 -5.36 -27.23 -40.87
C GLU C 742 -5.56 -25.87 -40.20
N ILE C 743 -4.47 -25.25 -39.77
CA ILE C 743 -4.56 -23.92 -39.16
C ILE C 743 -5.06 -22.89 -40.16
N MET C 744 -4.60 -22.94 -41.41
CA MET C 744 -5.04 -21.97 -42.40
C MET C 744 -6.56 -22.05 -42.60
N LYS C 745 -7.07 -23.28 -42.77
CA LYS C 745 -8.50 -23.42 -43.01
C LYS C 745 -9.31 -23.21 -41.73
N ILE C 746 -8.72 -23.44 -40.56
CA ILE C 746 -9.41 -23.09 -39.32
C ILE C 746 -9.50 -21.57 -39.18
N CYS C 747 -8.46 -20.86 -39.60
CA CYS C 747 -8.52 -19.41 -39.65
C CYS C 747 -9.63 -18.95 -40.58
N SER C 748 -9.74 -19.59 -41.75
CA SER C 748 -10.85 -19.27 -42.65
C SER C 748 -12.19 -19.57 -42.00
N THR C 749 -12.27 -20.65 -41.23
CA THR C 749 -13.52 -21.01 -40.56
C THR C 749 -13.92 -19.94 -39.55
N ILE C 750 -12.97 -19.49 -38.73
CA ILE C 750 -13.30 -18.44 -37.76
C ILE C 750 -13.60 -17.14 -38.48
N GLU C 751 -12.98 -16.91 -39.63
CA GLU C 751 -13.31 -15.73 -40.44
C GLU C 751 -14.78 -15.76 -40.85
N GLU C 752 -15.22 -16.87 -41.45
CA GLU C 752 -16.61 -16.95 -41.88
C GLU C 752 -17.56 -16.98 -40.68
N LEU C 753 -17.09 -17.45 -39.52
CA LEU C 753 -17.92 -17.38 -38.32
C LEU C 753 -18.12 -15.94 -37.87
N ARG C 754 -17.05 -15.14 -37.89
CA ARG C 754 -17.17 -13.73 -37.56
C ARG C 754 -18.02 -12.99 -38.57
N ARG C 755 -17.97 -13.40 -39.84
CA ARG C 755 -18.93 -12.90 -40.83
C ARG C 755 -20.36 -13.08 -40.35
N GLN C 756 -20.67 -14.24 -39.77
CA GLN C 756 -22.01 -14.51 -39.28
C GLN C 756 -21.98 -15.02 -37.84
N MET D 1 -1.32 -24.92 -32.73
CA MET D 1 -2.57 -25.71 -32.87
C MET D 1 -3.59 -25.34 -31.80
N GLU D 2 -3.24 -25.60 -30.54
CA GLU D 2 -4.16 -25.36 -29.44
C GLU D 2 -4.69 -23.93 -29.45
N ARG D 3 -3.78 -22.95 -29.55
CA ARG D 3 -4.16 -21.56 -29.33
C ARG D 3 -5.34 -21.15 -30.20
N ILE D 4 -5.23 -21.38 -31.51
CA ILE D 4 -6.33 -21.05 -32.40
C ILE D 4 -7.54 -21.91 -32.08
N LYS D 5 -7.33 -23.07 -31.45
CA LYS D 5 -8.48 -23.91 -31.15
C LYS D 5 -9.33 -23.35 -30.01
N GLU D 6 -8.71 -22.88 -28.92
CA GLU D 6 -9.54 -22.22 -27.93
C GLU D 6 -10.04 -20.89 -28.45
N LEU D 7 -9.32 -20.27 -29.41
CA LEU D 7 -9.88 -19.10 -30.07
C LEU D 7 -11.20 -19.42 -30.76
N ARG D 8 -11.23 -20.51 -31.54
CA ARG D 8 -12.46 -20.91 -32.21
C ARG D 8 -13.53 -21.29 -31.20
N ASP D 9 -13.16 -21.99 -30.13
CA ASP D 9 -14.13 -22.34 -29.10
C ASP D 9 -14.74 -21.09 -28.47
N LEU D 10 -13.92 -20.08 -28.20
CA LEU D 10 -14.43 -18.82 -27.66
C LEU D 10 -15.39 -18.17 -28.65
N MET D 11 -14.98 -18.07 -29.91
CA MET D 11 -15.86 -17.47 -30.92
C MET D 11 -17.12 -18.29 -31.15
N SER D 12 -17.14 -19.55 -30.74
CA SER D 12 -18.35 -20.36 -30.89
C SER D 12 -19.50 -19.77 -30.08
N GLN D 13 -19.23 -19.35 -28.85
CA GLN D 13 -20.27 -18.82 -27.98
C GLN D 13 -20.47 -17.33 -28.28
N SER D 14 -21.73 -16.91 -28.30
CA SER D 14 -22.08 -15.60 -28.85
C SER D 14 -21.47 -14.46 -28.05
N ARG D 15 -21.51 -14.53 -26.72
CA ARG D 15 -21.06 -13.42 -25.90
C ARG D 15 -19.57 -13.15 -26.09
N THR D 16 -18.75 -14.20 -26.00
CA THR D 16 -17.32 -14.03 -26.21
C THR D 16 -17.03 -13.62 -27.64
N ARG D 17 -17.82 -14.10 -28.60
CA ARG D 17 -17.65 -13.67 -29.99
C ARG D 17 -17.87 -12.17 -30.12
N GLU D 18 -18.93 -11.65 -29.49
CA GLU D 18 -19.18 -10.22 -29.53
C GLU D 18 -18.06 -9.44 -28.85
N ILE D 19 -17.58 -9.95 -27.70
CA ILE D 19 -16.49 -9.28 -27.01
C ILE D 19 -15.26 -9.21 -27.90
N LEU D 20 -14.95 -10.30 -28.60
CA LEU D 20 -13.79 -10.33 -29.48
C LEU D 20 -13.97 -9.43 -30.69
N THR D 21 -15.20 -9.32 -31.20
CA THR D 21 -15.42 -8.57 -32.42
C THR D 21 -15.45 -7.06 -32.17
N LYS D 22 -16.27 -6.61 -31.22
CA LYS D 22 -16.46 -5.18 -31.05
C LYS D 22 -15.31 -4.52 -30.31
N THR D 23 -14.58 -5.25 -29.48
CA THR D 23 -13.50 -4.67 -28.68
C THR D 23 -12.27 -4.47 -29.56
N THR D 24 -11.75 -3.25 -29.55
CA THR D 24 -10.54 -2.93 -30.31
C THR D 24 -9.30 -3.19 -29.47
N VAL D 25 -8.15 -3.24 -30.16
CA VAL D 25 -6.89 -3.58 -29.49
C VAL D 25 -6.55 -2.55 -28.42
N ASP D 26 -6.82 -1.27 -28.69
CA ASP D 26 -6.44 -0.24 -27.74
C ASP D 26 -7.12 -0.46 -26.40
N HIS D 27 -8.40 -0.85 -26.40
CA HIS D 27 -9.12 -1.08 -25.16
C HIS D 27 -8.64 -2.32 -24.42
N MET D 28 -7.71 -3.08 -25.01
CA MET D 28 -7.15 -4.26 -24.35
C MET D 28 -6.92 -4.03 -22.86
N ALA D 29 -6.17 -2.99 -22.51
CA ALA D 29 -5.82 -2.78 -21.11
C ALA D 29 -7.07 -2.60 -20.26
N ILE D 30 -7.99 -1.76 -20.73
CA ILE D 30 -9.16 -1.42 -19.92
C ILE D 30 -9.89 -2.68 -19.50
N ILE D 31 -10.36 -3.46 -20.48
CA ILE D 31 -11.12 -4.66 -20.16
C ILE D 31 -10.28 -5.65 -19.37
N LYS D 32 -8.96 -5.63 -19.52
CA LYS D 32 -8.12 -6.54 -18.75
C LYS D 32 -8.11 -6.15 -17.27
N LYS D 33 -8.18 -4.85 -16.99
CA LYS D 33 -8.28 -4.37 -15.63
C LYS D 33 -9.72 -4.26 -15.16
N TYR D 34 -10.69 -4.53 -16.03
CA TYR D 34 -12.10 -4.52 -15.64
C TYR D 34 -12.34 -5.59 -14.59
N THR D 35 -12.61 -5.17 -13.36
CA THR D 35 -12.84 -6.10 -12.27
C THR D 35 -13.75 -5.47 -11.23
N SER D 36 -14.49 -6.33 -10.52
CA SER D 36 -15.29 -5.89 -9.40
C SER D 36 -14.52 -5.89 -8.09
N GLY D 37 -13.30 -6.41 -8.08
CA GLY D 37 -12.53 -6.50 -6.85
C GLY D 37 -11.94 -5.15 -6.48
N ARG D 38 -12.38 -4.60 -5.34
CA ARG D 38 -11.78 -3.36 -4.84
C ARG D 38 -10.39 -3.64 -4.30
N GLN D 39 -9.53 -2.63 -4.38
CA GLN D 39 -8.20 -2.72 -3.81
C GLN D 39 -8.29 -2.60 -2.30
N GLU D 40 -7.68 -3.53 -1.58
CA GLU D 40 -7.86 -3.61 -0.14
C GLU D 40 -7.29 -2.37 0.54
N LYS D 41 -8.05 -1.87 1.53
CA LYS D 41 -7.59 -0.71 2.31
C LYS D 41 -6.71 -1.13 3.47
N ASN D 42 -6.99 -2.28 4.09
CA ASN D 42 -6.25 -2.78 5.24
C ASN D 42 -5.81 -4.21 4.94
N PRO D 43 -4.72 -4.39 4.18
CA PRO D 43 -4.33 -5.76 3.80
C PRO D 43 -3.94 -6.61 4.99
N ALA D 44 -3.26 -6.04 6.00
CA ALA D 44 -2.77 -6.84 7.11
C ALA D 44 -3.92 -7.47 7.88
N LEU D 45 -4.98 -6.69 8.14
CA LEU D 45 -6.09 -7.19 8.93
C LEU D 45 -6.73 -8.41 8.27
N ARG D 46 -6.95 -8.35 6.97
CA ARG D 46 -7.59 -9.46 6.27
C ARG D 46 -6.65 -10.63 6.03
N MET D 47 -5.36 -10.37 5.81
CA MET D 47 -4.42 -11.47 5.72
C MET D 47 -4.33 -12.24 7.03
N LYS D 48 -4.43 -11.54 8.16
CA LYS D 48 -4.48 -12.21 9.45
C LYS D 48 -5.84 -12.85 9.69
N TRP D 49 -6.88 -12.42 8.97
CA TRP D 49 -8.22 -12.95 9.12
C TRP D 49 -8.50 -14.06 8.12
N MET D 50 -7.98 -13.96 6.90
CA MET D 50 -8.24 -15.00 5.90
C MET D 50 -7.44 -16.26 6.17
N MET D 51 -6.21 -16.12 6.66
CA MET D 51 -5.37 -17.30 6.89
C MET D 51 -5.94 -18.22 7.95
N ALA D 52 -6.91 -17.77 8.74
CA ALA D 52 -7.60 -18.64 9.68
C ALA D 52 -8.71 -19.45 9.03
N MET D 53 -8.98 -19.24 7.74
CA MET D 53 -9.97 -20.00 7.00
C MET D 53 -9.32 -21.20 6.34
N LYS D 54 -10.15 -22.14 5.90
CA LYS D 54 -9.71 -23.23 5.06
C LYS D 54 -9.85 -22.81 3.60
N TYR D 55 -8.83 -23.12 2.80
CA TYR D 55 -8.76 -22.68 1.42
C TYR D 55 -8.69 -21.15 1.35
N PRO D 56 -7.64 -20.54 1.90
CA PRO D 56 -7.52 -19.08 1.85
C PRO D 56 -6.77 -18.52 0.65
N ILE D 57 -6.06 -19.34 -0.13
CA ILE D 57 -5.28 -18.82 -1.24
C ILE D 57 -5.92 -19.29 -2.54
N THR D 58 -5.41 -18.83 -3.68
CA THR D 58 -5.95 -19.19 -4.98
C THR D 58 -4.85 -19.75 -5.87
N ALA D 59 -5.23 -20.69 -6.73
CA ALA D 59 -4.27 -21.32 -7.63
C ALA D 59 -4.98 -21.71 -8.92
N ASP D 60 -4.19 -21.89 -9.97
CA ASP D 60 -4.74 -22.25 -11.26
C ASP D 60 -5.45 -23.60 -11.19
N LYS D 61 -6.34 -23.84 -12.16
CA LYS D 61 -7.08 -25.09 -12.18
C LYS D 61 -6.16 -26.30 -12.27
N ARG D 62 -4.98 -26.12 -12.88
CA ARG D 62 -4.09 -27.25 -13.11
C ARG D 62 -3.70 -27.93 -11.81
N ILE D 63 -3.78 -27.21 -10.69
CA ILE D 63 -3.43 -27.80 -9.40
C ILE D 63 -4.28 -29.03 -9.12
N MET D 64 -5.50 -29.06 -9.63
CA MET D 64 -6.38 -30.20 -9.40
C MET D 64 -5.86 -31.49 -10.03
N GLU D 65 -4.87 -31.40 -10.93
CA GLU D 65 -4.33 -32.57 -11.60
C GLU D 65 -2.83 -32.76 -11.35
N MET D 66 -2.28 -32.09 -10.33
CA MET D 66 -0.89 -32.33 -9.94
C MET D 66 -0.80 -32.68 -8.46
N ILE D 67 -1.70 -32.15 -7.65
CA ILE D 67 -1.67 -32.32 -6.20
C ILE D 67 -2.94 -33.07 -5.81
N PRO D 68 -2.86 -34.11 -4.99
CA PRO D 68 -4.07 -34.82 -4.58
C PRO D 68 -4.97 -33.94 -3.73
N GLU D 69 -6.27 -34.25 -3.78
CA GLU D 69 -7.25 -33.46 -3.05
C GLU D 69 -7.01 -33.48 -1.55
N ARG D 70 -6.36 -34.51 -1.03
CA ARG D 70 -6.11 -34.63 0.39
C ARG D 70 -4.75 -35.27 0.63
N ASN D 71 -4.18 -34.97 1.79
CA ASN D 71 -2.88 -35.50 2.19
C ASN D 71 -3.07 -36.79 2.97
N GLU D 72 -2.01 -37.24 3.66
CA GLU D 72 -2.02 -38.56 4.26
C GLU D 72 -3.15 -38.72 5.28
N GLN D 73 -3.31 -37.74 6.17
CA GLN D 73 -4.34 -37.84 7.20
C GLN D 73 -5.71 -37.42 6.71
N GLY D 74 -5.80 -36.87 5.50
CA GLY D 74 -7.06 -36.40 4.97
C GLY D 74 -7.28 -34.90 5.03
N GLN D 75 -6.27 -34.13 5.41
CA GLN D 75 -6.39 -32.67 5.35
C GLN D 75 -6.49 -32.26 3.89
N THR D 76 -7.56 -31.54 3.54
CA THR D 76 -7.77 -31.14 2.16
C THR D 76 -6.73 -30.12 1.73
N LEU D 77 -6.22 -30.29 0.52
CA LEU D 77 -5.22 -29.39 -0.04
C LEU D 77 -5.80 -28.37 -0.99
N TRP D 78 -6.81 -28.74 -1.77
CA TRP D 78 -7.43 -27.81 -2.70
C TRP D 78 -8.92 -28.12 -2.80
N SER D 79 -9.67 -27.11 -3.23
CA SER D 79 -11.10 -27.23 -3.46
C SER D 79 -11.39 -26.94 -4.93
N LYS D 80 -12.50 -27.50 -5.41
CA LYS D 80 -12.90 -27.34 -6.80
C LYS D 80 -13.77 -26.11 -7.02
N THR D 81 -14.12 -25.38 -5.97
CA THR D 81 -14.93 -24.17 -6.11
C THR D 81 -14.05 -23.04 -6.60
N ASN D 82 -14.42 -22.44 -7.74
CA ASN D 82 -13.60 -21.42 -8.37
C ASN D 82 -13.70 -20.10 -7.61
N ASP D 83 -12.75 -19.21 -7.89
CA ASP D 83 -12.73 -17.89 -7.29
C ASP D 83 -13.94 -17.08 -7.78
N ALA D 84 -14.09 -15.86 -7.26
CA ALA D 84 -15.22 -15.02 -7.60
C ALA D 84 -15.26 -14.71 -9.09
N GLY D 85 -14.26 -13.99 -9.59
CA GLY D 85 -14.25 -13.55 -10.97
C GLY D 85 -13.12 -14.13 -11.78
N SER D 86 -12.82 -15.41 -11.57
CA SER D 86 -11.75 -16.08 -12.30
C SER D 86 -12.01 -17.57 -12.32
N ASP D 87 -11.33 -18.27 -13.23
CA ASP D 87 -11.43 -19.71 -13.31
C ASP D 87 -10.53 -20.42 -12.31
N ARG D 88 -9.71 -19.68 -11.57
CA ARG D 88 -8.83 -20.29 -10.58
C ARG D 88 -9.65 -20.82 -9.40
N VAL D 89 -9.09 -21.82 -8.72
CA VAL D 89 -9.75 -22.49 -7.62
C VAL D 89 -9.07 -22.11 -6.32
N MET D 90 -9.86 -22.00 -5.26
CA MET D 90 -9.35 -21.69 -3.93
C MET D 90 -8.75 -22.93 -3.31
N VAL D 91 -7.54 -22.80 -2.76
CA VAL D 91 -6.79 -23.91 -2.18
C VAL D 91 -6.20 -23.50 -0.84
N SER D 92 -5.85 -24.51 -0.06
CA SER D 92 -5.31 -24.35 1.28
C SER D 92 -3.82 -24.08 1.23
N PRO D 93 -3.25 -23.45 2.26
CA PRO D 93 -1.80 -23.18 2.22
C PRO D 93 -0.95 -24.44 2.27
N LEU D 94 -1.49 -25.55 2.76
CA LEU D 94 -0.72 -26.79 2.75
C LEU D 94 -0.33 -27.20 1.34
N ALA D 95 -1.20 -26.94 0.37
CA ALA D 95 -0.89 -27.25 -1.02
C ALA D 95 0.39 -26.56 -1.46
N VAL D 96 0.77 -25.46 -0.82
CA VAL D 96 2.06 -24.85 -1.06
C VAL D 96 3.17 -25.74 -0.51
N THR D 97 3.12 -26.02 0.79
CA THR D 97 4.17 -26.80 1.42
C THR D 97 4.26 -28.19 0.80
N TRP D 98 3.11 -28.79 0.49
CA TRP D 98 3.11 -30.07 -0.21
C TRP D 98 3.93 -29.97 -1.49
N TRP D 99 3.69 -28.92 -2.28
CA TRP D 99 4.43 -28.75 -3.52
C TRP D 99 5.93 -28.65 -3.29
N ASN D 100 6.35 -28.25 -2.09
CA ASN D 100 7.76 -28.11 -1.76
C ASN D 100 8.38 -29.38 -1.19
N ARG D 101 7.59 -30.44 -1.00
CA ARG D 101 8.11 -31.69 -0.47
C ARG D 101 7.87 -32.90 -1.37
N ASN D 102 6.84 -32.88 -2.21
CA ASN D 102 6.63 -33.93 -3.18
C ASN D 102 6.21 -33.43 -4.55
N GLY D 103 6.16 -32.11 -4.77
CA GLY D 103 5.78 -31.59 -6.06
C GLY D 103 6.86 -31.82 -7.10
N PRO D 104 6.53 -31.55 -8.37
CA PRO D 104 7.52 -31.74 -9.43
C PRO D 104 8.75 -30.87 -9.20
N THR D 105 9.91 -31.41 -9.58
CA THR D 105 11.18 -30.71 -9.46
C THR D 105 11.72 -30.37 -10.84
N THR D 106 12.53 -29.31 -10.89
CA THR D 106 13.10 -28.83 -12.14
C THR D 106 14.56 -28.46 -11.88
N SER D 107 15.18 -27.83 -12.87
CA SER D 107 16.57 -27.37 -12.77
C SER D 107 16.55 -25.86 -12.59
N ALA D 108 16.79 -25.41 -11.35
CA ALA D 108 16.80 -24.00 -11.01
C ALA D 108 18.17 -23.35 -11.18
N VAL D 109 19.03 -23.93 -12.03
CA VAL D 109 20.38 -23.42 -12.19
C VAL D 109 20.36 -22.04 -12.83
N HIS D 110 19.33 -21.72 -13.61
CA HIS D 110 19.30 -20.48 -14.37
C HIS D 110 18.67 -19.31 -13.60
N TYR D 111 18.02 -19.58 -12.47
CA TYR D 111 17.51 -18.48 -11.64
C TYR D 111 18.61 -17.52 -11.21
N PRO D 112 19.79 -17.98 -10.78
CA PRO D 112 20.89 -17.05 -10.53
C PRO D 112 21.20 -16.16 -11.72
N LYS D 113 21.11 -16.71 -12.94
CA LYS D 113 21.36 -15.91 -14.13
C LYS D 113 20.25 -14.89 -14.36
N ILE D 114 19.01 -15.24 -14.03
CA ILE D 114 17.90 -14.28 -14.21
C ILE D 114 17.97 -13.19 -13.15
N TYR D 115 17.84 -13.57 -11.88
CA TYR D 115 17.83 -12.62 -10.78
C TYR D 115 19.27 -12.16 -10.51
N LYS D 116 19.82 -11.45 -11.50
CA LYS D 116 21.20 -11.02 -11.42
C LYS D 116 21.44 -10.06 -10.27
N THR D 117 20.52 -9.12 -10.06
CA THR D 117 20.74 -8.08 -9.06
C THR D 117 20.86 -8.67 -7.66
N TYR D 118 19.92 -9.54 -7.27
CA TYR D 118 19.92 -10.07 -5.92
C TYR D 118 21.13 -10.96 -5.67
N PHE D 119 21.47 -11.82 -6.63
CA PHE D 119 22.63 -12.68 -6.44
C PHE D 119 23.92 -11.88 -6.43
N GLU D 120 23.99 -10.80 -7.21
CA GLU D 120 25.15 -9.91 -7.13
C GLU D 120 25.25 -9.25 -5.76
N LYS D 121 24.11 -8.86 -5.19
CA LYS D 121 24.12 -8.32 -3.83
C LYS D 121 24.67 -9.36 -2.86
N VAL D 122 24.19 -10.60 -2.97
CA VAL D 122 24.64 -11.65 -2.06
C VAL D 122 26.14 -11.88 -2.21
N GLU D 123 26.63 -11.95 -3.44
CA GLU D 123 28.06 -12.16 -3.67
C GLU D 123 28.88 -11.01 -3.12
N ARG D 124 28.41 -9.78 -3.33
CA ARG D 124 29.13 -8.61 -2.82
C ARG D 124 29.21 -8.64 -1.31
N LEU D 125 28.12 -9.00 -0.63
CA LEU D 125 28.15 -9.02 0.82
C LEU D 125 28.95 -10.19 1.37
N LYS D 126 28.93 -11.34 0.70
CA LYS D 126 29.59 -12.52 1.24
C LYS D 126 31.10 -12.30 1.39
N HIS D 127 31.69 -11.54 0.47
CA HIS D 127 33.12 -11.29 0.47
C HIS D 127 33.48 -9.95 1.10
N GLY D 128 32.53 -9.27 1.74
CA GLY D 128 32.83 -8.02 2.40
C GLY D 128 33.68 -8.22 3.64
N THR D 129 34.38 -7.16 4.01
CA THR D 129 35.26 -7.16 5.19
C THR D 129 34.85 -6.00 6.08
N PHE D 130 34.47 -6.31 7.31
CA PHE D 130 34.06 -5.28 8.26
C PHE D 130 35.28 -4.68 8.95
N GLY D 131 35.04 -3.63 9.73
CA GLY D 131 36.08 -2.96 10.47
C GLY D 131 35.59 -2.47 11.81
N PRO D 132 36.44 -1.76 12.54
CA PRO D 132 36.04 -1.27 13.86
C PRO D 132 34.91 -0.25 13.76
N VAL D 133 34.09 -0.21 14.81
CA VAL D 133 33.00 0.76 14.91
C VAL D 133 33.52 1.99 15.63
N HIS D 134 33.37 3.16 15.01
CA HIS D 134 33.84 4.41 15.57
C HIS D 134 32.63 5.24 16.01
N PHE D 135 32.62 5.64 17.28
CA PHE D 135 31.49 6.37 17.86
C PHE D 135 31.80 7.86 17.83
N ARG D 136 31.10 8.58 16.96
CA ARG D 136 31.22 10.03 16.90
C ARG D 136 30.01 10.57 16.14
N ASN D 137 29.63 11.81 16.45
CA ASN D 137 28.45 12.39 15.83
C ASN D 137 28.62 12.41 14.32
N GLN D 138 27.60 11.94 13.61
CA GLN D 138 27.59 11.89 12.15
C GLN D 138 26.72 13.02 11.62
N VAL D 139 27.29 13.84 10.74
CA VAL D 139 26.55 14.94 10.12
C VAL D 139 25.91 14.37 8.86
N LYS D 140 24.70 13.82 9.03
CA LYS D 140 23.95 13.27 7.91
C LYS D 140 23.36 14.41 7.11
N ILE D 141 23.80 14.55 5.85
CA ILE D 141 23.26 15.56 4.96
C ILE D 141 22.54 14.83 3.83
N ARG D 142 21.42 15.41 3.40
CA ARG D 142 20.55 14.75 2.45
C ARG D 142 20.99 15.05 1.01
N ARG D 143 21.11 14.00 0.22
CA ARG D 143 21.64 14.09 -1.14
C ARG D 143 20.89 13.13 -2.04
N ARG D 144 20.89 13.45 -3.34
CA ARG D 144 20.33 12.57 -4.35
C ARG D 144 21.38 11.58 -4.81
N VAL D 145 21.10 10.28 -4.67
CA VAL D 145 22.06 9.24 -5.00
C VAL D 145 21.36 8.12 -5.77
N ASP D 146 22.14 7.38 -6.55
CA ASP D 146 21.62 6.25 -7.31
C ASP D 146 21.69 4.99 -6.45
N ILE D 147 20.57 4.28 -6.35
CA ILE D 147 20.54 3.10 -5.49
C ILE D 147 20.93 1.85 -6.27
N ASN D 148 20.53 1.76 -7.53
CA ASN D 148 20.79 0.56 -8.30
C ASN D 148 22.26 0.50 -8.67
N PRO D 149 23.00 -0.54 -8.24
CA PRO D 149 24.44 -0.58 -8.53
C PRO D 149 24.80 -1.25 -9.85
N GLY D 150 23.82 -1.69 -10.63
CA GLY D 150 24.10 -2.36 -11.88
C GLY D 150 23.49 -1.67 -13.08
N HIS D 151 23.00 -0.45 -12.90
CA HIS D 151 22.41 0.29 -14.00
C HIS D 151 23.42 0.46 -15.12
N ALA D 152 22.98 0.17 -16.34
CA ALA D 152 23.85 0.19 -17.51
C ALA D 152 23.87 1.56 -18.20
N ASP D 153 23.57 2.63 -17.48
CA ASP D 153 23.54 3.98 -18.03
C ASP D 153 22.38 4.13 -19.03
N LEU D 154 21.23 3.57 -18.69
CA LEU D 154 20.04 3.64 -19.53
C LEU D 154 18.85 4.11 -18.69
N SER D 155 17.96 4.86 -19.34
CA SER D 155 16.72 5.29 -18.70
C SER D 155 15.66 4.20 -18.84
N ALA D 156 14.47 4.48 -18.33
CA ALA D 156 13.38 3.51 -18.42
C ALA D 156 13.01 3.24 -19.87
N LYS D 157 12.59 4.27 -20.59
CA LYS D 157 12.23 4.09 -21.99
C LYS D 157 13.43 3.65 -22.82
N GLU D 158 14.61 4.19 -22.51
CA GLU D 158 15.80 3.86 -23.30
C GLU D 158 16.10 2.37 -23.26
N ALA D 159 15.95 1.74 -22.10
CA ALA D 159 16.19 0.32 -21.96
C ALA D 159 14.96 -0.53 -22.24
N GLN D 160 13.77 0.07 -22.33
CA GLN D 160 12.57 -0.71 -22.58
C GLN D 160 12.62 -1.35 -23.96
N ASP D 161 13.10 -0.62 -24.96
CA ASP D 161 13.25 -1.20 -26.29
C ASP D 161 14.26 -2.34 -26.29
N VAL D 162 15.36 -2.16 -25.56
CA VAL D 162 16.35 -3.22 -25.43
C VAL D 162 15.71 -4.45 -24.81
N ILE D 163 14.91 -4.25 -23.77
CA ILE D 163 14.27 -5.38 -23.08
C ILE D 163 13.32 -6.10 -24.02
N MET D 164 12.51 -5.35 -24.77
CA MET D 164 11.60 -6.01 -25.72
C MET D 164 12.39 -6.82 -26.73
N GLU D 165 13.39 -6.20 -27.36
CA GLU D 165 14.16 -6.92 -28.37
C GLU D 165 14.87 -8.13 -27.79
N VAL D 166 15.19 -8.11 -26.49
CA VAL D 166 15.81 -9.26 -25.86
C VAL D 166 14.79 -10.36 -25.60
N VAL D 167 13.59 -10.00 -25.16
CA VAL D 167 12.56 -10.96 -24.79
C VAL D 167 11.52 -11.12 -25.89
N PHE D 168 10.98 -10.01 -26.39
CA PHE D 168 9.95 -10.03 -27.41
C PHE D 168 10.50 -9.46 -28.71
N PRO D 169 11.33 -10.22 -29.45
CA PRO D 169 11.99 -9.65 -30.63
C PRO D 169 11.04 -9.25 -31.74
N ASN D 170 9.83 -9.81 -31.79
CA ASN D 170 8.92 -9.57 -32.90
C ASN D 170 8.02 -8.36 -32.71
N GLU D 171 7.76 -7.97 -31.47
CA GLU D 171 6.88 -6.84 -31.18
C GLU D 171 7.64 -5.53 -31.05
N VAL D 172 8.92 -5.49 -31.43
CA VAL D 172 9.69 -4.27 -31.33
C VAL D 172 9.09 -3.16 -32.17
N GLY D 173 8.60 -3.49 -33.37
CA GLY D 173 8.02 -2.50 -34.25
C GLY D 173 9.06 -1.72 -35.05
N ALA D 174 8.90 -0.40 -35.10
CA ALA D 174 9.82 0.42 -35.88
C ALA D 174 11.22 0.41 -35.30
N ARG D 175 11.32 0.43 -33.97
CA ARG D 175 12.60 0.69 -33.33
C ARG D 175 13.61 -0.39 -33.68
N ILE D 176 14.80 0.05 -34.11
CA ILE D 176 15.98 -0.79 -34.19
C ILE D 176 17.10 -0.02 -33.48
N LEU D 177 17.65 -0.62 -32.43
CA LEU D 177 18.45 0.15 -31.48
C LEU D 177 19.74 0.61 -32.14
N THR D 178 20.05 1.89 -31.99
CA THR D 178 21.22 2.46 -32.66
C THR D 178 22.48 2.36 -31.80
N SER D 179 22.40 2.76 -30.53
CA SER D 179 23.57 2.76 -29.67
C SER D 179 24.17 1.37 -29.59
N GLU D 180 25.50 1.29 -29.74
CA GLU D 180 26.19 0.01 -29.74
C GLU D 180 26.27 -0.62 -28.36
N SER D 181 26.24 0.19 -27.29
CA SER D 181 26.12 -0.37 -25.95
C SER D 181 24.87 -1.22 -25.85
N GLN D 182 23.75 -0.71 -26.38
CA GLN D 182 22.53 -1.49 -26.42
C GLN D 182 22.70 -2.75 -27.26
N LEU D 183 23.47 -2.65 -28.35
CA LEU D 183 23.73 -3.83 -29.17
C LEU D 183 24.40 -4.93 -28.35
N THR D 184 25.48 -4.58 -27.64
CA THR D 184 26.19 -5.59 -26.86
C THR D 184 25.33 -6.13 -25.73
N ILE D 185 24.55 -5.26 -25.08
CA ILE D 185 23.67 -5.73 -24.01
C ILE D 185 22.65 -6.71 -24.57
N THR D 186 22.05 -6.39 -25.72
CA THR D 186 21.10 -7.31 -26.34
C THR D 186 21.77 -8.64 -26.65
N LYS D 187 22.95 -8.61 -27.24
CA LYS D 187 23.64 -9.85 -27.58
C LYS D 187 23.88 -10.70 -26.34
N GLU D 188 24.42 -10.08 -25.29
CA GLU D 188 24.77 -10.83 -24.09
C GLU D 188 23.53 -11.42 -23.42
N LYS D 189 22.51 -10.58 -23.19
CA LYS D 189 21.32 -11.05 -22.50
C LYS D 189 20.45 -11.93 -23.38
N LYS D 190 20.72 -11.95 -24.69
CA LYS D 190 20.01 -12.87 -25.57
C LYS D 190 20.66 -14.25 -25.51
N GLU D 191 21.97 -14.32 -25.68
CA GLU D 191 22.65 -15.61 -25.63
C GLU D 191 22.61 -16.21 -24.23
N GLU D 192 22.52 -15.36 -23.19
CA GLU D 192 22.53 -15.87 -21.83
C GLU D 192 21.19 -16.50 -21.44
N LEU D 193 20.09 -15.88 -21.87
CA LEU D 193 18.75 -16.31 -21.48
C LEU D 193 18.00 -16.94 -22.66
N GLN D 194 18.70 -17.73 -23.47
CA GLN D 194 18.14 -18.15 -24.75
C GLN D 194 16.99 -19.15 -24.56
N ASP D 195 17.08 -20.02 -23.55
CA ASP D 195 16.05 -21.02 -23.31
C ASP D 195 15.44 -20.93 -21.91
N CYS D 196 15.72 -19.86 -21.16
CA CYS D 196 15.14 -19.75 -19.83
C CYS D 196 13.62 -19.68 -19.92
N LYS D 197 12.95 -20.44 -19.07
CA LYS D 197 11.51 -20.64 -19.14
C LYS D 197 10.82 -20.20 -17.85
N ILE D 198 11.31 -19.15 -17.22
CA ILE D 198 10.70 -18.68 -15.98
C ILE D 198 9.40 -17.98 -16.33
N SER D 199 9.49 -16.84 -17.01
CA SER D 199 8.34 -16.16 -17.59
C SER D 199 8.85 -14.98 -18.40
N PRO D 200 8.24 -14.66 -19.54
CA PRO D 200 8.68 -13.46 -20.26
C PRO D 200 8.50 -12.19 -19.44
N LEU D 201 7.41 -12.10 -18.67
CA LEU D 201 7.13 -10.87 -17.95
C LEU D 201 8.14 -10.64 -16.82
N MET D 202 8.44 -11.68 -16.05
CA MET D 202 9.42 -11.53 -14.96
C MET D 202 10.81 -11.27 -15.51
N VAL D 203 11.17 -11.93 -16.62
CA VAL D 203 12.47 -11.67 -17.23
C VAL D 203 12.56 -10.21 -17.66
N ALA D 204 11.51 -9.69 -18.30
CA ALA D 204 11.51 -8.29 -18.71
C ALA D 204 11.59 -7.37 -17.50
N TYR D 205 10.84 -7.68 -16.43
CA TYR D 205 10.85 -6.82 -15.25
C TYR D 205 12.24 -6.77 -14.62
N MET D 206 12.89 -7.92 -14.49
CA MET D 206 14.21 -7.93 -13.88
C MET D 206 15.26 -7.29 -14.78
N LEU D 207 15.14 -7.45 -16.09
CA LEU D 207 16.04 -6.73 -16.98
C LEU D 207 15.86 -5.23 -16.85
N GLU D 208 14.60 -4.78 -16.74
CA GLU D 208 14.34 -3.36 -16.51
C GLU D 208 14.99 -2.90 -15.22
N ARG D 209 14.83 -3.68 -14.15
CA ARG D 209 15.42 -3.29 -12.87
C ARG D 209 16.94 -3.22 -12.96
N GLU D 210 17.57 -4.20 -13.63
CA GLU D 210 19.02 -4.25 -13.68
C GLU D 210 19.60 -3.13 -14.54
N LEU D 211 19.06 -2.93 -15.74
CA LEU D 211 19.66 -1.99 -16.68
C LEU D 211 19.25 -0.55 -16.42
N VAL D 212 18.00 -0.32 -16.04
CA VAL D 212 17.50 1.05 -15.90
C VAL D 212 18.10 1.68 -14.66
N ARG D 213 18.57 2.92 -14.81
CA ARG D 213 19.08 3.69 -13.69
C ARG D 213 17.92 4.28 -12.89
N LYS D 214 18.05 4.22 -11.56
CA LYS D 214 17.05 4.76 -10.67
C LYS D 214 17.75 5.53 -9.57
N THR D 215 17.13 6.61 -9.12
CA THR D 215 17.75 7.55 -8.20
C THR D 215 16.76 7.94 -7.13
N ARG D 216 17.24 8.15 -5.91
CA ARG D 216 16.40 8.56 -4.80
C ARG D 216 17.19 9.46 -3.87
N PHE D 217 16.46 10.24 -3.10
CA PHE D 217 17.04 11.23 -2.20
C PHE D 217 17.13 10.61 -0.80
N LEU D 218 18.32 10.62 -0.21
CA LEU D 218 18.54 9.92 1.05
C LEU D 218 19.49 10.73 1.92
N PRO D 219 19.40 10.58 3.25
CA PRO D 219 20.38 11.21 4.15
C PRO D 219 21.64 10.36 4.24
N VAL D 220 22.75 10.89 3.72
CA VAL D 220 24.01 10.17 3.65
C VAL D 220 25.07 10.95 4.40
N ALA D 221 26.11 10.22 4.82
CA ALA D 221 27.31 10.81 5.42
C ALA D 221 28.50 10.00 4.93
N GLY D 222 29.24 10.55 3.97
CA GLY D 222 30.29 9.80 3.32
C GLY D 222 29.74 8.89 2.23
N GLY D 223 30.52 7.86 1.91
CA GLY D 223 30.09 6.90 0.91
C GLY D 223 29.80 7.54 -0.44
N THR D 224 28.52 7.64 -0.78
CA THR D 224 28.00 8.24 -2.01
C THR D 224 28.16 7.31 -3.21
N SER D 225 28.83 6.17 -3.05
CA SER D 225 28.97 5.21 -4.14
C SER D 225 27.76 4.28 -4.19
N SER D 226 27.50 3.74 -5.39
CA SER D 226 26.34 2.87 -5.56
C SER D 226 26.45 1.63 -4.67
N VAL D 227 27.62 1.01 -4.64
CA VAL D 227 27.80 -0.18 -3.80
C VAL D 227 27.76 0.16 -2.33
N TYR D 228 28.14 1.38 -1.94
CA TYR D 228 28.15 1.79 -0.55
C TYR D 228 26.79 2.33 -0.08
N ILE D 229 25.84 2.50 -0.98
CA ILE D 229 24.52 3.01 -0.60
C ILE D 229 23.55 1.87 -0.27
N GLU D 230 23.70 0.71 -0.90
CA GLU D 230 22.82 -0.40 -0.60
C GLU D 230 23.00 -0.87 0.84
N VAL D 231 24.19 -0.71 1.40
CA VAL D 231 24.46 -1.05 2.79
C VAL D 231 24.50 0.19 3.67
N LEU D 232 23.85 1.27 3.23
CA LEU D 232 23.85 2.51 4.01
C LEU D 232 23.23 2.30 5.40
N HIS D 233 22.35 1.32 5.55
CA HIS D 233 21.77 1.04 6.85
C HIS D 233 22.77 0.40 7.80
N LEU D 234 23.79 -0.27 7.27
CA LEU D 234 24.75 -1.00 8.09
C LEU D 234 26.04 -0.22 8.37
N THR D 235 26.38 0.75 7.53
CA THR D 235 27.62 1.49 7.66
C THR D 235 27.48 2.82 8.38
N GLN D 236 26.31 3.45 8.31
CA GLN D 236 26.10 4.77 8.89
C GLN D 236 24.93 4.74 9.86
N GLY D 237 25.11 5.39 11.01
CA GLY D 237 24.07 5.48 12.01
C GLY D 237 23.95 6.87 12.61
N THR D 238 23.26 6.97 13.75
CA THR D 238 23.08 8.26 14.39
C THR D 238 24.36 8.73 15.08
N CYS D 239 25.07 7.82 15.75
CA CYS D 239 26.28 8.17 16.48
C CYS D 239 27.39 7.16 16.29
N TRP D 240 27.31 6.32 15.26
CA TRP D 240 28.32 5.28 15.04
C TRP D 240 28.54 5.10 13.55
N GLU D 241 29.78 4.83 13.18
CA GLU D 241 30.17 4.54 11.82
C GLU D 241 30.86 3.19 11.78
N GLN D 242 30.44 2.35 10.84
CA GLN D 242 30.95 0.99 10.68
C GLN D 242 31.66 0.91 9.33
N MET D 243 32.99 0.91 9.35
CA MET D 243 33.75 0.82 8.12
C MET D 243 33.47 -0.50 7.42
N TYR D 244 33.21 -0.44 6.12
CA TYR D 244 32.84 -1.62 5.35
C TYR D 244 33.39 -1.48 3.94
N THR D 245 33.76 -2.61 3.35
CA THR D 245 34.29 -2.67 1.99
C THR D 245 33.64 -3.85 1.28
N PRO D 246 32.65 -3.61 0.41
CA PRO D 246 31.98 -4.72 -0.28
C PRO D 246 32.96 -5.63 -1.01
N GLY D 247 32.50 -6.83 -1.38
CA GLY D 247 33.38 -7.79 -2.02
C GLY D 247 33.87 -7.35 -3.38
N GLY D 248 33.10 -6.48 -4.05
CA GLY D 248 33.51 -6.03 -5.37
C GLY D 248 34.86 -5.34 -5.38
N GLU D 249 35.11 -4.51 -4.38
CA GLU D 249 36.37 -3.77 -4.28
C GLU D 249 37.41 -4.61 -3.53
#